data_3U23
# 
_entry.id   3U23 
# 
_audit_conform.dict_name       mmcif_pdbx.dic 
_audit_conform.dict_version    5.398 
_audit_conform.dict_location   http://mmcif.pdb.org/dictionaries/ascii/mmcif_pdbx.dic 
# 
loop_
_database_2.database_id 
_database_2.database_code 
_database_2.pdbx_database_accession 
_database_2.pdbx_DOI 
PDB   3U23         pdb_00003u23 10.2210/pdb3u23/pdb 
RCSB  RCSB068208   ?            ?                   
WWPDB D_1000068208 ?            ?                   
# 
loop_
_pdbx_audit_revision_history.ordinal 
_pdbx_audit_revision_history.data_content_type 
_pdbx_audit_revision_history.major_revision 
_pdbx_audit_revision_history.minor_revision 
_pdbx_audit_revision_history.revision_date 
1 'Structure model' 1 0 2011-12-28 
2 'Structure model' 1 1 2012-12-05 
3 'Structure model' 1 2 2016-03-09 
4 'Structure model' 1 3 2017-11-08 
5 'Structure model' 1 4 2023-09-13 
6 'Structure model' 1 5 2024-11-06 
# 
_pdbx_audit_revision_details.ordinal             1 
_pdbx_audit_revision_details.revision_ordinal    1 
_pdbx_audit_revision_details.data_content_type   'Structure model' 
_pdbx_audit_revision_details.provider            repository 
_pdbx_audit_revision_details.type                'Initial release' 
_pdbx_audit_revision_details.description         ? 
_pdbx_audit_revision_details.details             ? 
# 
loop_
_pdbx_audit_revision_group.ordinal 
_pdbx_audit_revision_group.revision_ordinal 
_pdbx_audit_revision_group.data_content_type 
_pdbx_audit_revision_group.group 
1 2 'Structure model' Other                    
2 3 'Structure model' 'Database references'    
3 4 'Structure model' 'Refinement description' 
4 5 'Structure model' 'Data collection'        
5 5 'Structure model' 'Database references'    
6 5 'Structure model' 'Derived calculations'   
7 5 'Structure model' 'Refinement description' 
8 6 'Structure model' 'Structure summary'      
# 
loop_
_pdbx_audit_revision_category.ordinal 
_pdbx_audit_revision_category.revision_ordinal 
_pdbx_audit_revision_category.data_content_type 
_pdbx_audit_revision_category.category 
1  4 'Structure model' software                      
2  5 'Structure model' chem_comp_atom                
3  5 'Structure model' chem_comp_bond                
4  5 'Structure model' database_2                    
5  5 'Structure model' pdbx_initial_refinement_model 
6  5 'Structure model' struct_conn                   
7  5 'Structure model' struct_ref_seq_dif            
8  5 'Structure model' struct_site                   
9  6 'Structure model' pdbx_entry_details            
10 6 'Structure model' pdbx_modification_feature     
# 
loop_
_pdbx_audit_revision_item.ordinal 
_pdbx_audit_revision_item.revision_ordinal 
_pdbx_audit_revision_item.data_content_type 
_pdbx_audit_revision_item.item 
1 5 'Structure model' '_database_2.pdbx_DOI'                
2 5 'Structure model' '_database_2.pdbx_database_accession' 
3 5 'Structure model' '_struct_conn.pdbx_leaving_atom_flag' 
4 5 'Structure model' '_struct_ref_seq_dif.details'         
5 5 'Structure model' '_struct_site.pdbx_auth_asym_id'      
6 5 'Structure model' '_struct_site.pdbx_auth_comp_id'      
7 5 'Structure model' '_struct_site.pdbx_auth_seq_id'       
# 
_pdbx_database_status.status_code                     REL 
_pdbx_database_status.entry_id                        3U23 
_pdbx_database_status.recvd_initial_deposition_date   2011-09-30 
_pdbx_database_status.deposit_site                    RCSB 
_pdbx_database_status.process_site                    RCSB 
_pdbx_database_status.status_code_sf                  REL 
_pdbx_database_status.status_code_mr                  ? 
_pdbx_database_status.SG_entry                        Y 
_pdbx_database_status.status_code_cs                  ? 
_pdbx_database_status.methods_development_category    ? 
_pdbx_database_status.pdb_format_compatible           Y 
_pdbx_database_status.status_code_nmr_data            ? 
# 
loop_
_pdbx_database_related.db_name 
_pdbx_database_related.db_id 
_pdbx_database_related.details 
_pdbx_database_related.content_type 
PDB 2FEI . unspecified 
PDB 2KRN . unspecified 
PDB 4WCI . unspecified 
# 
loop_
_audit_author.name 
_audit_author.pdbx_ordinal 
'Simister, P.C.'                       1  
'Rouka, E.'                            2  
'Janning, M.'                          3  
'Muniz, J.R.C.'                        4  
'Kirsch, K.H.'                         5  
'Knapp, S.'                            6  
'von Delft, F.'                        7  
'Filippakopoulos, P.'                  8  
'Arrowsmith, C.H.'                     9  
'Krojer, T.'                           10 
'Edwards, A.M.'                        11 
'Weigelt, J.'                          12 
'Bountra, C.'                          13 
'Feller, S.M.'                         14 
'Structural Genomics Consortium (SGC)' 15 
# 
_citation.id                        primary 
_citation.title                     
;Differential Recognition Preferences of the Three Src Homology 3 (SH3) Domains from the Adaptor CD2-associated Protein (CD2AP) and Direct Association with Ras and Rab Interactor 3 (RIN3).
;
_citation.journal_abbrev            J.Biol.Chem. 
_citation.journal_volume            290 
_citation.page_first                25275 
_citation.page_last                 25292 
_citation.year                      2015 
_citation.journal_id_ASTM           JBCHA3 
_citation.country                   US 
_citation.journal_id_ISSN           0021-9258 
_citation.journal_id_CSD            0071 
_citation.book_publisher            ? 
_citation.pdbx_database_id_PubMed   26296892 
_citation.pdbx_database_id_DOI      10.1074/jbc.M115.637207 
# 
loop_
_citation_author.citation_id 
_citation_author.name 
_citation_author.ordinal 
_citation_author.identifier_ORCID 
primary 'Rouka, E.'        1  ? 
primary 'Simister, P.C.'   2  ? 
primary 'Janning, M.'      3  ? 
primary 'Kumbrink, J.'     4  ? 
primary 'Konstantinou, T.' 5  ? 
primary 'Muniz, J.R.'      6  ? 
primary 'Joshi, D.'        7  ? 
primary 
;O'Reilly, N.
;
8  ? 
primary 'Volkmer, R.'      9  ? 
primary 'Ritter, B.'       10 ? 
primary 'Knapp, S.'        11 ? 
primary 'von Delft, F.'    12 ? 
primary 'Kirsch, K.H.'     13 ? 
primary 'Feller, S.M.'     14 ? 
# 
loop_
_entity.id 
_entity.type 
_entity.src_method 
_entity.pdbx_description 
_entity.formula_weight 
_entity.pdbx_number_of_molecules 
_entity.pdbx_ec 
_entity.pdbx_mutation 
_entity.pdbx_fragment 
_entity.details 
1 polymer     man 'CD2-associated protein'   7444.361 1  ? ? 'unp residues 109-168' ? 
2 polymer     syn 'Ras and Rab interactor 3' 1803.201 1  ? ? 'unp residues 452-467' ? 
3 non-polymer syn 1,2-ETHANEDIOL             62.068   1  ? ? ?                      ? 
4 water       nat water                      18.015   86 ? ? ?                      ? 
# 
loop_
_entity_name_com.entity_id 
_entity_name_com.name 
1 'Adapter protein CMS, Cas ligand with multiple SH3 domains' 
2 'Ras interaction/interference protein 3'                    
# 
loop_
_entity_poly.entity_id 
_entity_poly.type 
_entity_poly.nstd_linkage 
_entity_poly.nstd_monomer 
_entity_poly.pdbx_seq_one_letter_code 
_entity_poly.pdbx_seq_one_letter_code_can 
_entity_poly.pdbx_strand_id 
_entity_poly.pdbx_target_identifier 
1 'polypeptide(L)' no no  GPLGSKKRQCKVLFEYIPQNEDELELKVGDIIDINEEVEEGWWSGTLNNKLGLFPSNFVKELEVT 
GPLGSKKRQCKVLFEYIPQNEDELELKVGDIIDINEEVEEGWWSGTLNNKLGLFPSNFVKELEVT A ? 
2 'polypeptide(L)' no yes 'TAKQPPVPPPRKKRIS(NH2)'                                           TAKQPPVPPPRKKRISX B ? 
# 
loop_
_pdbx_entity_nonpoly.entity_id 
_pdbx_entity_nonpoly.name 
_pdbx_entity_nonpoly.comp_id 
3 1,2-ETHANEDIOL EDO 
4 water          HOH 
# 
loop_
_entity_poly_seq.entity_id 
_entity_poly_seq.num 
_entity_poly_seq.mon_id 
_entity_poly_seq.hetero 
1 1  GLY n 
1 2  PRO n 
1 3  LEU n 
1 4  GLY n 
1 5  SER n 
1 6  LYS n 
1 7  LYS n 
1 8  ARG n 
1 9  GLN n 
1 10 CYS n 
1 11 LYS n 
1 12 VAL n 
1 13 LEU n 
1 14 PHE n 
1 15 GLU n 
1 16 TYR n 
1 17 ILE n 
1 18 PRO n 
1 19 GLN n 
1 20 ASN n 
1 21 GLU n 
1 22 ASP n 
1 23 GLU n 
1 24 LEU n 
1 25 GLU n 
1 26 LEU n 
1 27 LYS n 
1 28 VAL n 
1 29 GLY n 
1 30 ASP n 
1 31 ILE n 
1 32 ILE n 
1 33 ASP n 
1 34 ILE n 
1 35 ASN n 
1 36 GLU n 
1 37 GLU n 
1 38 VAL n 
1 39 GLU n 
1 40 GLU n 
1 41 GLY n 
1 42 TRP n 
1 43 TRP n 
1 44 SER n 
1 45 GLY n 
1 46 THR n 
1 47 LEU n 
1 48 ASN n 
1 49 ASN n 
1 50 LYS n 
1 51 LEU n 
1 52 GLY n 
1 53 LEU n 
1 54 PHE n 
1 55 PRO n 
1 56 SER n 
1 57 ASN n 
1 58 PHE n 
1 59 VAL n 
1 60 LYS n 
1 61 GLU n 
1 62 LEU n 
1 63 GLU n 
1 64 VAL n 
1 65 THR n 
2 1  THR n 
2 2  ALA n 
2 3  LYS n 
2 4  GLN n 
2 5  PRO n 
2 6  PRO n 
2 7  VAL n 
2 8  PRO n 
2 9  PRO n 
2 10 PRO n 
2 11 ARG n 
2 12 LYS n 
2 13 LYS n 
2 14 ARG n 
2 15 ILE n 
2 16 SER n 
2 17 NH2 n 
# 
_entity_src_gen.entity_id                          1 
_entity_src_gen.pdbx_src_id                        1 
_entity_src_gen.pdbx_alt_source_flag               sample 
_entity_src_gen.pdbx_seq_type                      ? 
_entity_src_gen.pdbx_beg_seq_num                   ? 
_entity_src_gen.pdbx_end_seq_num                   ? 
_entity_src_gen.gene_src_common_name               human 
_entity_src_gen.gene_src_genus                     ? 
_entity_src_gen.pdbx_gene_src_gene                 CD2AP 
_entity_src_gen.gene_src_species                   ? 
_entity_src_gen.gene_src_strain                    ? 
_entity_src_gen.gene_src_tissue                    ? 
_entity_src_gen.gene_src_tissue_fraction           ? 
_entity_src_gen.gene_src_details                   ? 
_entity_src_gen.pdbx_gene_src_fragment             ? 
_entity_src_gen.pdbx_gene_src_scientific_name      'Homo sapiens' 
_entity_src_gen.pdbx_gene_src_ncbi_taxonomy_id     9606 
_entity_src_gen.pdbx_gene_src_variant              ? 
_entity_src_gen.pdbx_gene_src_cell_line            ? 
_entity_src_gen.pdbx_gene_src_atcc                 ? 
_entity_src_gen.pdbx_gene_src_organ                ? 
_entity_src_gen.pdbx_gene_src_organelle            ? 
_entity_src_gen.pdbx_gene_src_cell                 ? 
_entity_src_gen.pdbx_gene_src_cellular_location    ? 
_entity_src_gen.host_org_common_name               ? 
_entity_src_gen.pdbx_host_org_scientific_name      'Escherichia coli' 
_entity_src_gen.pdbx_host_org_ncbi_taxonomy_id     562 
_entity_src_gen.host_org_genus                     ? 
_entity_src_gen.pdbx_host_org_gene                 ? 
_entity_src_gen.pdbx_host_org_organ                ? 
_entity_src_gen.host_org_species                   ? 
_entity_src_gen.pdbx_host_org_tissue               ? 
_entity_src_gen.pdbx_host_org_tissue_fraction      ? 
_entity_src_gen.pdbx_host_org_strain               ? 
_entity_src_gen.pdbx_host_org_variant              ? 
_entity_src_gen.pdbx_host_org_cell_line            ? 
_entity_src_gen.pdbx_host_org_atcc                 ? 
_entity_src_gen.pdbx_host_org_culture_collection   ? 
_entity_src_gen.pdbx_host_org_cell                 ? 
_entity_src_gen.pdbx_host_org_organelle            ? 
_entity_src_gen.pdbx_host_org_cellular_location    ? 
_entity_src_gen.pdbx_host_org_vector_type          ? 
_entity_src_gen.pdbx_host_org_vector               ? 
_entity_src_gen.host_org_details                   ? 
_entity_src_gen.expression_system_id               ? 
_entity_src_gen.plasmid_name                       ? 
_entity_src_gen.plasmid_details                    ? 
_entity_src_gen.pdbx_description                   ? 
# 
_pdbx_entity_src_syn.entity_id              2 
_pdbx_entity_src_syn.pdbx_src_id            1 
_pdbx_entity_src_syn.pdbx_alt_source_flag   sample 
_pdbx_entity_src_syn.pdbx_beg_seq_num       ? 
_pdbx_entity_src_syn.pdbx_end_seq_num       ? 
_pdbx_entity_src_syn.organism_scientific    'Homo sapiens' 
_pdbx_entity_src_syn.organism_common_name   human 
_pdbx_entity_src_syn.ncbi_taxonomy_id       9606 
_pdbx_entity_src_syn.details                'Synthesised peptide' 
# 
loop_
_chem_comp.id 
_chem_comp.type 
_chem_comp.mon_nstd_flag 
_chem_comp.name 
_chem_comp.pdbx_synonyms 
_chem_comp.formula 
_chem_comp.formula_weight 
ALA 'L-peptide linking' y ALANINE         ?                 'C3 H7 N O2'     89.093  
ARG 'L-peptide linking' y ARGININE        ?                 'C6 H15 N4 O2 1' 175.209 
ASN 'L-peptide linking' y ASPARAGINE      ?                 'C4 H8 N2 O3'    132.118 
ASP 'L-peptide linking' y 'ASPARTIC ACID' ?                 'C4 H7 N O4'     133.103 
CYS 'L-peptide linking' y CYSTEINE        ?                 'C3 H7 N O2 S'   121.158 
EDO non-polymer         . 1,2-ETHANEDIOL  'ETHYLENE GLYCOL' 'C2 H6 O2'       62.068  
GLN 'L-peptide linking' y GLUTAMINE       ?                 'C5 H10 N2 O3'   146.144 
GLU 'L-peptide linking' y 'GLUTAMIC ACID' ?                 'C5 H9 N O4'     147.129 
GLY 'peptide linking'   y GLYCINE         ?                 'C2 H5 N O2'     75.067  
HOH non-polymer         . WATER           ?                 'H2 O'           18.015  
ILE 'L-peptide linking' y ISOLEUCINE      ?                 'C6 H13 N O2'    131.173 
LEU 'L-peptide linking' y LEUCINE         ?                 'C6 H13 N O2'    131.173 
LYS 'L-peptide linking' y LYSINE          ?                 'C6 H15 N2 O2 1' 147.195 
NH2 non-polymer         . 'AMINO GROUP'   ?                 'H2 N'           16.023  
PHE 'L-peptide linking' y PHENYLALANINE   ?                 'C9 H11 N O2'    165.189 
PRO 'L-peptide linking' y PROLINE         ?                 'C5 H9 N O2'     115.130 
SER 'L-peptide linking' y SERINE          ?                 'C3 H7 N O3'     105.093 
THR 'L-peptide linking' y THREONINE       ?                 'C4 H9 N O3'     119.119 
TRP 'L-peptide linking' y TRYPTOPHAN      ?                 'C11 H12 N2 O2'  204.225 
TYR 'L-peptide linking' y TYROSINE        ?                 'C9 H11 N O3'    181.189 
VAL 'L-peptide linking' y VALINE          ?                 'C5 H11 N O2'    117.146 
# 
loop_
_pdbx_poly_seq_scheme.asym_id 
_pdbx_poly_seq_scheme.entity_id 
_pdbx_poly_seq_scheme.seq_id 
_pdbx_poly_seq_scheme.mon_id 
_pdbx_poly_seq_scheme.ndb_seq_num 
_pdbx_poly_seq_scheme.pdb_seq_num 
_pdbx_poly_seq_scheme.auth_seq_num 
_pdbx_poly_seq_scheme.pdb_mon_id 
_pdbx_poly_seq_scheme.auth_mon_id 
_pdbx_poly_seq_scheme.pdb_strand_id 
_pdbx_poly_seq_scheme.pdb_ins_code 
_pdbx_poly_seq_scheme.hetero 
A 1 1  GLY 1  104 ?   ?   ?   A . n 
A 1 2  PRO 2  105 ?   ?   ?   A . n 
A 1 3  LEU 3  106 ?   ?   ?   A . n 
A 1 4  GLY 4  107 ?   ?   ?   A . n 
A 1 5  SER 5  108 ?   ?   ?   A . n 
A 1 6  LYS 6  109 ?   ?   ?   A . n 
A 1 7  LYS 7  110 ?   ?   ?   A . n 
A 1 8  ARG 8  111 111 ARG ARG A . n 
A 1 9  GLN 9  112 112 GLN GLN A . n 
A 1 10 CYS 10 113 113 CYS CYS A . n 
A 1 11 LYS 11 114 114 LYS LYS A . n 
A 1 12 VAL 12 115 115 VAL VAL A . n 
A 1 13 LEU 13 116 116 LEU LEU A . n 
A 1 14 PHE 14 117 117 PHE PHE A . n 
A 1 15 GLU 15 118 118 GLU GLU A . n 
A 1 16 TYR 16 119 119 TYR TYR A . n 
A 1 17 ILE 17 120 120 ILE ILE A . n 
A 1 18 PRO 18 121 121 PRO PRO A . n 
A 1 19 GLN 19 122 122 GLN GLN A . n 
A 1 20 ASN 20 123 123 ASN ASN A . n 
A 1 21 GLU 21 124 124 GLU GLU A . n 
A 1 22 ASP 22 125 125 ASP ASP A . n 
A 1 23 GLU 23 126 126 GLU GLU A . n 
A 1 24 LEU 24 127 127 LEU LEU A . n 
A 1 25 GLU 25 128 128 GLU GLU A . n 
A 1 26 LEU 26 129 129 LEU LEU A . n 
A 1 27 LYS 27 130 130 LYS LYS A . n 
A 1 28 VAL 28 131 131 VAL VAL A . n 
A 1 29 GLY 29 132 132 GLY GLY A . n 
A 1 30 ASP 30 133 133 ASP ASP A . n 
A 1 31 ILE 31 134 134 ILE ILE A . n 
A 1 32 ILE 32 135 135 ILE ILE A . n 
A 1 33 ASP 33 136 136 ASP ASP A . n 
A 1 34 ILE 34 137 137 ILE ILE A . n 
A 1 35 ASN 35 138 138 ASN ASN A . n 
A 1 36 GLU 36 139 139 GLU GLU A . n 
A 1 37 GLU 37 140 140 GLU GLU A . n 
A 1 38 VAL 38 141 141 VAL VAL A . n 
A 1 39 GLU 39 142 142 GLU GLU A . n 
A 1 40 GLU 40 143 143 GLU GLU A . n 
A 1 41 GLY 41 144 144 GLY GLY A . n 
A 1 42 TRP 42 145 145 TRP TRP A . n 
A 1 43 TRP 43 146 146 TRP TRP A . n 
A 1 44 SER 44 147 147 SER SER A . n 
A 1 45 GLY 45 148 148 GLY GLY A . n 
A 1 46 THR 46 149 149 THR THR A . n 
A 1 47 LEU 47 150 150 LEU LEU A . n 
A 1 48 ASN 48 151 151 ASN ASN A . n 
A 1 49 ASN 49 152 152 ASN ASN A . n 
A 1 50 LYS 50 153 153 LYS LYS A . n 
A 1 51 LEU 51 154 154 LEU LEU A . n 
A 1 52 GLY 52 155 155 GLY GLY A . n 
A 1 53 LEU 53 156 156 LEU LEU A . n 
A 1 54 PHE 54 157 157 PHE PHE A . n 
A 1 55 PRO 55 158 158 PRO PRO A . n 
A 1 56 SER 56 159 159 SER SER A . n 
A 1 57 ASN 57 160 160 ASN ASN A . n 
A 1 58 PHE 58 161 161 PHE PHE A . n 
A 1 59 VAL 59 162 162 VAL VAL A . n 
A 1 60 LYS 60 163 163 LYS LYS A . n 
A 1 61 GLU 61 164 164 GLU GLU A . n 
A 1 62 LEU 62 165 165 LEU LEU A . n 
A 1 63 GLU 63 166 166 GLU GLU A . n 
A 1 64 VAL 64 167 ?   ?   ?   A . n 
A 1 65 THR 65 168 ?   ?   ?   A . n 
B 2 1  THR 1  452 ?   ?   ?   B . n 
B 2 2  ALA 2  453 ?   ?   ?   B . n 
B 2 3  LYS 3  454 ?   ?   ?   B . n 
B 2 4  GLN 4  455 455 GLN GLN B . n 
B 2 5  PRO 5  456 456 PRO PRO B . n 
B 2 6  PRO 6  457 457 PRO PRO B . n 
B 2 7  VAL 7  458 458 VAL VAL B . n 
B 2 8  PRO 8  459 459 PRO PRO B . n 
B 2 9  PRO 9  460 460 PRO PRO B . n 
B 2 10 PRO 10 461 461 PRO PRO B . n 
B 2 11 ARG 11 462 462 ARG ARG B . n 
B 2 12 LYS 12 463 463 LYS LYS B . n 
B 2 13 LYS 13 464 464 LYS LYS B . n 
B 2 14 ARG 14 465 465 ARG ARG B . n 
B 2 15 ILE 15 466 466 ILE ILE B . n 
B 2 16 SER 16 467 467 SER SER B . n 
B 2 17 NH2 17 468 468 NH2 NH2 B . n 
# 
loop_
_pdbx_nonpoly_scheme.asym_id 
_pdbx_nonpoly_scheme.entity_id 
_pdbx_nonpoly_scheme.mon_id 
_pdbx_nonpoly_scheme.ndb_seq_num 
_pdbx_nonpoly_scheme.pdb_seq_num 
_pdbx_nonpoly_scheme.auth_seq_num 
_pdbx_nonpoly_scheme.pdb_mon_id 
_pdbx_nonpoly_scheme.auth_mon_id 
_pdbx_nonpoly_scheme.pdb_strand_id 
_pdbx_nonpoly_scheme.pdb_ins_code 
C 3 EDO 1  1   1   EDO EDO A . 
D 4 HOH 1  2   2   HOH HOH A . 
D 4 HOH 2  3   3   HOH HOH A . 
D 4 HOH 3  4   4   HOH HOH A . 
D 4 HOH 4  5   5   HOH HOH A . 
D 4 HOH 5  6   6   HOH HOH A . 
D 4 HOH 6  7   7   HOH HOH A . 
D 4 HOH 7  9   9   HOH HOH A . 
D 4 HOH 8  10  10  HOH HOH A . 
D 4 HOH 9  12  12  HOH HOH A . 
D 4 HOH 10 13  13  HOH HOH A . 
D 4 HOH 11 14  14  HOH HOH A . 
D 4 HOH 12 15  15  HOH HOH A . 
D 4 HOH 13 16  16  HOH HOH A . 
D 4 HOH 14 17  17  HOH HOH A . 
D 4 HOH 15 18  18  HOH HOH A . 
D 4 HOH 16 22  22  HOH HOH A . 
D 4 HOH 17 24  24  HOH HOH A . 
D 4 HOH 18 25  25  HOH HOH A . 
D 4 HOH 19 26  26  HOH HOH A . 
D 4 HOH 20 27  27  HOH HOH A . 
D 4 HOH 21 32  32  HOH HOH A . 
D 4 HOH 22 34  34  HOH HOH A . 
D 4 HOH 23 35  35  HOH HOH A . 
D 4 HOH 24 37  37  HOH HOH A . 
D 4 HOH 25 39  39  HOH HOH A . 
D 4 HOH 26 40  40  HOH HOH A . 
D 4 HOH 27 41  41  HOH HOH A . 
D 4 HOH 28 43  43  HOH HOH A . 
D 4 HOH 29 46  46  HOH HOH A . 
D 4 HOH 30 47  47  HOH HOH A . 
D 4 HOH 31 48  48  HOH HOH A . 
D 4 HOH 32 49  49  HOH HOH A . 
D 4 HOH 33 53  53  HOH HOH A . 
D 4 HOH 34 54  54  HOH HOH A . 
D 4 HOH 35 55  55  HOH HOH A . 
D 4 HOH 36 57  57  HOH HOH A . 
D 4 HOH 37 58  58  HOH HOH A . 
D 4 HOH 38 59  59  HOH HOH A . 
D 4 HOH 39 60  60  HOH HOH A . 
D 4 HOH 40 61  61  HOH HOH A . 
D 4 HOH 41 62  62  HOH HOH A . 
D 4 HOH 42 63  63  HOH HOH A . 
D 4 HOH 43 65  65  HOH HOH A . 
D 4 HOH 44 66  66  HOH HOH A . 
D 4 HOH 45 70  70  HOH HOH A . 
D 4 HOH 46 72  72  HOH HOH A . 
D 4 HOH 47 74  74  HOH HOH A . 
D 4 HOH 48 75  75  HOH HOH A . 
D 4 HOH 49 76  76  HOH HOH A . 
D 4 HOH 50 77  77  HOH HOH A . 
D 4 HOH 51 80  80  HOH HOH A . 
D 4 HOH 52 83  83  HOH HOH A . 
D 4 HOH 53 84  84  HOH HOH A . 
D 4 HOH 54 85  85  HOH HOH A . 
D 4 HOH 55 86  86  HOH HOH A . 
D 4 HOH 56 87  87  HOH HOH A . 
D 4 HOH 57 88  88  HOH HOH A . 
D 4 HOH 58 89  89  HOH HOH A . 
D 4 HOH 59 90  90  HOH HOH A . 
D 4 HOH 60 91  91  HOH HOH A . 
D 4 HOH 61 92  92  HOH HOH A . 
D 4 HOH 62 93  93  HOH HOH A . 
D 4 HOH 63 94  94  HOH HOH A . 
D 4 HOH 64 96  96  HOH HOH A . 
D 4 HOH 65 97  97  HOH HOH A . 
D 4 HOH 66 98  98  HOH HOH A . 
D 4 HOH 67 99  99  HOH HOH A . 
D 4 HOH 68 100 100 HOH HOH A . 
E 4 HOH 1  1   1   HOH HOH B . 
E 4 HOH 2  8   8   HOH HOH B . 
E 4 HOH 3  11  11  HOH HOH B . 
E 4 HOH 4  19  19  HOH HOH B . 
E 4 HOH 5  21  21  HOH HOH B . 
E 4 HOH 6  23  23  HOH HOH B . 
E 4 HOH 7  28  28  HOH HOH B . 
E 4 HOH 8  30  30  HOH HOH B . 
E 4 HOH 9  36  36  HOH HOH B . 
E 4 HOH 10 38  38  HOH HOH B . 
E 4 HOH 11 42  42  HOH HOH B . 
E 4 HOH 12 45  45  HOH HOH B . 
E 4 HOH 13 51  51  HOH HOH B . 
E 4 HOH 14 68  68  HOH HOH B . 
E 4 HOH 15 69  69  HOH HOH B . 
E 4 HOH 16 71  71  HOH HOH B . 
E 4 HOH 17 78  78  HOH HOH B . 
E 4 HOH 18 95  95  HOH HOH B . 
# 
loop_
_pdbx_unobs_or_zero_occ_atoms.id 
_pdbx_unobs_or_zero_occ_atoms.PDB_model_num 
_pdbx_unobs_or_zero_occ_atoms.polymer_flag 
_pdbx_unobs_or_zero_occ_atoms.occupancy_flag 
_pdbx_unobs_or_zero_occ_atoms.auth_asym_id 
_pdbx_unobs_or_zero_occ_atoms.auth_comp_id 
_pdbx_unobs_or_zero_occ_atoms.auth_seq_id 
_pdbx_unobs_or_zero_occ_atoms.PDB_ins_code 
_pdbx_unobs_or_zero_occ_atoms.auth_atom_id 
_pdbx_unobs_or_zero_occ_atoms.label_alt_id 
_pdbx_unobs_or_zero_occ_atoms.label_asym_id 
_pdbx_unobs_or_zero_occ_atoms.label_comp_id 
_pdbx_unobs_or_zero_occ_atoms.label_seq_id 
_pdbx_unobs_or_zero_occ_atoms.label_atom_id 
1 1 Y 1 A LYS 153 ? CD  ? A LYS 50 CD  
2 1 Y 1 A LYS 153 ? CE  ? A LYS 50 CE  
3 1 Y 1 A LYS 153 ? NZ  ? A LYS 50 NZ  
4 1 Y 1 B GLN 455 ? CG  ? B GLN 4  CG  
5 1 Y 1 B GLN 455 ? CD  ? B GLN 4  CD  
6 1 Y 1 B GLN 455 ? OE1 ? B GLN 4  OE1 
7 1 Y 1 B GLN 455 ? NE2 ? B GLN 4  NE2 
# 
loop_
_software.name 
_software.classification 
_software.version 
_software.citation_id 
_software.pdbx_ordinal 
PHASER phasing          .        ? 1 
REFMAC refinement       5.5.0102 ? 2 
XDS    'data reduction' .        ? 3 
XSCALE 'data scaling'   .        ? 4 
# 
_cell.entry_id           3U23 
_cell.length_a           53.130 
_cell.length_b           32.040 
_cell.length_c           39.180 
_cell.angle_alpha        90.00 
_cell.angle_beta         92.56 
_cell.angle_gamma        90.00 
_cell.Z_PDB              4 
_cell.pdbx_unique_axis   ? 
_cell.length_a_esd       ? 
_cell.length_b_esd       ? 
_cell.length_c_esd       ? 
_cell.angle_alpha_esd    ? 
_cell.angle_beta_esd     ? 
_cell.angle_gamma_esd    ? 
# 
_symmetry.entry_id                         3U23 
_symmetry.space_group_name_H-M             'C 1 2 1' 
_symmetry.pdbx_full_space_group_name_H-M   ? 
_symmetry.cell_setting                     ? 
_symmetry.Int_Tables_number                5 
_symmetry.space_group_name_Hall            ? 
# 
_exptl.entry_id          3U23 
_exptl.method            'X-RAY DIFFRACTION' 
_exptl.crystals_number   1 
# 
_exptl_crystal.id                    1 
_exptl_crystal.density_meas          ? 
_exptl_crystal.density_Matthews      1.80 
_exptl_crystal.density_percent_sol   31.70 
_exptl_crystal.description           ? 
_exptl_crystal.F_000                 ? 
_exptl_crystal.preparation           ? 
# 
_exptl_crystal_grow.crystal_id      1 
_exptl_crystal_grow.method          'VAPOR DIFFUSION, SITTING DROP' 
_exptl_crystal_grow.temp            298 
_exptl_crystal_grow.temp_details    ? 
_exptl_crystal_grow.pH              7.5 
_exptl_crystal_grow.pdbx_pH_range   ? 
_exptl_crystal_grow.pdbx_details    
'0.1 M HEPES pH 7.5, 1.4 M tri-sodium citrate dihydrate, VAPOR DIFFUSION, SITTING DROP, temperature 298K' 
# 
_diffrn.id                     1 
_diffrn.ambient_temp           100 
_diffrn.ambient_temp_details   ? 
_diffrn.crystal_id             1 
# 
_diffrn_detector.diffrn_id              1 
_diffrn_detector.detector               PIXEL 
_diffrn_detector.type                   'PSI PILATUS 6M' 
_diffrn_detector.pdbx_collection_date   2011-02-13 
_diffrn_detector.details                ? 
# 
_diffrn_radiation.diffrn_id                        1 
_diffrn_radiation.wavelength_id                    1 
_diffrn_radiation.pdbx_monochromatic_or_laue_m_l   M 
_diffrn_radiation.monochromator                    'Double crystal' 
_diffrn_radiation.pdbx_diffrn_protocol             'SINGLE WAVELENGTH' 
_diffrn_radiation.pdbx_scattering_type             x-ray 
# 
_diffrn_radiation_wavelength.id           1 
_diffrn_radiation_wavelength.wavelength   0.97625 
_diffrn_radiation_wavelength.wt           1.0 
# 
_diffrn_source.diffrn_id                   1 
_diffrn_source.source                      SYNCHROTRON 
_diffrn_source.type                        'DIAMOND BEAMLINE I03' 
_diffrn_source.pdbx_synchrotron_site       Diamond 
_diffrn_source.pdbx_synchrotron_beamline   I03 
_diffrn_source.pdbx_wavelength             ? 
_diffrn_source.pdbx_wavelength_list        0.97625 
# 
_reflns.pdbx_diffrn_id               1 
_reflns.pdbx_ordinal                 1 
_reflns.entry_id                     3U23 
_reflns.observed_criterion_sigma_I   -3.0 
_reflns.observed_criterion_sigma_F   -3.0 
_reflns.d_resolution_low             27.43 
_reflns.d_resolution_high            1.11 
_reflns.number_obs                   24275 
_reflns.number_all                   26161 
_reflns.percent_possible_obs         92.8 
_reflns.pdbx_Rmerge_I_obs            0.056 
_reflns.pdbx_Rsym_value              ? 
_reflns.pdbx_netI_over_sigmaI        14.98 
_reflns.B_iso_Wilson_estimate        13.68 
_reflns.pdbx_redundancy              6.0 
_reflns.R_free_details               ? 
_reflns.limit_h_max                  ? 
_reflns.limit_h_min                  ? 
_reflns.limit_k_max                  ? 
_reflns.limit_k_min                  ? 
_reflns.limit_l_max                  ? 
_reflns.limit_l_min                  ? 
_reflns.observed_criterion_F_max     ? 
_reflns.observed_criterion_F_min     ? 
_reflns.pdbx_chi_squared             ? 
_reflns.pdbx_scaling_rejects         ? 
# 
_reflns_shell.pdbx_diffrn_id         1 
_reflns_shell.pdbx_ordinal           1 
_reflns_shell.d_res_high             1.11 
_reflns_shell.d_res_low              1.14 
_reflns_shell.percent_possible_all   59.9 
_reflns_shell.Rmerge_I_obs           0.521 
_reflns_shell.pdbx_Rsym_value        ? 
_reflns_shell.meanI_over_sigI_obs    2.24 
_reflns_shell.pdbx_redundancy        2.7 
_reflns_shell.percent_possible_obs   ? 
_reflns_shell.number_unique_all      ? 
_reflns_shell.number_measured_all    ? 
_reflns_shell.number_measured_obs    ? 
_reflns_shell.number_unique_obs      ? 
_reflns_shell.pdbx_chi_squared       ? 
# 
_refine.pdbx_refine_id                           'X-RAY DIFFRACTION' 
_refine.entry_id                                 3U23 
_refine.pdbx_diffrn_id                           1 
_refine.pdbx_TLS_residual_ADP_flag               ? 
_refine.ls_number_reflns_obs                     23056 
_refine.ls_number_reflns_all                     26161 
_refine.pdbx_ls_sigma_I                          ? 
_refine.pdbx_ls_sigma_F                          . 
_refine.pdbx_data_cutoff_high_absF               ? 
_refine.pdbx_data_cutoff_low_absF                ? 
_refine.pdbx_data_cutoff_high_rms_absF           ? 
_refine.ls_d_res_low                             27.43 
_refine.ls_d_res_high                            1.11 
_refine.ls_percent_reflns_obs                    92.79 
_refine.ls_R_factor_obs                          0.15151 
_refine.ls_R_factor_all                          ? 
_refine.ls_R_factor_R_work                       0.15071 
_refine.ls_R_factor_R_free                       0.16663 
_refine.ls_R_factor_R_free_error                 ? 
_refine.ls_R_factor_R_free_error_details         ? 
_refine.ls_percent_reflns_R_free                 5.0 
_refine.ls_number_reflns_R_free                  1217 
_refine.ls_number_parameters                     ? 
_refine.ls_number_restraints                     ? 
_refine.occupancy_min                            ? 
_refine.occupancy_max                            ? 
_refine.correlation_coeff_Fo_to_Fc               0.981 
_refine.correlation_coeff_Fo_to_Fc_free          0.978 
_refine.B_iso_mean                               15.910 
_refine.aniso_B[1][1]                            1.75 
_refine.aniso_B[2][2]                            -0.91 
_refine.aniso_B[3][3]                            -0.85 
_refine.aniso_B[1][2]                            -0.00 
_refine.aniso_B[1][3]                            -0.17 
_refine.aniso_B[2][3]                            -0.00 
_refine.solvent_model_details                    MASK 
_refine.solvent_model_param_ksol                 ? 
_refine.solvent_model_param_bsol                 ? 
_refine.pdbx_solvent_vdw_probe_radii             1.40 
_refine.pdbx_solvent_ion_probe_radii             0.80 
_refine.pdbx_solvent_shrinkage_radii             0.80 
_refine.pdbx_ls_cross_valid_method               THROUGHOUT 
_refine.details                                  'HYDROGENS HAVE BEEN ADDED IN THE RIDING POSITIONS' 
_refine.pdbx_starting_model                      'pdb entries 2G6F, 1OEB, 2AK5, 2FEI, 3IQL' 
_refine.pdbx_method_to_determine_struct          'MOLECULAR REPLACEMENT' 
_refine.pdbx_isotropic_thermal_model             ? 
_refine.pdbx_stereochemistry_target_values       'MAXIMUM LIKELIHOOD' 
_refine.pdbx_stereochem_target_val_spec_case     ? 
_refine.pdbx_R_Free_selection_details            RANDOM 
_refine.pdbx_overall_ESU_R                       0.035 
_refine.pdbx_overall_ESU_R_Free                  0.033 
_refine.overall_SU_ML                            0.028 
_refine.pdbx_overall_phase_error                 ? 
_refine.overall_SU_B                             1.332 
_refine.overall_SU_R_Cruickshank_DPI             ? 
_refine.pdbx_overall_SU_R_free_Cruickshank_DPI   ? 
_refine.pdbx_overall_SU_R_Blow_DPI               ? 
_refine.pdbx_overall_SU_R_free_Blow_DPI          ? 
_refine.ls_redundancy_reflns_obs                 ? 
_refine.B_iso_min                                ? 
_refine.B_iso_max                                ? 
_refine.overall_SU_R_free                        ? 
_refine.ls_wR_factor_R_free                      ? 
_refine.ls_wR_factor_R_work                      ? 
_refine.overall_FOM_free_R_set                   ? 
_refine.overall_FOM_work_R_set                   ? 
# 
_refine_hist.pdbx_refine_id                   'X-RAY DIFFRACTION' 
_refine_hist.cycle_id                         LAST 
_refine_hist.pdbx_number_atoms_protein        562 
_refine_hist.pdbx_number_atoms_nucleic_acid   0 
_refine_hist.pdbx_number_atoms_ligand         4 
_refine_hist.number_atoms_solvent             86 
_refine_hist.number_atoms_total               652 
_refine_hist.d_res_high                       1.11 
_refine_hist.d_res_low                        27.43 
# 
loop_
_refine_ls_restr.type 
_refine_ls_restr.dev_ideal 
_refine_ls_restr.dev_ideal_target 
_refine_ls_restr.weight 
_refine_ls_restr.number 
_refine_ls_restr.pdbx_refine_id 
_refine_ls_restr.pdbx_restraint_function 
r_bond_refined_d             0.025  0.022  ? 622  'X-RAY DIFFRACTION' ? 
r_bond_other_d               0.001  0.020  ? 454  'X-RAY DIFFRACTION' ? 
r_angle_refined_deg          2.271  2.015  ? 852  'X-RAY DIFFRACTION' ? 
r_angle_other_deg            1.586  3.000  ? 1130 'X-RAY DIFFRACTION' ? 
r_dihedral_angle_1_deg       6.383  5.000  ? 79   'X-RAY DIFFRACTION' ? 
r_dihedral_angle_2_deg       40.621 25.862 ? 29   'X-RAY DIFFRACTION' ? 
r_dihedral_angle_3_deg       13.379 15.000 ? 122  'X-RAY DIFFRACTION' ? 
r_dihedral_angle_4_deg       15.098 15.000 ? 4    'X-RAY DIFFRACTION' ? 
r_chiral_restr               0.136  0.200  ? 93   'X-RAY DIFFRACTION' ? 
r_gen_planes_refined         0.011  0.021  ? 677  'X-RAY DIFFRACTION' ? 
r_gen_planes_other           0.001  0.020  ? 108  'X-RAY DIFFRACTION' ? 
r_nbd_refined                ?      ?      ? ?    'X-RAY DIFFRACTION' ? 
r_nbd_other                  ?      ?      ? ?    'X-RAY DIFFRACTION' ? 
r_nbtor_refined              ?      ?      ? ?    'X-RAY DIFFRACTION' ? 
r_nbtor_other                ?      ?      ? ?    'X-RAY DIFFRACTION' ? 
r_xyhbond_nbd_refined        ?      ?      ? ?    'X-RAY DIFFRACTION' ? 
r_xyhbond_nbd_other          ?      ?      ? ?    'X-RAY DIFFRACTION' ? 
r_metal_ion_refined          ?      ?      ? ?    'X-RAY DIFFRACTION' ? 
r_metal_ion_other            ?      ?      ? ?    'X-RAY DIFFRACTION' ? 
r_symmetry_vdw_refined       ?      ?      ? ?    'X-RAY DIFFRACTION' ? 
r_symmetry_vdw_other         ?      ?      ? ?    'X-RAY DIFFRACTION' ? 
r_symmetry_hbond_refined     ?      ?      ? ?    'X-RAY DIFFRACTION' ? 
r_symmetry_hbond_other       ?      ?      ? ?    'X-RAY DIFFRACTION' ? 
r_symmetry_metal_ion_refined ?      ?      ? ?    'X-RAY DIFFRACTION' ? 
r_symmetry_metal_ion_other   ?      ?      ? ?    'X-RAY DIFFRACTION' ? 
r_mcbond_it                  2.519  1.500  ? 369  'X-RAY DIFFRACTION' ? 
r_mcbond_other               0.794  1.500  ? 140  'X-RAY DIFFRACTION' ? 
r_mcangle_it                 3.850  2.000  ? 612  'X-RAY DIFFRACTION' ? 
r_scbond_it                  5.223  3.000  ? 253  'X-RAY DIFFRACTION' ? 
r_scangle_it                 8.198  4.500  ? 233  'X-RAY DIFFRACTION' ? 
r_rigid_bond_restr           2.112  3.000  ? 1076 'X-RAY DIFFRACTION' ? 
r_sphericity_free            ?      ?      ? ?    'X-RAY DIFFRACTION' ? 
r_sphericity_bonded          ?      ?      ? ?    'X-RAY DIFFRACTION' ? 
# 
_refine_ls_shell.pdbx_refine_id                   'X-RAY DIFFRACTION' 
_refine_ls_shell.pdbx_total_number_of_bins_used   20 
_refine_ls_shell.d_res_high                       1.110 
_refine_ls_shell.d_res_low                        1.139 
_refine_ls_shell.number_reflns_R_work             1075 
_refine_ls_shell.R_factor_R_work                  0.337 
_refine_ls_shell.percent_reflns_obs               59.36 
_refine_ls_shell.R_factor_R_free                  0.291 
_refine_ls_shell.R_factor_R_free_error            ? 
_refine_ls_shell.percent_reflns_R_free            ? 
_refine_ls_shell.number_reflns_R_free             57 
_refine_ls_shell.number_reflns_all                ? 
_refine_ls_shell.R_factor_all                     ? 
_refine_ls_shell.redundancy_reflns_obs            ? 
_refine_ls_shell.number_reflns_obs                ? 
# 
_struct.entry_id                  3U23 
_struct.title                     
;Atomic resolution crystal structure of the 2nd SH3 domain from human CD2AP (CMS) in complex with a proline-rich peptide from human RIN3
;
_struct.pdbx_model_details        ? 
_struct.pdbx_CASP_flag            ? 
_struct.pdbx_model_type_details   ? 
# 
_struct_keywords.entry_id        3U23 
_struct_keywords.pdbx_keywords   'PROTEIN BINDING' 
_struct_keywords.text            
'Structural Genomics, Structural Genomics Consortium, SGC, Beta-barrel, Adaptor protein, Protein binding' 
# 
loop_
_struct_asym.id 
_struct_asym.pdbx_blank_PDB_chainid_flag 
_struct_asym.pdbx_modified 
_struct_asym.entity_id 
_struct_asym.details 
A N N 1 ? 
B N N 2 ? 
C N N 3 ? 
D N N 4 ? 
E N N 4 ? 
# 
loop_
_struct_ref.id 
_struct_ref.db_name 
_struct_ref.db_code 
_struct_ref.pdbx_db_accession 
_struct_ref.entity_id 
_struct_ref.pdbx_seq_one_letter_code 
_struct_ref.pdbx_align_begin 
_struct_ref.pdbx_db_isoform 
1 UNP CD2AP_HUMAN Q9Y5K6 1 KKRQCKVLFEYIPQNEDELELKVGDIIDINEEVEEGWWSGTLNNKLGLFPSNFVKELEVT 109 ? 
2 UNP RIN3_HUMAN  Q8TB24 2 TAKQPPVPPPRKKRIS                                             452 ? 
# 
loop_
_struct_ref_seq.align_id 
_struct_ref_seq.ref_id 
_struct_ref_seq.pdbx_PDB_id_code 
_struct_ref_seq.pdbx_strand_id 
_struct_ref_seq.seq_align_beg 
_struct_ref_seq.pdbx_seq_align_beg_ins_code 
_struct_ref_seq.seq_align_end 
_struct_ref_seq.pdbx_seq_align_end_ins_code 
_struct_ref_seq.pdbx_db_accession 
_struct_ref_seq.db_align_beg 
_struct_ref_seq.pdbx_db_align_beg_ins_code 
_struct_ref_seq.db_align_end 
_struct_ref_seq.pdbx_db_align_end_ins_code 
_struct_ref_seq.pdbx_auth_seq_align_beg 
_struct_ref_seq.pdbx_auth_seq_align_end 
1 1 3U23 A 6 ? 65 ? Q9Y5K6 109 ? 168 ? 109 168 
2 2 3U23 B 1 ? 16 ? Q8TB24 452 ? 467 ? 452 467 
# 
loop_
_struct_ref_seq_dif.align_id 
_struct_ref_seq_dif.pdbx_pdb_id_code 
_struct_ref_seq_dif.mon_id 
_struct_ref_seq_dif.pdbx_pdb_strand_id 
_struct_ref_seq_dif.seq_num 
_struct_ref_seq_dif.pdbx_pdb_ins_code 
_struct_ref_seq_dif.pdbx_seq_db_name 
_struct_ref_seq_dif.pdbx_seq_db_accession_code 
_struct_ref_seq_dif.db_mon_id 
_struct_ref_seq_dif.pdbx_seq_db_seq_num 
_struct_ref_seq_dif.details 
_struct_ref_seq_dif.pdbx_auth_seq_num 
_struct_ref_seq_dif.pdbx_ordinal 
1 3U23 GLY A 1  ? UNP Q9Y5K6 ? ? 'expression tag' 104 1 
1 3U23 PRO A 2  ? UNP Q9Y5K6 ? ? 'expression tag' 105 2 
1 3U23 LEU A 3  ? UNP Q9Y5K6 ? ? 'expression tag' 106 3 
1 3U23 GLY A 4  ? UNP Q9Y5K6 ? ? 'expression tag' 107 4 
1 3U23 SER A 5  ? UNP Q9Y5K6 ? ? 'expression tag' 108 5 
2 3U23 NH2 B 17 ? UNP Q8TB24 ? ? 'expression tag' 468 6 
# 
_pdbx_struct_assembly.id                   1 
_pdbx_struct_assembly.details              author_and_software_defined_assembly 
_pdbx_struct_assembly.method_details       PISA 
_pdbx_struct_assembly.oligomeric_details   dimeric 
_pdbx_struct_assembly.oligomeric_count     2 
# 
loop_
_pdbx_struct_assembly_prop.biol_id 
_pdbx_struct_assembly_prop.type 
_pdbx_struct_assembly_prop.value 
_pdbx_struct_assembly_prop.details 
1 'ABSA (A^2)' 1520 ? 
1 MORE         -2   ? 
1 'SSA (A^2)'  4690 ? 
# 
_pdbx_struct_assembly_gen.assembly_id       1 
_pdbx_struct_assembly_gen.oper_expression   1 
_pdbx_struct_assembly_gen.asym_id_list      A,B,C,D,E 
# 
_pdbx_struct_oper_list.id                   1 
_pdbx_struct_oper_list.type                 'identity operation' 
_pdbx_struct_oper_list.name                 1_555 
_pdbx_struct_oper_list.symmetry_operation   x,y,z 
_pdbx_struct_oper_list.matrix[1][1]         1.0000000000 
_pdbx_struct_oper_list.matrix[1][2]         0.0000000000 
_pdbx_struct_oper_list.matrix[1][3]         0.0000000000 
_pdbx_struct_oper_list.vector[1]            0.0000000000 
_pdbx_struct_oper_list.matrix[2][1]         0.0000000000 
_pdbx_struct_oper_list.matrix[2][2]         1.0000000000 
_pdbx_struct_oper_list.matrix[2][3]         0.0000000000 
_pdbx_struct_oper_list.vector[2]            0.0000000000 
_pdbx_struct_oper_list.matrix[3][1]         0.0000000000 
_pdbx_struct_oper_list.matrix[3][2]         0.0000000000 
_pdbx_struct_oper_list.matrix[3][3]         1.0000000000 
_pdbx_struct_oper_list.vector[3]            0.0000000000 
# 
_struct_biol.id        1 
_struct_biol.details   ? 
# 
_struct_conn.id                            covale1 
_struct_conn.conn_type_id                  covale 
_struct_conn.pdbx_leaving_atom_flag        both 
_struct_conn.pdbx_PDB_id                   ? 
_struct_conn.ptnr1_label_asym_id           B 
_struct_conn.ptnr1_label_comp_id           SER 
_struct_conn.ptnr1_label_seq_id            16 
_struct_conn.ptnr1_label_atom_id           C 
_struct_conn.pdbx_ptnr1_label_alt_id       ? 
_struct_conn.pdbx_ptnr1_PDB_ins_code       ? 
_struct_conn.pdbx_ptnr1_standard_comp_id   ? 
_struct_conn.ptnr1_symmetry                1_555 
_struct_conn.ptnr2_label_asym_id           B 
_struct_conn.ptnr2_label_comp_id           NH2 
_struct_conn.ptnr2_label_seq_id            17 
_struct_conn.ptnr2_label_atom_id           N 
_struct_conn.pdbx_ptnr2_label_alt_id       ? 
_struct_conn.pdbx_ptnr2_PDB_ins_code       ? 
_struct_conn.ptnr1_auth_asym_id            B 
_struct_conn.ptnr1_auth_comp_id            SER 
_struct_conn.ptnr1_auth_seq_id             467 
_struct_conn.ptnr2_auth_asym_id            B 
_struct_conn.ptnr2_auth_comp_id            NH2 
_struct_conn.ptnr2_auth_seq_id             468 
_struct_conn.ptnr2_symmetry                1_555 
_struct_conn.pdbx_ptnr3_label_atom_id      ? 
_struct_conn.pdbx_ptnr3_label_seq_id       ? 
_struct_conn.pdbx_ptnr3_label_comp_id      ? 
_struct_conn.pdbx_ptnr3_label_asym_id      ? 
_struct_conn.pdbx_ptnr3_label_alt_id       ? 
_struct_conn.pdbx_ptnr3_PDB_ins_code       ? 
_struct_conn.details                       ? 
_struct_conn.pdbx_dist_value               1.265 
_struct_conn.pdbx_value_order              ? 
_struct_conn.pdbx_role                     ? 
# 
_struct_conn_type.id          covale 
_struct_conn_type.criteria    ? 
_struct_conn_type.reference   ? 
# 
_pdbx_modification_feature.ordinal                            1 
_pdbx_modification_feature.label_comp_id                      NH2 
_pdbx_modification_feature.label_asym_id                      B 
_pdbx_modification_feature.label_seq_id                       17 
_pdbx_modification_feature.label_alt_id                       ? 
_pdbx_modification_feature.modified_residue_label_comp_id     SER 
_pdbx_modification_feature.modified_residue_label_asym_id     B 
_pdbx_modification_feature.modified_residue_label_seq_id      16 
_pdbx_modification_feature.modified_residue_label_alt_id      ? 
_pdbx_modification_feature.auth_comp_id                       NH2 
_pdbx_modification_feature.auth_asym_id                       B 
_pdbx_modification_feature.auth_seq_id                        468 
_pdbx_modification_feature.PDB_ins_code                       ? 
_pdbx_modification_feature.symmetry                           1_555 
_pdbx_modification_feature.modified_residue_auth_comp_id      SER 
_pdbx_modification_feature.modified_residue_auth_asym_id      B 
_pdbx_modification_feature.modified_residue_auth_seq_id       467 
_pdbx_modification_feature.modified_residue_PDB_ins_code      ? 
_pdbx_modification_feature.modified_residue_symmetry          1_555 
_pdbx_modification_feature.comp_id_linking_atom               . 
_pdbx_modification_feature.modified_residue_id_linking_atom   . 
_pdbx_modification_feature.modified_residue_id                SER 
_pdbx_modification_feature.ref_pcm_id                         6 
_pdbx_modification_feature.ref_comp_id                        NH2 
_pdbx_modification_feature.type                               None 
_pdbx_modification_feature.category                           'Terminal amidation' 
# 
_struct_sheet.id               A 
_struct_sheet.type             ? 
_struct_sheet.number_strands   5 
_struct_sheet.details          ? 
# 
loop_
_struct_sheet_order.sheet_id 
_struct_sheet_order.range_id_1 
_struct_sheet_order.range_id_2 
_struct_sheet_order.offset 
_struct_sheet_order.sense 
A 1 2 ? anti-parallel 
A 2 3 ? anti-parallel 
A 3 4 ? anti-parallel 
A 4 5 ? anti-parallel 
# 
loop_
_struct_sheet_range.sheet_id 
_struct_sheet_range.id 
_struct_sheet_range.beg_label_comp_id 
_struct_sheet_range.beg_label_asym_id 
_struct_sheet_range.beg_label_seq_id 
_struct_sheet_range.pdbx_beg_PDB_ins_code 
_struct_sheet_range.end_label_comp_id 
_struct_sheet_range.end_label_asym_id 
_struct_sheet_range.end_label_seq_id 
_struct_sheet_range.pdbx_end_PDB_ins_code 
_struct_sheet_range.beg_auth_comp_id 
_struct_sheet_range.beg_auth_asym_id 
_struct_sheet_range.beg_auth_seq_id 
_struct_sheet_range.end_auth_comp_id 
_struct_sheet_range.end_auth_asym_id 
_struct_sheet_range.end_auth_seq_id 
A 1 LYS A 50 ? PRO A 55 ? LYS A 153 PRO A 158 
A 2 TRP A 42 ? LEU A 47 ? TRP A 145 LEU A 150 
A 3 ILE A 31 ? GLU A 39 ? ILE A 134 GLU A 142 
A 4 GLN A 9  ? VAL A 12 ? GLN A 112 VAL A 115 
A 5 VAL A 59 ? GLU A 61 ? VAL A 162 GLU A 164 
# 
loop_
_pdbx_struct_sheet_hbond.sheet_id 
_pdbx_struct_sheet_hbond.range_id_1 
_pdbx_struct_sheet_hbond.range_id_2 
_pdbx_struct_sheet_hbond.range_1_label_atom_id 
_pdbx_struct_sheet_hbond.range_1_label_comp_id 
_pdbx_struct_sheet_hbond.range_1_label_asym_id 
_pdbx_struct_sheet_hbond.range_1_label_seq_id 
_pdbx_struct_sheet_hbond.range_1_PDB_ins_code 
_pdbx_struct_sheet_hbond.range_1_auth_atom_id 
_pdbx_struct_sheet_hbond.range_1_auth_comp_id 
_pdbx_struct_sheet_hbond.range_1_auth_asym_id 
_pdbx_struct_sheet_hbond.range_1_auth_seq_id 
_pdbx_struct_sheet_hbond.range_2_label_atom_id 
_pdbx_struct_sheet_hbond.range_2_label_comp_id 
_pdbx_struct_sheet_hbond.range_2_label_asym_id 
_pdbx_struct_sheet_hbond.range_2_label_seq_id 
_pdbx_struct_sheet_hbond.range_2_PDB_ins_code 
_pdbx_struct_sheet_hbond.range_2_auth_atom_id 
_pdbx_struct_sheet_hbond.range_2_auth_comp_id 
_pdbx_struct_sheet_hbond.range_2_auth_asym_id 
_pdbx_struct_sheet_hbond.range_2_auth_seq_id 
A 1 2 O LYS A 50 ? O LYS A 153 N LEU A 47 ? N LEU A 150 
A 2 3 O SER A 44 ? O SER A 147 N GLU A 36 ? N GLU A 139 
A 3 4 O ILE A 32 ? O ILE A 135 N CYS A 10 ? N CYS A 113 
A 4 5 N LYS A 11 ? N LYS A 114 O LYS A 60 ? O LYS A 163 
# 
_struct_site.id                   AC1 
_struct_site.pdbx_evidence_code   Software 
_struct_site.pdbx_auth_asym_id    A 
_struct_site.pdbx_auth_comp_id    EDO 
_struct_site.pdbx_auth_seq_id     1 
_struct_site.pdbx_auth_ins_code   ? 
_struct_site.pdbx_num_residues    4 
_struct_site.details              'BINDING SITE FOR RESIDUE EDO A 1' 
# 
loop_
_struct_site_gen.id 
_struct_site_gen.site_id 
_struct_site_gen.pdbx_num_res 
_struct_site_gen.label_comp_id 
_struct_site_gen.label_asym_id 
_struct_site_gen.label_seq_id 
_struct_site_gen.pdbx_auth_ins_code 
_struct_site_gen.auth_comp_id 
_struct_site_gen.auth_asym_id 
_struct_site_gen.auth_seq_id 
_struct_site_gen.label_atom_id 
_struct_site_gen.label_alt_id 
_struct_site_gen.symmetry 
_struct_site_gen.details 
1 AC1 4 HOH D .  ? HOH A 72  . ? 1_555 ? 
2 AC1 4 HOH D .  ? HOH A 99  . ? 1_555 ? 
3 AC1 4 ILE A 34 ? ILE A 137 . ? 1_555 ? 
4 AC1 4 VAL A 59 ? VAL A 162 . ? 1_555 ? 
# 
_pdbx_entry_details.entry_id                   3U23 
_pdbx_entry_details.compound_details           ? 
_pdbx_entry_details.source_details             ? 
_pdbx_entry_details.nonpolymer_details         ? 
_pdbx_entry_details.sequence_details           ? 
_pdbx_entry_details.has_ligand_of_interest     ? 
_pdbx_entry_details.has_protein_modification   Y 
# 
loop_
_pdbx_validate_close_contact.id 
_pdbx_validate_close_contact.PDB_model_num 
_pdbx_validate_close_contact.auth_atom_id_1 
_pdbx_validate_close_contact.auth_asym_id_1 
_pdbx_validate_close_contact.auth_comp_id_1 
_pdbx_validate_close_contact.auth_seq_id_1 
_pdbx_validate_close_contact.PDB_ins_code_1 
_pdbx_validate_close_contact.label_alt_id_1 
_pdbx_validate_close_contact.auth_atom_id_2 
_pdbx_validate_close_contact.auth_asym_id_2 
_pdbx_validate_close_contact.auth_comp_id_2 
_pdbx_validate_close_contact.auth_seq_id_2 
_pdbx_validate_close_contact.PDB_ins_code_2 
_pdbx_validate_close_contact.label_alt_id_2 
_pdbx_validate_close_contact.dist 
1 1 NZ A LYS 114 ? A O A HOH 98 ? ? 2.02 
2 1 O  A HOH 84  ? ? O A HOH 97 ? ? 2.02 
3 1 O  A HOH 57  ? ? O A HOH 85 ? ? 2.11 
# 
_pdbx_validate_torsion.id              1 
_pdbx_validate_torsion.PDB_model_num   1 
_pdbx_validate_torsion.auth_comp_id    ASN 
_pdbx_validate_torsion.auth_asym_id    A 
_pdbx_validate_torsion.auth_seq_id     138 
_pdbx_validate_torsion.PDB_ins_code    ? 
_pdbx_validate_torsion.label_alt_id    ? 
_pdbx_validate_torsion.phi             -99.33 
_pdbx_validate_torsion.psi             -83.48 
# 
_pdbx_SG_project.id                    1 
_pdbx_SG_project.project_name          ? 
_pdbx_SG_project.full_name_of_center   'Structural Genomics Consortium' 
_pdbx_SG_project.initial_of_center     SGC 
# 
_pdbx_refine_tls.pdbx_refine_id   'X-RAY DIFFRACTION' 
_pdbx_refine_tls.id               1 
_pdbx_refine_tls.details          ? 
_pdbx_refine_tls.method           refined 
_pdbx_refine_tls.origin_x         -3.6659 
_pdbx_refine_tls.origin_y         -7.7659 
_pdbx_refine_tls.origin_z         2.2487 
_pdbx_refine_tls.T[1][1]          0.1176 
_pdbx_refine_tls.T[2][2]          0.1228 
_pdbx_refine_tls.T[3][3]          0.2501 
_pdbx_refine_tls.T[1][2]          -0.0101 
_pdbx_refine_tls.T[1][3]          -0.0575 
_pdbx_refine_tls.T[2][3]          0.0555 
_pdbx_refine_tls.L[1][1]          1.2895 
_pdbx_refine_tls.L[2][2]          1.6122 
_pdbx_refine_tls.L[3][3]          0.5933 
_pdbx_refine_tls.L[1][2]          0.7599 
_pdbx_refine_tls.L[1][3]          0.2244 
_pdbx_refine_tls.L[2][3]          0.9333 
_pdbx_refine_tls.S[1][1]          0.0413 
_pdbx_refine_tls.S[1][2]          -0.1794 
_pdbx_refine_tls.S[1][3]          -0.1789 
_pdbx_refine_tls.S[2][1]          0.0138 
_pdbx_refine_tls.S[2][2]          -0.1119 
_pdbx_refine_tls.S[2][3]          0.0140 
_pdbx_refine_tls.S[3][1]          0.0092 
_pdbx_refine_tls.S[3][2]          -0.0547 
_pdbx_refine_tls.S[3][3]          0.0707 
# 
_pdbx_refine_tls_group.pdbx_refine_id      'X-RAY DIFFRACTION' 
_pdbx_refine_tls_group.id                  1 
_pdbx_refine_tls_group.refine_tls_id       1 
_pdbx_refine_tls_group.beg_auth_asym_id    B 
_pdbx_refine_tls_group.beg_auth_seq_id     455 
_pdbx_refine_tls_group.beg_label_asym_id   ? 
_pdbx_refine_tls_group.beg_label_seq_id    ? 
_pdbx_refine_tls_group.end_auth_asym_id    B 
_pdbx_refine_tls_group.end_auth_seq_id     467 
_pdbx_refine_tls_group.end_label_asym_id   ? 
_pdbx_refine_tls_group.end_label_seq_id    ? 
_pdbx_refine_tls_group.selection           ? 
_pdbx_refine_tls_group.selection_details   ? 
# 
loop_
_pdbx_unobs_or_zero_occ_residues.id 
_pdbx_unobs_or_zero_occ_residues.PDB_model_num 
_pdbx_unobs_or_zero_occ_residues.polymer_flag 
_pdbx_unobs_or_zero_occ_residues.occupancy_flag 
_pdbx_unobs_or_zero_occ_residues.auth_asym_id 
_pdbx_unobs_or_zero_occ_residues.auth_comp_id 
_pdbx_unobs_or_zero_occ_residues.auth_seq_id 
_pdbx_unobs_or_zero_occ_residues.PDB_ins_code 
_pdbx_unobs_or_zero_occ_residues.label_asym_id 
_pdbx_unobs_or_zero_occ_residues.label_comp_id 
_pdbx_unobs_or_zero_occ_residues.label_seq_id 
1  1 Y 1 A GLY 104 ? A GLY 1  
2  1 Y 1 A PRO 105 ? A PRO 2  
3  1 Y 1 A LEU 106 ? A LEU 3  
4  1 Y 1 A GLY 107 ? A GLY 4  
5  1 Y 1 A SER 108 ? A SER 5  
6  1 Y 1 A LYS 109 ? A LYS 6  
7  1 Y 1 A LYS 110 ? A LYS 7  
8  1 Y 1 A VAL 167 ? A VAL 64 
9  1 Y 1 A THR 168 ? A THR 65 
10 1 Y 1 B THR 452 ? B THR 1  
11 1 Y 1 B ALA 453 ? B ALA 2  
12 1 Y 1 B LYS 454 ? B LYS 3  
# 
loop_
_chem_comp_atom.comp_id 
_chem_comp_atom.atom_id 
_chem_comp_atom.type_symbol 
_chem_comp_atom.pdbx_aromatic_flag 
_chem_comp_atom.pdbx_stereo_config 
_chem_comp_atom.pdbx_ordinal 
ALA N    N N N 1   
ALA CA   C N S 2   
ALA C    C N N 3   
ALA O    O N N 4   
ALA CB   C N N 5   
ALA OXT  O N N 6   
ALA H    H N N 7   
ALA H2   H N N 8   
ALA HA   H N N 9   
ALA HB1  H N N 10  
ALA HB2  H N N 11  
ALA HB3  H N N 12  
ALA HXT  H N N 13  
ARG N    N N N 14  
ARG CA   C N S 15  
ARG C    C N N 16  
ARG O    O N N 17  
ARG CB   C N N 18  
ARG CG   C N N 19  
ARG CD   C N N 20  
ARG NE   N N N 21  
ARG CZ   C N N 22  
ARG NH1  N N N 23  
ARG NH2  N N N 24  
ARG OXT  O N N 25  
ARG H    H N N 26  
ARG H2   H N N 27  
ARG HA   H N N 28  
ARG HB2  H N N 29  
ARG HB3  H N N 30  
ARG HG2  H N N 31  
ARG HG3  H N N 32  
ARG HD2  H N N 33  
ARG HD3  H N N 34  
ARG HE   H N N 35  
ARG HH11 H N N 36  
ARG HH12 H N N 37  
ARG HH21 H N N 38  
ARG HH22 H N N 39  
ARG HXT  H N N 40  
ASN N    N N N 41  
ASN CA   C N S 42  
ASN C    C N N 43  
ASN O    O N N 44  
ASN CB   C N N 45  
ASN CG   C N N 46  
ASN OD1  O N N 47  
ASN ND2  N N N 48  
ASN OXT  O N N 49  
ASN H    H N N 50  
ASN H2   H N N 51  
ASN HA   H N N 52  
ASN HB2  H N N 53  
ASN HB3  H N N 54  
ASN HD21 H N N 55  
ASN HD22 H N N 56  
ASN HXT  H N N 57  
ASP N    N N N 58  
ASP CA   C N S 59  
ASP C    C N N 60  
ASP O    O N N 61  
ASP CB   C N N 62  
ASP CG   C N N 63  
ASP OD1  O N N 64  
ASP OD2  O N N 65  
ASP OXT  O N N 66  
ASP H    H N N 67  
ASP H2   H N N 68  
ASP HA   H N N 69  
ASP HB2  H N N 70  
ASP HB3  H N N 71  
ASP HD2  H N N 72  
ASP HXT  H N N 73  
CYS N    N N N 74  
CYS CA   C N R 75  
CYS C    C N N 76  
CYS O    O N N 77  
CYS CB   C N N 78  
CYS SG   S N N 79  
CYS OXT  O N N 80  
CYS H    H N N 81  
CYS H2   H N N 82  
CYS HA   H N N 83  
CYS HB2  H N N 84  
CYS HB3  H N N 85  
CYS HG   H N N 86  
CYS HXT  H N N 87  
EDO C1   C N N 88  
EDO O1   O N N 89  
EDO C2   C N N 90  
EDO O2   O N N 91  
EDO H11  H N N 92  
EDO H12  H N N 93  
EDO HO1  H N N 94  
EDO H21  H N N 95  
EDO H22  H N N 96  
EDO HO2  H N N 97  
GLN N    N N N 98  
GLN CA   C N S 99  
GLN C    C N N 100 
GLN O    O N N 101 
GLN CB   C N N 102 
GLN CG   C N N 103 
GLN CD   C N N 104 
GLN OE1  O N N 105 
GLN NE2  N N N 106 
GLN OXT  O N N 107 
GLN H    H N N 108 
GLN H2   H N N 109 
GLN HA   H N N 110 
GLN HB2  H N N 111 
GLN HB3  H N N 112 
GLN HG2  H N N 113 
GLN HG3  H N N 114 
GLN HE21 H N N 115 
GLN HE22 H N N 116 
GLN HXT  H N N 117 
GLU N    N N N 118 
GLU CA   C N S 119 
GLU C    C N N 120 
GLU O    O N N 121 
GLU CB   C N N 122 
GLU CG   C N N 123 
GLU CD   C N N 124 
GLU OE1  O N N 125 
GLU OE2  O N N 126 
GLU OXT  O N N 127 
GLU H    H N N 128 
GLU H2   H N N 129 
GLU HA   H N N 130 
GLU HB2  H N N 131 
GLU HB3  H N N 132 
GLU HG2  H N N 133 
GLU HG3  H N N 134 
GLU HE2  H N N 135 
GLU HXT  H N N 136 
GLY N    N N N 137 
GLY CA   C N N 138 
GLY C    C N N 139 
GLY O    O N N 140 
GLY OXT  O N N 141 
GLY H    H N N 142 
GLY H2   H N N 143 
GLY HA2  H N N 144 
GLY HA3  H N N 145 
GLY HXT  H N N 146 
HOH O    O N N 147 
HOH H1   H N N 148 
HOH H2   H N N 149 
ILE N    N N N 150 
ILE CA   C N S 151 
ILE C    C N N 152 
ILE O    O N N 153 
ILE CB   C N S 154 
ILE CG1  C N N 155 
ILE CG2  C N N 156 
ILE CD1  C N N 157 
ILE OXT  O N N 158 
ILE H    H N N 159 
ILE H2   H N N 160 
ILE HA   H N N 161 
ILE HB   H N N 162 
ILE HG12 H N N 163 
ILE HG13 H N N 164 
ILE HG21 H N N 165 
ILE HG22 H N N 166 
ILE HG23 H N N 167 
ILE HD11 H N N 168 
ILE HD12 H N N 169 
ILE HD13 H N N 170 
ILE HXT  H N N 171 
LEU N    N N N 172 
LEU CA   C N S 173 
LEU C    C N N 174 
LEU O    O N N 175 
LEU CB   C N N 176 
LEU CG   C N N 177 
LEU CD1  C N N 178 
LEU CD2  C N N 179 
LEU OXT  O N N 180 
LEU H    H N N 181 
LEU H2   H N N 182 
LEU HA   H N N 183 
LEU HB2  H N N 184 
LEU HB3  H N N 185 
LEU HG   H N N 186 
LEU HD11 H N N 187 
LEU HD12 H N N 188 
LEU HD13 H N N 189 
LEU HD21 H N N 190 
LEU HD22 H N N 191 
LEU HD23 H N N 192 
LEU HXT  H N N 193 
LYS N    N N N 194 
LYS CA   C N S 195 
LYS C    C N N 196 
LYS O    O N N 197 
LYS CB   C N N 198 
LYS CG   C N N 199 
LYS CD   C N N 200 
LYS CE   C N N 201 
LYS NZ   N N N 202 
LYS OXT  O N N 203 
LYS H    H N N 204 
LYS H2   H N N 205 
LYS HA   H N N 206 
LYS HB2  H N N 207 
LYS HB3  H N N 208 
LYS HG2  H N N 209 
LYS HG3  H N N 210 
LYS HD2  H N N 211 
LYS HD3  H N N 212 
LYS HE2  H N N 213 
LYS HE3  H N N 214 
LYS HZ1  H N N 215 
LYS HZ2  H N N 216 
LYS HZ3  H N N 217 
LYS HXT  H N N 218 
NH2 N    N N N 219 
NH2 HN1  H N N 220 
NH2 HN2  H N N 221 
PHE N    N N N 222 
PHE CA   C N S 223 
PHE C    C N N 224 
PHE O    O N N 225 
PHE CB   C N N 226 
PHE CG   C Y N 227 
PHE CD1  C Y N 228 
PHE CD2  C Y N 229 
PHE CE1  C Y N 230 
PHE CE2  C Y N 231 
PHE CZ   C Y N 232 
PHE OXT  O N N 233 
PHE H    H N N 234 
PHE H2   H N N 235 
PHE HA   H N N 236 
PHE HB2  H N N 237 
PHE HB3  H N N 238 
PHE HD1  H N N 239 
PHE HD2  H N N 240 
PHE HE1  H N N 241 
PHE HE2  H N N 242 
PHE HZ   H N N 243 
PHE HXT  H N N 244 
PRO N    N N N 245 
PRO CA   C N S 246 
PRO C    C N N 247 
PRO O    O N N 248 
PRO CB   C N N 249 
PRO CG   C N N 250 
PRO CD   C N N 251 
PRO OXT  O N N 252 
PRO H    H N N 253 
PRO HA   H N N 254 
PRO HB2  H N N 255 
PRO HB3  H N N 256 
PRO HG2  H N N 257 
PRO HG3  H N N 258 
PRO HD2  H N N 259 
PRO HD3  H N N 260 
PRO HXT  H N N 261 
SER N    N N N 262 
SER CA   C N S 263 
SER C    C N N 264 
SER O    O N N 265 
SER CB   C N N 266 
SER OG   O N N 267 
SER OXT  O N N 268 
SER H    H N N 269 
SER H2   H N N 270 
SER HA   H N N 271 
SER HB2  H N N 272 
SER HB3  H N N 273 
SER HG   H N N 274 
SER HXT  H N N 275 
THR N    N N N 276 
THR CA   C N S 277 
THR C    C N N 278 
THR O    O N N 279 
THR CB   C N R 280 
THR OG1  O N N 281 
THR CG2  C N N 282 
THR OXT  O N N 283 
THR H    H N N 284 
THR H2   H N N 285 
THR HA   H N N 286 
THR HB   H N N 287 
THR HG1  H N N 288 
THR HG21 H N N 289 
THR HG22 H N N 290 
THR HG23 H N N 291 
THR HXT  H N N 292 
TRP N    N N N 293 
TRP CA   C N S 294 
TRP C    C N N 295 
TRP O    O N N 296 
TRP CB   C N N 297 
TRP CG   C Y N 298 
TRP CD1  C Y N 299 
TRP CD2  C Y N 300 
TRP NE1  N Y N 301 
TRP CE2  C Y N 302 
TRP CE3  C Y N 303 
TRP CZ2  C Y N 304 
TRP CZ3  C Y N 305 
TRP CH2  C Y N 306 
TRP OXT  O N N 307 
TRP H    H N N 308 
TRP H2   H N N 309 
TRP HA   H N N 310 
TRP HB2  H N N 311 
TRP HB3  H N N 312 
TRP HD1  H N N 313 
TRP HE1  H N N 314 
TRP HE3  H N N 315 
TRP HZ2  H N N 316 
TRP HZ3  H N N 317 
TRP HH2  H N N 318 
TRP HXT  H N N 319 
TYR N    N N N 320 
TYR CA   C N S 321 
TYR C    C N N 322 
TYR O    O N N 323 
TYR CB   C N N 324 
TYR CG   C Y N 325 
TYR CD1  C Y N 326 
TYR CD2  C Y N 327 
TYR CE1  C Y N 328 
TYR CE2  C Y N 329 
TYR CZ   C Y N 330 
TYR OH   O N N 331 
TYR OXT  O N N 332 
TYR H    H N N 333 
TYR H2   H N N 334 
TYR HA   H N N 335 
TYR HB2  H N N 336 
TYR HB3  H N N 337 
TYR HD1  H N N 338 
TYR HD2  H N N 339 
TYR HE1  H N N 340 
TYR HE2  H N N 341 
TYR HH   H N N 342 
TYR HXT  H N N 343 
VAL N    N N N 344 
VAL CA   C N S 345 
VAL C    C N N 346 
VAL O    O N N 347 
VAL CB   C N N 348 
VAL CG1  C N N 349 
VAL CG2  C N N 350 
VAL OXT  O N N 351 
VAL H    H N N 352 
VAL H2   H N N 353 
VAL HA   H N N 354 
VAL HB   H N N 355 
VAL HG11 H N N 356 
VAL HG12 H N N 357 
VAL HG13 H N N 358 
VAL HG21 H N N 359 
VAL HG22 H N N 360 
VAL HG23 H N N 361 
VAL HXT  H N N 362 
# 
loop_
_chem_comp_bond.comp_id 
_chem_comp_bond.atom_id_1 
_chem_comp_bond.atom_id_2 
_chem_comp_bond.value_order 
_chem_comp_bond.pdbx_aromatic_flag 
_chem_comp_bond.pdbx_stereo_config 
_chem_comp_bond.pdbx_ordinal 
ALA N   CA   sing N N 1   
ALA N   H    sing N N 2   
ALA N   H2   sing N N 3   
ALA CA  C    sing N N 4   
ALA CA  CB   sing N N 5   
ALA CA  HA   sing N N 6   
ALA C   O    doub N N 7   
ALA C   OXT  sing N N 8   
ALA CB  HB1  sing N N 9   
ALA CB  HB2  sing N N 10  
ALA CB  HB3  sing N N 11  
ALA OXT HXT  sing N N 12  
ARG N   CA   sing N N 13  
ARG N   H    sing N N 14  
ARG N   H2   sing N N 15  
ARG CA  C    sing N N 16  
ARG CA  CB   sing N N 17  
ARG CA  HA   sing N N 18  
ARG C   O    doub N N 19  
ARG C   OXT  sing N N 20  
ARG CB  CG   sing N N 21  
ARG CB  HB2  sing N N 22  
ARG CB  HB3  sing N N 23  
ARG CG  CD   sing N N 24  
ARG CG  HG2  sing N N 25  
ARG CG  HG3  sing N N 26  
ARG CD  NE   sing N N 27  
ARG CD  HD2  sing N N 28  
ARG CD  HD3  sing N N 29  
ARG NE  CZ   sing N N 30  
ARG NE  HE   sing N N 31  
ARG CZ  NH1  sing N N 32  
ARG CZ  NH2  doub N N 33  
ARG NH1 HH11 sing N N 34  
ARG NH1 HH12 sing N N 35  
ARG NH2 HH21 sing N N 36  
ARG NH2 HH22 sing N N 37  
ARG OXT HXT  sing N N 38  
ASN N   CA   sing N N 39  
ASN N   H    sing N N 40  
ASN N   H2   sing N N 41  
ASN CA  C    sing N N 42  
ASN CA  CB   sing N N 43  
ASN CA  HA   sing N N 44  
ASN C   O    doub N N 45  
ASN C   OXT  sing N N 46  
ASN CB  CG   sing N N 47  
ASN CB  HB2  sing N N 48  
ASN CB  HB3  sing N N 49  
ASN CG  OD1  doub N N 50  
ASN CG  ND2  sing N N 51  
ASN ND2 HD21 sing N N 52  
ASN ND2 HD22 sing N N 53  
ASN OXT HXT  sing N N 54  
ASP N   CA   sing N N 55  
ASP N   H    sing N N 56  
ASP N   H2   sing N N 57  
ASP CA  C    sing N N 58  
ASP CA  CB   sing N N 59  
ASP CA  HA   sing N N 60  
ASP C   O    doub N N 61  
ASP C   OXT  sing N N 62  
ASP CB  CG   sing N N 63  
ASP CB  HB2  sing N N 64  
ASP CB  HB3  sing N N 65  
ASP CG  OD1  doub N N 66  
ASP CG  OD2  sing N N 67  
ASP OD2 HD2  sing N N 68  
ASP OXT HXT  sing N N 69  
CYS N   CA   sing N N 70  
CYS N   H    sing N N 71  
CYS N   H2   sing N N 72  
CYS CA  C    sing N N 73  
CYS CA  CB   sing N N 74  
CYS CA  HA   sing N N 75  
CYS C   O    doub N N 76  
CYS C   OXT  sing N N 77  
CYS CB  SG   sing N N 78  
CYS CB  HB2  sing N N 79  
CYS CB  HB3  sing N N 80  
CYS SG  HG   sing N N 81  
CYS OXT HXT  sing N N 82  
EDO C1  O1   sing N N 83  
EDO C1  C2   sing N N 84  
EDO C1  H11  sing N N 85  
EDO C1  H12  sing N N 86  
EDO O1  HO1  sing N N 87  
EDO C2  O2   sing N N 88  
EDO C2  H21  sing N N 89  
EDO C2  H22  sing N N 90  
EDO O2  HO2  sing N N 91  
GLN N   CA   sing N N 92  
GLN N   H    sing N N 93  
GLN N   H2   sing N N 94  
GLN CA  C    sing N N 95  
GLN CA  CB   sing N N 96  
GLN CA  HA   sing N N 97  
GLN C   O    doub N N 98  
GLN C   OXT  sing N N 99  
GLN CB  CG   sing N N 100 
GLN CB  HB2  sing N N 101 
GLN CB  HB3  sing N N 102 
GLN CG  CD   sing N N 103 
GLN CG  HG2  sing N N 104 
GLN CG  HG3  sing N N 105 
GLN CD  OE1  doub N N 106 
GLN CD  NE2  sing N N 107 
GLN NE2 HE21 sing N N 108 
GLN NE2 HE22 sing N N 109 
GLN OXT HXT  sing N N 110 
GLU N   CA   sing N N 111 
GLU N   H    sing N N 112 
GLU N   H2   sing N N 113 
GLU CA  C    sing N N 114 
GLU CA  CB   sing N N 115 
GLU CA  HA   sing N N 116 
GLU C   O    doub N N 117 
GLU C   OXT  sing N N 118 
GLU CB  CG   sing N N 119 
GLU CB  HB2  sing N N 120 
GLU CB  HB3  sing N N 121 
GLU CG  CD   sing N N 122 
GLU CG  HG2  sing N N 123 
GLU CG  HG3  sing N N 124 
GLU CD  OE1  doub N N 125 
GLU CD  OE2  sing N N 126 
GLU OE2 HE2  sing N N 127 
GLU OXT HXT  sing N N 128 
GLY N   CA   sing N N 129 
GLY N   H    sing N N 130 
GLY N   H2   sing N N 131 
GLY CA  C    sing N N 132 
GLY CA  HA2  sing N N 133 
GLY CA  HA3  sing N N 134 
GLY C   O    doub N N 135 
GLY C   OXT  sing N N 136 
GLY OXT HXT  sing N N 137 
HOH O   H1   sing N N 138 
HOH O   H2   sing N N 139 
ILE N   CA   sing N N 140 
ILE N   H    sing N N 141 
ILE N   H2   sing N N 142 
ILE CA  C    sing N N 143 
ILE CA  CB   sing N N 144 
ILE CA  HA   sing N N 145 
ILE C   O    doub N N 146 
ILE C   OXT  sing N N 147 
ILE CB  CG1  sing N N 148 
ILE CB  CG2  sing N N 149 
ILE CB  HB   sing N N 150 
ILE CG1 CD1  sing N N 151 
ILE CG1 HG12 sing N N 152 
ILE CG1 HG13 sing N N 153 
ILE CG2 HG21 sing N N 154 
ILE CG2 HG22 sing N N 155 
ILE CG2 HG23 sing N N 156 
ILE CD1 HD11 sing N N 157 
ILE CD1 HD12 sing N N 158 
ILE CD1 HD13 sing N N 159 
ILE OXT HXT  sing N N 160 
LEU N   CA   sing N N 161 
LEU N   H    sing N N 162 
LEU N   H2   sing N N 163 
LEU CA  C    sing N N 164 
LEU CA  CB   sing N N 165 
LEU CA  HA   sing N N 166 
LEU C   O    doub N N 167 
LEU C   OXT  sing N N 168 
LEU CB  CG   sing N N 169 
LEU CB  HB2  sing N N 170 
LEU CB  HB3  sing N N 171 
LEU CG  CD1  sing N N 172 
LEU CG  CD2  sing N N 173 
LEU CG  HG   sing N N 174 
LEU CD1 HD11 sing N N 175 
LEU CD1 HD12 sing N N 176 
LEU CD1 HD13 sing N N 177 
LEU CD2 HD21 sing N N 178 
LEU CD2 HD22 sing N N 179 
LEU CD2 HD23 sing N N 180 
LEU OXT HXT  sing N N 181 
LYS N   CA   sing N N 182 
LYS N   H    sing N N 183 
LYS N   H2   sing N N 184 
LYS CA  C    sing N N 185 
LYS CA  CB   sing N N 186 
LYS CA  HA   sing N N 187 
LYS C   O    doub N N 188 
LYS C   OXT  sing N N 189 
LYS CB  CG   sing N N 190 
LYS CB  HB2  sing N N 191 
LYS CB  HB3  sing N N 192 
LYS CG  CD   sing N N 193 
LYS CG  HG2  sing N N 194 
LYS CG  HG3  sing N N 195 
LYS CD  CE   sing N N 196 
LYS CD  HD2  sing N N 197 
LYS CD  HD3  sing N N 198 
LYS CE  NZ   sing N N 199 
LYS CE  HE2  sing N N 200 
LYS CE  HE3  sing N N 201 
LYS NZ  HZ1  sing N N 202 
LYS NZ  HZ2  sing N N 203 
LYS NZ  HZ3  sing N N 204 
LYS OXT HXT  sing N N 205 
NH2 N   HN1  sing N N 206 
NH2 N   HN2  sing N N 207 
PHE N   CA   sing N N 208 
PHE N   H    sing N N 209 
PHE N   H2   sing N N 210 
PHE CA  C    sing N N 211 
PHE CA  CB   sing N N 212 
PHE CA  HA   sing N N 213 
PHE C   O    doub N N 214 
PHE C   OXT  sing N N 215 
PHE CB  CG   sing N N 216 
PHE CB  HB2  sing N N 217 
PHE CB  HB3  sing N N 218 
PHE CG  CD1  doub Y N 219 
PHE CG  CD2  sing Y N 220 
PHE CD1 CE1  sing Y N 221 
PHE CD1 HD1  sing N N 222 
PHE CD2 CE2  doub Y N 223 
PHE CD2 HD2  sing N N 224 
PHE CE1 CZ   doub Y N 225 
PHE CE1 HE1  sing N N 226 
PHE CE2 CZ   sing Y N 227 
PHE CE2 HE2  sing N N 228 
PHE CZ  HZ   sing N N 229 
PHE OXT HXT  sing N N 230 
PRO N   CA   sing N N 231 
PRO N   CD   sing N N 232 
PRO N   H    sing N N 233 
PRO CA  C    sing N N 234 
PRO CA  CB   sing N N 235 
PRO CA  HA   sing N N 236 
PRO C   O    doub N N 237 
PRO C   OXT  sing N N 238 
PRO CB  CG   sing N N 239 
PRO CB  HB2  sing N N 240 
PRO CB  HB3  sing N N 241 
PRO CG  CD   sing N N 242 
PRO CG  HG2  sing N N 243 
PRO CG  HG3  sing N N 244 
PRO CD  HD2  sing N N 245 
PRO CD  HD3  sing N N 246 
PRO OXT HXT  sing N N 247 
SER N   CA   sing N N 248 
SER N   H    sing N N 249 
SER N   H2   sing N N 250 
SER CA  C    sing N N 251 
SER CA  CB   sing N N 252 
SER CA  HA   sing N N 253 
SER C   O    doub N N 254 
SER C   OXT  sing N N 255 
SER CB  OG   sing N N 256 
SER CB  HB2  sing N N 257 
SER CB  HB3  sing N N 258 
SER OG  HG   sing N N 259 
SER OXT HXT  sing N N 260 
THR N   CA   sing N N 261 
THR N   H    sing N N 262 
THR N   H2   sing N N 263 
THR CA  C    sing N N 264 
THR CA  CB   sing N N 265 
THR CA  HA   sing N N 266 
THR C   O    doub N N 267 
THR C   OXT  sing N N 268 
THR CB  OG1  sing N N 269 
THR CB  CG2  sing N N 270 
THR CB  HB   sing N N 271 
THR OG1 HG1  sing N N 272 
THR CG2 HG21 sing N N 273 
THR CG2 HG22 sing N N 274 
THR CG2 HG23 sing N N 275 
THR OXT HXT  sing N N 276 
TRP N   CA   sing N N 277 
TRP N   H    sing N N 278 
TRP N   H2   sing N N 279 
TRP CA  C    sing N N 280 
TRP CA  CB   sing N N 281 
TRP CA  HA   sing N N 282 
TRP C   O    doub N N 283 
TRP C   OXT  sing N N 284 
TRP CB  CG   sing N N 285 
TRP CB  HB2  sing N N 286 
TRP CB  HB3  sing N N 287 
TRP CG  CD1  doub Y N 288 
TRP CG  CD2  sing Y N 289 
TRP CD1 NE1  sing Y N 290 
TRP CD1 HD1  sing N N 291 
TRP CD2 CE2  doub Y N 292 
TRP CD2 CE3  sing Y N 293 
TRP NE1 CE2  sing Y N 294 
TRP NE1 HE1  sing N N 295 
TRP CE2 CZ2  sing Y N 296 
TRP CE3 CZ3  doub Y N 297 
TRP CE3 HE3  sing N N 298 
TRP CZ2 CH2  doub Y N 299 
TRP CZ2 HZ2  sing N N 300 
TRP CZ3 CH2  sing Y N 301 
TRP CZ3 HZ3  sing N N 302 
TRP CH2 HH2  sing N N 303 
TRP OXT HXT  sing N N 304 
TYR N   CA   sing N N 305 
TYR N   H    sing N N 306 
TYR N   H2   sing N N 307 
TYR CA  C    sing N N 308 
TYR CA  CB   sing N N 309 
TYR CA  HA   sing N N 310 
TYR C   O    doub N N 311 
TYR C   OXT  sing N N 312 
TYR CB  CG   sing N N 313 
TYR CB  HB2  sing N N 314 
TYR CB  HB3  sing N N 315 
TYR CG  CD1  doub Y N 316 
TYR CG  CD2  sing Y N 317 
TYR CD1 CE1  sing Y N 318 
TYR CD1 HD1  sing N N 319 
TYR CD2 CE2  doub Y N 320 
TYR CD2 HD2  sing N N 321 
TYR CE1 CZ   doub Y N 322 
TYR CE1 HE1  sing N N 323 
TYR CE2 CZ   sing Y N 324 
TYR CE2 HE2  sing N N 325 
TYR CZ  OH   sing N N 326 
TYR OH  HH   sing N N 327 
TYR OXT HXT  sing N N 328 
VAL N   CA   sing N N 329 
VAL N   H    sing N N 330 
VAL N   H2   sing N N 331 
VAL CA  C    sing N N 332 
VAL CA  CB   sing N N 333 
VAL CA  HA   sing N N 334 
VAL C   O    doub N N 335 
VAL C   OXT  sing N N 336 
VAL CB  CG1  sing N N 337 
VAL CB  CG2  sing N N 338 
VAL CB  HB   sing N N 339 
VAL CG1 HG11 sing N N 340 
VAL CG1 HG12 sing N N 341 
VAL CG1 HG13 sing N N 342 
VAL CG2 HG21 sing N N 343 
VAL CG2 HG22 sing N N 344 
VAL CG2 HG23 sing N N 345 
VAL OXT HXT  sing N N 346 
# 
loop_
_pdbx_initial_refinement_model.id 
_pdbx_initial_refinement_model.entity_id_list 
_pdbx_initial_refinement_model.type 
_pdbx_initial_refinement_model.source_name 
_pdbx_initial_refinement_model.accession_code 
_pdbx_initial_refinement_model.details 
1 ? 'experimental model' PDB 2G6F 'pdb entries 2G6F, 1OEB, 2AK5, 2FEI, 3IQL' 
2 ? 'experimental model' PDB 1OEB 'pdb entries 2G6F, 1OEB, 2AK5, 2FEI, 3IQL' 
3 ? 'experimental model' PDB 2AK5 'pdb entries 2G6F, 1OEB, 2AK5, 2FEI, 3IQL' 
4 ? 'experimental model' PDB 2FEI 'pdb entries 2G6F, 1OEB, 2AK5, 2FEI, 3IQL' 
5 ? 'experimental model' PDB 3IQL 'pdb entries 2G6F, 1OEB, 2AK5, 2FEI, 3IQL' 
# 
_atom_sites.entry_id                    3U23 
_atom_sites.fract_transf_matrix[1][1]   0.00696946 
_atom_sites.fract_transf_matrix[1][2]   -0.00000291 
_atom_sites.fract_transf_matrix[1][3]   -0.01750438 
_atom_sites.fract_transf_matrix[2][1]   -0.02817999 
_atom_sites.fract_transf_matrix[2][2]   -0.00735889 
_atom_sites.fract_transf_matrix[2][3]   -0.01121879 
_atom_sites.fract_transf_matrix[3][1]   -0.00516724 
_atom_sites.fract_transf_matrix[3][2]   0.02480371 
_atom_sites.fract_transf_matrix[3][3]   -0.00329045 
_atom_sites.fract_transf_vector[1]      0.187510 
_atom_sites.fract_transf_vector[2]      0.044831 
_atom_sites.fract_transf_vector[3]      0.246076 
# 
loop_
_atom_type.symbol 
C 
N 
O 
S 
# 
loop_
_atom_site.group_PDB 
_atom_site.id 
_atom_site.type_symbol 
_atom_site.label_atom_id 
_atom_site.label_alt_id 
_atom_site.label_comp_id 
_atom_site.label_asym_id 
_atom_site.label_entity_id 
_atom_site.label_seq_id 
_atom_site.pdbx_PDB_ins_code 
_atom_site.Cartn_x 
_atom_site.Cartn_y 
_atom_site.Cartn_z 
_atom_site.occupancy 
_atom_site.B_iso_or_equiv 
_atom_site.pdbx_formal_charge 
_atom_site.auth_seq_id 
_atom_site.auth_comp_id 
_atom_site.auth_asym_id 
_atom_site.auth_atom_id 
_atom_site.pdbx_PDB_model_num 
ATOM   1   N N   . ARG A 1 8  ? -4.414  13.223  1.309   1.00 29.08  ? 111 ARG A N   1 
ATOM   2   C CA  . ARG A 1 8  ? -3.506  12.472  2.262   1.00 27.02  ? 111 ARG A CA  1 
ATOM   3   C C   . ARG A 1 8  ? -2.422  11.708  1.532   1.00 23.35  ? 111 ARG A C   1 
ATOM   4   O O   . ARG A 1 8  ? -2.718  11.094  0.559   1.00 24.70  ? 111 ARG A O   1 
ATOM   5   C CB  . ARG A 1 8  ? -4.243  11.435  3.152   1.00 29.06  ? 111 ARG A CB  1 
ATOM   6   C CG  . ARG A 1 8  ? -5.399  11.908  4.018   1.00 33.91  ? 111 ARG A CG  1 
ATOM   7   C CD  . ARG A 1 8  ? -6.195  10.740  4.648   0.42 38.70  ? 111 ARG A CD  1 
ATOM   8   N NE  . ARG A 1 8  ? -5.413  9.900   5.554   1.00 43.48  ? 111 ARG A NE  1 
ATOM   9   C CZ  . ARG A 1 8  ? -5.897  8.904   6.308   0.54 48.25  ? 111 ARG A CZ  1 
ATOM   10  N NH1 . ARG A 1 8  ? -7.181  8.620   6.307   0.99 51.16  ? 111 ARG A NH1 1 
ATOM   11  N NH2 . ARG A 1 8  ? -5.106  8.195   7.105   1.00 49.54  ? 111 ARG A NH2 1 
ATOM   12  N N   . GLN A 1 9  ? -1.189  11.802  2.001   1.00 20.87  ? 112 GLN A N   1 
ATOM   13  C CA  . GLN A 1 9  ? -0.050  11.177  1.372   1.00 19.97  ? 112 GLN A CA  1 
ATOM   14  C C   . GLN A 1 9  ? 0.800   10.454  2.395   1.00 18.39  ? 112 GLN A C   1 
ATOM   15  O O   . GLN A 1 9  ? 0.790   10.791  3.586   1.00 19.61  ? 112 GLN A O   1 
ATOM   16  C CB  . GLN A 1 9  ? 0.837   12.170  0.568   1.00 20.41  ? 112 GLN A CB  1 
ATOM   17  C CG  . GLN A 1 9  ? 0.109   12.856  -0.610  1.00 24.84  ? 112 GLN A CG  1 
ATOM   18  C CD  . GLN A 1 9  ? 0.868   14.008  -1.137  1.00 28.62  ? 112 GLN A CD  1 
ATOM   19  O OE1 . GLN A 1 9  ? 0.951   15.053  -0.471  1.00 37.13  ? 112 GLN A OE1 1 
ATOM   20  N NE2 . GLN A 1 9  ? 1.473   13.848  -2.283  1.00 27.97  ? 112 GLN A NE2 1 
ATOM   21  N N   . CYS A 1 10 ? 1.509   9.445   1.925   1.00 16.66  ? 113 CYS A N   1 
ATOM   22  C CA  . CYS A 1 10 ? 2.470   8.734   2.796   1.00 15.07  ? 113 CYS A CA  1 
ATOM   23  C C   . CYS A 1 10 ? 3.710   8.433   2.060   1.00 14.73  ? 113 CYS A C   1 
ATOM   24  O O   . CYS A 1 10 ? 3.793   8.464   0.832   1.00 15.83  ? 113 CYS A O   1 
ATOM   25  C CB  . CYS A 1 10 ? 1.810   7.439   3.339   1.00 14.75  ? 113 CYS A CB  1 
ATOM   26  S SG  . CYS A 1 10 ? 1.330   6.243   2.096   1.00 15.77  ? 113 CYS A SG  1 
ATOM   27  N N   . LYS A 1 11 ? 4.765   8.190   2.834   1.00 14.17  ? 114 LYS A N   1 
ATOM   28  C CA  A LYS A 1 11 ? 6.086   7.853   2.319   0.50 13.69  ? 114 LYS A CA  1 
ATOM   29  C CA  B LYS A 1 11 ? 6.096   7.846   2.307   0.50 14.20  ? 114 LYS A CA  1 
ATOM   30  C C   . LYS A 1 11 ? 6.413   6.378   2.665   1.00 12.26  ? 114 LYS A C   1 
ATOM   31  O O   . LYS A 1 11 ? 6.178   5.948   3.811   1.00 13.60  ? 114 LYS A O   1 
ATOM   32  C CB  A LYS A 1 11 ? 7.090   8.795   2.985   0.50 14.57  ? 114 LYS A CB  1 
ATOM   33  C CB  B LYS A 1 11 ? 7.169   8.785   2.904   0.50 15.51  ? 114 LYS A CB  1 
ATOM   34  C CG  A LYS A 1 11 ? 8.510   8.590   2.544   0.50 15.45  ? 114 LYS A CG  1 
ATOM   35  C CG  B LYS A 1 11 ? 7.351   8.668   4.451   0.50 19.40  ? 114 LYS A CG  1 
ATOM   36  C CD  A LYS A 1 11 ? 9.459   9.685   3.169   0.50 21.90  ? 114 LYS A CD  1 
ATOM   37  C CD  B LYS A 1 11 ? 8.471   9.626   4.992   0.50 23.60  ? 114 LYS A CD  1 
ATOM   38  C CE  A LYS A 1 11 ? 10.698  9.613   2.401   0.50 21.05  ? 114 LYS A CE  1 
ATOM   39  C CE  B LYS A 1 11 ? 8.572   9.649   6.552   0.50 24.82  ? 114 LYS A CE  1 
ATOM   40  N NZ  A LYS A 1 11 ? 10.331  10.433  1.203   0.50 27.84  ? 114 LYS A NZ  1 
ATOM   41  N NZ  B LYS A 1 11 ? 8.936   10.978  7.225   0.50 25.40  ? 114 LYS A NZ  1 
ATOM   42  N N   . VAL A 1 12 ? 6.927   5.703   1.684   1.00 12.14  ? 115 VAL A N   1 
ATOM   43  C CA  . VAL A 1 12 ? 7.273   4.267   1.874   1.00 11.85  ? 115 VAL A CA  1 
ATOM   44  C C   . VAL A 1 12 ? 8.600   4.170   2.643   1.00 12.84  ? 115 VAL A C   1 
ATOM   45  O O   . VAL A 1 12 ? 9.592   4.801   2.278   1.00 13.38  ? 115 VAL A O   1 
ATOM   46  C CB  . VAL A 1 12 ? 7.422   3.598   0.526   1.00 12.00  ? 115 VAL A CB  1 
ATOM   47  C CG1 . VAL A 1 12 ? 7.989   2.171   0.665   1.00 12.99  ? 115 VAL A CG1 1 
ATOM   48  C CG2 . VAL A 1 12 ? 6.091   3.575   -0.217  1.00 13.25  ? 115 VAL A CG2 1 
ATOM   49  N N   . LEU A 1 13 ? 8.527   3.462   3.767   1.00 12.06  ? 116 LEU A N   1 
ATOM   50  C CA  . LEU A 1 13 ? 9.670   3.223   4.635   1.00 13.02  ? 116 LEU A CA  1 
ATOM   51  C C   . LEU A 1 13 ? 10.463  1.972   4.314   1.00 12.72  ? 116 LEU A C   1 
ATOM   52  O O   . LEU A 1 13 ? 11.629  1.911   4.611   1.00 14.23  ? 116 LEU A O   1 
ATOM   53  C CB  . LEU A 1 13 ? 9.199   3.205   6.029   1.00 14.63  ? 116 LEU A CB  1 
ATOM   54  C CG  . LEU A 1 13 ? 8.496   4.385   6.666   1.00 16.48  ? 116 LEU A CG  1 
ATOM   55  C CD1 . LEU A 1 13 ? 8.090   4.171   8.078   1.00 22.19  ? 116 LEU A CD1 1 
ATOM   56  C CD2 . LEU A 1 13 ? 9.303   5.642   6.495   1.00 22.69  ? 116 LEU A CD2 1 
ATOM   57  N N   . PHE A 1 14 ? 9.787   0.976   3.750   1.00 13.09  ? 117 PHE A N   1 
ATOM   58  C CA  . PHE A 1 14 ? 10.333  -0.344  3.446   1.00 12.71  ? 117 PHE A CA  1 
ATOM   59  C C   . PHE A 1 14 ? 9.889   -0.830  2.105   1.00 11.60  ? 117 PHE A C   1 
ATOM   60  O O   . PHE A 1 14 ? 8.717   -0.628  1.756   1.00 12.61  ? 117 PHE A O   1 
ATOM   61  C CB  . PHE A 1 14 ? 9.845   -1.335  4.537   1.00 13.94  ? 117 PHE A CB  1 
ATOM   62  C CG  . PHE A 1 14 ? 10.359  -1.002  5.880   1.00 16.18  ? 117 PHE A CG  1 
ATOM   63  C CD1 . PHE A 1 14 ? 11.642  -1.370  6.235   1.00 19.52  ? 117 PHE A CD1 1 
ATOM   64  C CD2 . PHE A 1 14 ? 9.582   -0.298  6.787   1.00 18.13  ? 117 PHE A CD2 1 
ATOM   65  C CE1 . PHE A 1 14 ? 12.118  -1.045  7.479   1.00 23.18  ? 117 PHE A CE1 1 
ATOM   66  C CE2 . PHE A 1 14 ? 10.074  0.067   8.049   1.00 25.44  ? 117 PHE A CE2 1 
ATOM   67  C CZ  . PHE A 1 14 ? 11.346  -0.320  8.373   1.00 25.74  ? 117 PHE A CZ  1 
ATOM   68  N N   . GLU A 1 15 ? 10.717  -1.522  1.399   1.00 12.33  ? 118 GLU A N   1 
ATOM   69  C CA  . GLU A 1 15 ? 10.416  -2.139  0.131   1.00 12.13  ? 118 GLU A CA  1 
ATOM   70  C C   . GLU A 1 15 ? 9.282   -3.118  0.240   1.00 11.47  ? 118 GLU A C   1 
ATOM   71  O O   . GLU A 1 15 ? 9.125   -3.809  1.252   1.00 12.05  ? 118 GLU A O   1 
ATOM   72  C CB  . GLU A 1 15 ? 11.683  -2.909  -0.355  1.00 13.51  ? 118 GLU A CB  1 
ATOM   73  C CG  . GLU A 1 15 ? 11.556  -3.485  -1.743  1.00 15.34  ? 118 GLU A CG  1 
ATOM   74  C CD  . GLU A 1 15 ? 12.855  -3.912  -2.420  1.00 19.43  ? 118 GLU A CD  1 
ATOM   75  O OE1 . GLU A 1 15 ? 13.710  -4.452  -1.776  1.00 19.43  ? 118 GLU A OE1 1 
ATOM   76  O OE2 . GLU A 1 15 ? 12.975  -3.847  -3.694  1.00 26.74  ? 118 GLU A OE2 1 
ATOM   77  N N   . TYR A 1 16 ? 8.456   -3.190  -0.805  1.00 11.97  ? 119 TYR A N   1 
ATOM   78  C CA  . TYR A 1 16 ? 7.420   -4.229  -0.850  1.00 11.65  ? 119 TYR A CA  1 
ATOM   79  C C   . TYR A 1 16 ? 7.359   -4.797  -2.220  1.00 11.64  ? 119 TYR A C   1 
ATOM   80  O O   . TYR A 1 16 ? 7.046   -4.134  -3.216  1.00 12.67  ? 119 TYR A O   1 
ATOM   81  C CB  . TYR A 1 16 ? 6.046   -3.671  -0.478  1.00 11.57  ? 119 TYR A CB  1 
ATOM   82  C CG  . TYR A 1 16 ? 5.005   -4.768  -0.493  1.00 11.93  ? 119 TYR A CG  1 
ATOM   83  C CD1 . TYR A 1 16 ? 5.046   -5.788  0.474   1.00 13.51  ? 119 TYR A CD1 1 
ATOM   84  C CD2 . TYR A 1 16 ? 3.964   -4.765  -1.368  1.00 12.04  ? 119 TYR A CD2 1 
ATOM   85  C CE1 . TYR A 1 16 ? 4.131   -6.855  0.431   1.00 13.58  ? 119 TYR A CE1 1 
ATOM   86  C CE2 . TYR A 1 16 ? 3.022   -5.785  -1.371  1.00 11.88  ? 119 TYR A CE2 1 
ATOM   87  C CZ  . TYR A 1 16 ? 3.100   -6.818  -0.486  1.00 13.05  ? 119 TYR A CZ  1 
ATOM   88  O OH  . TYR A 1 16 ? 2.240   -7.890  -0.516  1.00 13.13  ? 119 TYR A OH  1 
ATOM   89  N N   . ILE A 1 17 ? 7.614   -6.122  -2.316  1.00 11.77  ? 120 ILE A N   1 
ATOM   90  C CA  . ILE A 1 17 ? 7.481   -6.900  -3.483  1.00 12.82  ? 120 ILE A CA  1 
ATOM   91  C C   . ILE A 1 17 ? 6.112   -7.549  -3.537  1.00 12.07  ? 120 ILE A C   1 
ATOM   92  O O   . ILE A 1 17 ? 5.738   -8.253  -2.591  1.00 12.84  ? 120 ILE A O   1 
ATOM   93  C CB  . ILE A 1 17 ? 8.552   -8.003  -3.508  1.00 14.57  ? 120 ILE A CB  1 
ATOM   94  C CG1 . ILE A 1 17 ? 9.969   -7.382  -3.435  1.00 17.25  ? 120 ILE A CG1 1 
ATOM   95  C CG2 . ILE A 1 17 ? 8.363   -8.840  -4.719  1.00 17.06  ? 120 ILE A CG2 1 
ATOM   96  C CD1 . ILE A 1 17 ? 11.068  -8.411  -3.260  1.00 23.94  ? 120 ILE A CD1 1 
ATOM   97  N N   . PRO A 1 18 ? 5.263   -7.173  -4.492  1.00 12.17  ? 121 PRO A N   1 
ATOM   98  C CA  . PRO A 1 18 ? 3.847   -7.639  -4.476  1.00 12.09  ? 121 PRO A CA  1 
ATOM   99  C C   . PRO A 1 18 ? 3.715   -9.156  -4.445  1.00 11.99  ? 121 PRO A C   1 
ATOM   100 O O   . PRO A 1 18 ? 4.504   -9.901  -5.010  1.00 13.77  ? 121 PRO A O   1 
ATOM   101 C CB  . PRO A 1 18 ? 3.280   -7.091  -5.761  1.00 14.54  ? 121 PRO A CB  1 
ATOM   102 C CG  . PRO A 1 18 ? 4.063   -5.888  -6.081  1.00 16.04  ? 121 PRO A CG  1 
ATOM   103 C CD  . PRO A 1 18 ? 5.488   -6.261  -5.627  1.00 12.47  ? 121 PRO A CD  1 
ATOM   104 N N   . GLN A 1 19 ? 2.671   -9.569  -3.780  1.00 11.79  ? 122 GLN A N   1 
ATOM   105 C CA  . GLN A 1 19 ? 2.227   -10.957 -3.689  1.00 12.37  ? 122 GLN A CA  1 
ATOM   106 C C   . GLN A 1 19 ? 1.002   -11.238 -4.539  1.00 11.69  ? 122 GLN A C   1 
ATOM   107 O O   . GLN A 1 19 ? 0.707   -12.418 -4.787  1.00 12.31  ? 122 GLN A O   1 
ATOM   108 C CB  . GLN A 1 19 ? 1.899   -11.289 -2.249  1.00 13.40  ? 122 GLN A CB  1 
ATOM   109 C CG  . GLN A 1 19 ? 3.052   -11.238 -1.269  1.00 17.47  ? 122 GLN A CG  1 
ATOM   110 C CD  . GLN A 1 19 ? 2.498   -11.403 0.175   1.00 21.81  ? 122 GLN A CD  1 
ATOM   111 O OE1 . GLN A 1 19 ? 2.384   -10.467 0.910   1.00 25.78  ? 122 GLN A OE1 1 
ATOM   112 N NE2 . GLN A 1 19 ? 2.020   -12.610 0.522   1.00 24.34  ? 122 GLN A NE2 1 
ATOM   113 N N   . ASN A 1 20 ? 0.282   -10.215 -4.975  1.00 11.88  ? 123 ASN A N   1 
ATOM   114 C CA  . ASN A 1 20 ? -0.926  -10.310 -5.794  1.00 11.22  ? 123 ASN A CA  1 
ATOM   115 C C   . ASN A 1 20 ? -0.836  -9.172  -6.812  1.00 12.39  ? 123 ASN A C   1 
ATOM   116 O O   . ASN A 1 20 ? -0.329  -8.098  -6.476  1.00 12.95  ? 123 ASN A O   1 
ATOM   117 C CB  . ASN A 1 20 ? -2.177  -10.186 -4.940  1.00 12.64  ? 123 ASN A CB  1 
ATOM   118 C CG  . ASN A 1 20 ? -2.348  -11.316 -3.993  1.00 12.42  ? 123 ASN A CG  1 
ATOM   119 O OD1 . ASN A 1 20 ? -2.858  -12.405 -4.381  1.00 14.04  ? 123 ASN A OD1 1 
ATOM   120 N ND2 . ASN A 1 20 ? -1.914  -11.176 -2.754  1.00 13.78  ? 123 ASN A ND2 1 
ATOM   121 N N   . GLU A 1 21 ? -1.414  -9.357  -7.955  1.00 13.01  ? 124 GLU A N   1 
ATOM   122 C CA  . GLU A 1 21 ? -1.265  -8.451  -9.066  1.00 14.09  ? 124 GLU A CA  1 
ATOM   123 C C   . GLU A 1 21 ? -1.954  -7.083  -8.807  1.00 13.34  ? 124 GLU A C   1 
ATOM   124 O O   . GLU A 1 21 ? -1.586  -6.125  -9.482  1.00 16.54  ? 124 GLU A O   1 
ATOM   125 C CB  . GLU A 1 21 ? -1.762  -9.084  -10.363 1.00 17.05  ? 124 GLU A CB  1 
ATOM   126 C CG  . GLU A 1 21 ? -3.222  -9.438  -10.322 1.00 21.62  ? 124 GLU A CG  1 
ATOM   127 C CD  . GLU A 1 21 ? -4.200  -8.349  -10.601 1.00 29.53  ? 124 GLU A CD  1 
ATOM   128 O OE1 . GLU A 1 21 ? -3.800  -7.448  -11.362 1.00 33.98  ? 124 GLU A OE1 1 
ATOM   129 O OE2 . GLU A 1 21 ? -5.376  -8.451  -10.091 1.00 36.92  ? 124 GLU A OE2 1 
ATOM   130 N N   . ASP A 1 22 ? -2.882  -7.006  -7.876  1.00 12.27  ? 125 ASP A N   1 
ATOM   131 C CA  . ASP A 1 22 ? -3.569  -5.764  -7.550  1.00 13.34  ? 125 ASP A CA  1 
ATOM   132 C C   . ASP A 1 22 ? -2.808  -4.918  -6.543  1.00 13.51  ? 125 ASP A C   1 
ATOM   133 O O   . ASP A 1 22 ? -3.316  -3.870  -6.147  1.00 15.54  ? 125 ASP A O   1 
ATOM   134 C CB  . ASP A 1 22 ? -5.030  -6.040  -7.119  1.00 13.70  ? 125 ASP A CB  1 
ATOM   135 C CG  . ASP A 1 22 ? -5.143  -6.926  -5.889  1.00 14.05  ? 125 ASP A CG  1 
ATOM   136 O OD1 . ASP A 1 22 ? -4.152  -7.581  -5.482  1.00 15.72  ? 125 ASP A OD1 1 
ATOM   137 O OD2 . ASP A 1 22 ? -6.238  -6.981  -5.287  1.00 15.97  ? 125 ASP A OD2 1 
ATOM   138 N N   . GLU A 1 23 ? -1.621  -5.349  -6.108  1.00 12.50  ? 126 GLU A N   1 
ATOM   139 C CA  . GLU A 1 23 ? -0.809  -4.622  -5.109  1.00 12.55  ? 126 GLU A CA  1 
ATOM   140 C C   . GLU A 1 23 ? 0.246   -3.808  -5.845  1.00 11.92  ? 126 GLU A C   1 
ATOM   141 O O   . GLU A 1 23 ? 0.843   -4.214  -6.841  1.00 14.36  ? 126 GLU A O   1 
ATOM   142 C CB  . GLU A 1 23 ? -0.126  -5.606  -4.190  1.00 12.45  ? 126 GLU A CB  1 
ATOM   143 C CG  . GLU A 1 23 ? -1.107  -6.431  -3.367  1.00 12.27  ? 126 GLU A CG  1 
ATOM   144 C CD  . GLU A 1 23 ? -0.527  -7.594  -2.634  1.00 11.63  ? 126 GLU A CD  1 
ATOM   145 O OE1 . GLU A 1 23 ? 0.741   -7.783  -2.658  1.00 12.65  ? 126 GLU A OE1 1 
ATOM   146 O OE2 . GLU A 1 23 ? -1.288  -8.375  -2.022  1.00 12.25  ? 126 GLU A OE2 1 
ATOM   147 N N   . LEU A 1 24 ? 0.513   -2.619  -5.309  1.00 11.43  ? 127 LEU A N   1 
ATOM   148 C CA  . LEU A 1 24 ? 1.610   -1.757  -5.775  1.00 11.87  ? 127 LEU A CA  1 
ATOM   149 C C   . LEU A 1 24 ? 2.987   -2.342  -5.379  1.00 11.05  ? 127 LEU A C   1 
ATOM   150 O O   . LEU A 1 24 ? 3.130   -2.843  -4.280  1.00 13.35  ? 127 LEU A O   1 
ATOM   151 C CB  . LEU A 1 24 ? 1.499   -0.379  -5.114  1.00 11.84  ? 127 LEU A CB  1 
ATOM   152 C CG  . LEU A 1 24 ? 0.257   0.422   -5.467  1.00 12.96  ? 127 LEU A CG  1 
ATOM   153 C CD1 . LEU A 1 24 ? 0.170   1.698   -4.649  1.00 15.52  ? 127 LEU A CD1 1 
ATOM   154 C CD2 . LEU A 1 24 ? 0.232   0.745   -6.972  1.00 15.84  ? 127 LEU A CD2 1 
ATOM   155 N N   . GLU A 1 25 ? 3.921   -2.205  -6.283  1.00 12.54  ? 128 GLU A N   1 
ATOM   156 C CA  . GLU A 1 25 ? 5.336   -2.431  -5.943  1.00 13.42  ? 128 GLU A CA  1 
ATOM   157 C C   . GLU A 1 25 ? 5.832   -1.145  -5.259  1.00 13.44  ? 128 GLU A C   1 
ATOM   158 O O   . GLU A 1 25 ? 5.663   -0.070  -5.838  1.00 15.17  ? 128 GLU A O   1 
ATOM   159 C CB  . GLU A 1 25 ? 6.108   -2.678  -7.186  1.00 17.01  ? 128 GLU A CB  1 
ATOM   160 C CG  . GLU A 1 25 ? 7.573   -2.967  -6.975  1.00 25.45  ? 128 GLU A CG  1 
ATOM   161 C CD  . GLU A 1 25 ? 8.285   -3.423  -8.278  1.00 37.09  ? 128 GLU A CD  1 
ATOM   162 O OE1 . GLU A 1 25 ? 8.846   -2.569  -9.017  1.00 45.00  ? 128 GLU A OE1 1 
ATOM   163 O OE2 . GLU A 1 25 ? 8.282   -4.650  -8.546  1.00 43.52  ? 128 GLU A OE2 1 
ATOM   164 N N   . LEU A 1 26 ? 6.433   -1.270  -4.115  1.00 12.31  ? 129 LEU A N   1 
ATOM   165 C CA  . LEU A 1 26 ? 6.918   -0.133  -3.334  1.00 11.43  ? 129 LEU A CA  1 
ATOM   166 C C   . LEU A 1 26 ? 8.423   -0.179  -3.213  1.00 12.50  ? 129 LEU A C   1 
ATOM   167 O O   . LEU A 1 26 ? 9.041   -1.215  -2.942  1.00 13.44  ? 129 LEU A O   1 
ATOM   168 C CB  . LEU A 1 26 ? 6.336   -0.129  -1.976  1.00 12.03  ? 129 LEU A CB  1 
ATOM   169 C CG  . LEU A 1 26 ? 4.784   -0.229  -1.748  1.00 13.18  ? 129 LEU A CG  1 
ATOM   170 C CD1 . LEU A 1 26 ? 4.416   -0.217  -0.333  1.00 14.63  ? 129 LEU A CD1 1 
ATOM   171 C CD2 . LEU A 1 26 ? 4.107   0.819   -2.624  1.00 16.04  ? 129 LEU A CD2 1 
ATOM   172 N N   . LYS A 1 27 ? 9.018   0.999   -3.304  1.00 13.03  ? 130 LYS A N   1 
ATOM   173 C CA  . LYS A 1 27 ? 10.446  1.230   -3.074  1.00 14.16  ? 130 LYS A CA  1 
ATOM   174 C C   . LYS A 1 27 ? 10.579  2.274   -1.981  1.00 14.21  ? 130 LYS A C   1 
ATOM   175 O O   . LYS A 1 27 ? 9.769   3.202   -1.910  1.00 13.89  ? 130 LYS A O   1 
ATOM   176 C CB  . LYS A 1 27 ? 11.103  1.691   -4.343  1.00 16.54  ? 130 LYS A CB  1 
ATOM   177 C CG  . LYS A 1 27 ? 11.054  0.697   -5.496  1.00 20.61  ? 130 LYS A CG  1 
ATOM   178 C CD  . LYS A 1 27 ? 11.796  -0.641  -5.227  1.00 25.71  ? 130 LYS A CD  1 
ATOM   179 C CE  . LYS A 1 27 ? 11.772  -1.583  -6.461  1.00 30.96  ? 130 LYS A CE  1 
ATOM   180 N NZ  . LYS A 1 27 ? 12.009  -3.051  -6.156  1.00 38.60  ? 130 LYS A NZ  1 
ATOM   181 N N   . VAL A 1 28 ? 11.598  2.147   -1.138  1.00 14.65  ? 131 VAL A N   1 
ATOM   182 C CA  . VAL A 1 28 ? 11.851  3.130   -0.082  1.00 14.80  ? 131 VAL A CA  1 
ATOM   183 C C   . VAL A 1 28 ? 11.932  4.532   -0.690  1.00 14.98  ? 131 VAL A C   1 
ATOM   184 O O   . VAL A 1 28 ? 12.600  4.763   -1.656  1.00 16.21  ? 131 VAL A O   1 
ATOM   185 C CB  . VAL A 1 28 ? 13.118  2.777   0.694   1.00 15.76  ? 131 VAL A CB  1 
ATOM   186 C CG1 . VAL A 1 28 ? 13.418  3.852   1.711   1.00 17.58  ? 131 VAL A CG1 1 
ATOM   187 C CG2 . VAL A 1 28 ? 12.962  1.460   1.424   1.00 15.88  ? 131 VAL A CG2 1 
ATOM   188 N N   . GLY A 1 29 ? 11.146  5.421   -0.135  1.00 15.78  ? 132 GLY A N   1 
ATOM   189 C CA  . GLY A 1 29 ? 11.077  6.801   -0.562  1.00 16.74  ? 132 GLY A CA  1 
ATOM   190 C C   . GLY A 1 29 ? 9.925   7.124   -1.475  1.00 16.27  ? 132 GLY A C   1 
ATOM   191 O O   . GLY A 1 29 ? 9.666   8.322   -1.756  1.00 16.94  ? 132 GLY A O   1 
ATOM   192 N N   . ASP A 1 30 ? 9.245   6.124   -2.026  1.00 14.52  ? 133 ASP A N   1 
ATOM   193 C CA  . ASP A 1 30 ? 8.059   6.431   -2.827  1.00 13.73  ? 133 ASP A CA  1 
ATOM   194 C C   . ASP A 1 30 ? 7.057   7.193   -2.025  1.00 12.86  ? 133 ASP A C   1 
ATOM   195 O O   . ASP A 1 30 ? 6.842   6.960   -0.839  1.00 14.22  ? 133 ASP A O   1 
ATOM   196 C CB  . ASP A 1 30 ? 7.413   5.144   -3.318  1.00 13.33  ? 133 ASP A CB  1 
ATOM   197 C CG  . ASP A 1 30 ? 8.105   4.465   -4.442  1.00 15.15  ? 133 ASP A CG  1 
ATOM   198 O OD1 . ASP A 1 30 ? 8.826   5.103   -5.202  1.00 21.62  ? 133 ASP A OD1 1 
ATOM   199 O OD2 . ASP A 1 30 ? 7.896   3.263   -4.674  1.00 16.09  ? 133 ASP A OD2 1 
ATOM   200 N N   . ILE A 1 31 ? 6.354   8.121   -2.679  1.00 14.01  ? 134 ILE A N   1 
ATOM   201 C CA  . ILE A 1 31 ? 5.247   8.863   -2.111  1.00 14.67  ? 134 ILE A CA  1 
ATOM   202 C C   . ILE A 1 31 ? 3.931   8.372   -2.764  1.00 15.14  ? 134 ILE A C   1 
ATOM   203 O O   . ILE A 1 31 ? 3.799   8.463   -3.978  1.00 17.07  ? 134 ILE A O   1 
ATOM   204 C CB  . ILE A 1 31 ? 5.428   10.391  -2.313  1.00 16.72  ? 134 ILE A CB  1 
ATOM   205 C CG1 . ILE A 1 31 ? 6.788   10.864  -1.742  1.00 17.91  ? 134 ILE A CG1 1 
ATOM   206 C CG2 . ILE A 1 31 ? 4.190   11.083  -1.749  1.00 18.72  ? 134 ILE A CG2 1 
ATOM   207 C CD1 . ILE A 1 31 ? 6.907   10.668  -0.299  1.00 19.44  ? 134 ILE A CD1 1 
ATOM   208 N N   . ILE A 1 32 ? 3.055   7.894   -1.916  1.00 13.76  ? 135 ILE A N   1 
ATOM   209 C CA  . ILE A 1 32 ? 1.763   7.350   -2.346  1.00 14.35  ? 135 ILE A CA  1 
ATOM   210 C C   . ILE A 1 32 ? 0.686   8.369   -1.942  1.00 14.09  ? 135 ILE A C   1 
ATOM   211 O O   . ILE A 1 32 ? 0.618   8.828   -0.795  1.00 15.20  ? 135 ILE A O   1 
ATOM   212 C CB  . ILE A 1 32 ? 1.457   6.016   -1.670  1.00 14.03  ? 135 ILE A CB  1 
ATOM   213 C CG1 . ILE A 1 32 ? 2.552   4.959   -1.941  1.00 14.70  ? 135 ILE A CG1 1 
ATOM   214 C CG2 . ILE A 1 32 ? 0.102   5.444   -2.175  1.00 15.67  ? 135 ILE A CG2 1 
ATOM   215 C CD1 . ILE A 1 32 ? 2.382   3.766   -1.052  1.00 14.73  ? 135 ILE A CD1 1 
ATOM   216 N N   . ASP A 1 33 ? -0.240  8.630   -2.891  1.00 15.44  ? 136 ASP A N   1 
ATOM   217 C CA  . ASP A 1 33 ? -1.442  9.403   -2.597  1.00 15.48  ? 136 ASP A CA  1 
ATOM   218 C C   . ASP A 1 33 ? -2.489  8.446   -2.101  1.00 14.24  ? 136 ASP A C   1 
ATOM   219 O O   . ASP A 1 33 ? -2.857  7.497   -2.848  1.00 14.52  ? 136 ASP A O   1 
ATOM   220 C CB  . ASP A 1 33 ? -1.926  10.170  -3.825  1.00 18.02  ? 136 ASP A CB  1 
ATOM   221 C CG  . ASP A 1 33 ? -0.991  11.322  -4.241  1.00 24.65  ? 136 ASP A CG  1 
ATOM   222 O OD1 . ASP A 1 33 ? 0.068   11.585  -3.556  1.00 28.59  ? 136 ASP A OD1 1 
ATOM   223 O OD2 . ASP A 1 33 ? -1.323  11.925  -5.319  1.00 30.63  ? 136 ASP A OD2 1 
ATOM   224 N N   . ILE A 1 34 ? -2.927  8.604   -0.864  1.00 15.28  ? 137 ILE A N   1 
ATOM   225 C CA  . ILE A 1 34 ? -3.814  7.669   -0.219  1.00 15.65  ? 137 ILE A CA  1 
ATOM   226 C C   . ILE A 1 34 ? -5.248  7.871   -0.715  1.00 16.69  ? 137 ILE A C   1 
ATOM   227 O O   . ILE A 1 34 ? -5.766  8.996   -0.725  1.00 18.56  ? 137 ILE A O   1 
ATOM   228 C CB  . ILE A 1 34 ? -3.776  7.779   1.323   1.00 16.95  ? 137 ILE A CB  1 
ATOM   229 C CG1 . ILE A 1 34 ? -2.345  7.548   1.823   1.00 15.99  ? 137 ILE A CG1 1 
ATOM   230 C CG2 . ILE A 1 34 ? -4.732  6.865   2.016   1.00 20.72  ? 137 ILE A CG2 1 
ATOM   231 C CD1 . ILE A 1 34 ? -2.125  8.062   3.242   1.00 19.82  ? 137 ILE A CD1 1 
ATOM   232 N N   . ASN A 1 35 ? -5.916  6.773   -1.083  1.00 14.75  ? 138 ASN A N   1 
ATOM   233 C CA  . ASN A 1 35 ? -7.329  6.788   -1.414  1.00 16.30  ? 138 ASN A CA  1 
ATOM   234 C C   . ASN A 1 35 ? -8.159  6.313   -0.240  1.00 17.68  ? 138 ASN A C   1 
ATOM   235 O O   . ASN A 1 35 ? -8.698  7.136   0.474   1.00 23.20  ? 138 ASN A O   1 
ATOM   236 C CB  . ASN A 1 35 ? -7.579  6.048   -2.688  1.00 15.59  ? 138 ASN A CB  1 
ATOM   237 C CG  . ASN A 1 35 ? -9.001  6.179   -3.137  1.00 16.98  ? 138 ASN A CG  1 
ATOM   238 O OD1 . ASN A 1 35 ? -9.609  7.228   -2.923  1.00 21.71  ? 138 ASN A OD1 1 
ATOM   239 N ND2 . ASN A 1 35 ? -9.525  5.148   -3.754  1.00 18.16  ? 138 ASN A ND2 1 
ATOM   240 N N   . GLU A 1 36 ? -8.337  5.039   -0.034  1.00 18.41  ? 139 GLU A N   1 
ATOM   241 C CA  . GLU A 1 36 ? -9.192  4.534   1.032   1.00 20.74  ? 139 GLU A CA  1 
ATOM   242 C C   . GLU A 1 36 ? -8.744  3.198   1.585   1.00 19.34  ? 139 GLU A C   1 
ATOM   243 O O   . GLU A 1 36 ? -7.957  2.522   0.971   1.00 18.50  ? 139 GLU A O   1 
ATOM   244 C CB  . GLU A 1 36 ? -10.611 4.360   0.534   1.00 24.04  ? 139 GLU A CB  1 
ATOM   245 C CG  . GLU A 1 36 ? -10.726 3.495   -0.593  1.00 28.64  ? 139 GLU A CG  1 
ATOM   246 C CD  . GLU A 1 36 ? -12.131 3.545   -1.195  1.00 40.06  ? 139 GLU A CD  1 
ATOM   247 O OE1 . GLU A 1 36 ? -12.939 4.513   -0.914  1.00 43.49  ? 139 GLU A OE1 1 
ATOM   248 O OE2 . GLU A 1 36 ? -12.373 2.581   -1.974  1.00 47.36  ? 139 GLU A OE2 1 
ATOM   249 N N   . GLU A 1 37 ? -9.291  2.892   2.756   1.00 19.45  ? 140 GLU A N   1 
ATOM   250 C CA  . GLU A 1 37 ? -9.017  1.597   3.413   1.00 18.71  ? 140 GLU A CA  1 
ATOM   251 C C   . GLU A 1 37 ? -9.838  0.514   2.728   1.00 20.49  ? 140 GLU A C   1 
ATOM   252 O O   . GLU A 1 37 ? -11.072 0.662   2.613   1.00 23.61  ? 140 GLU A O   1 
ATOM   253 C CB  . GLU A 1 37 ? -9.309  1.685   4.891   1.00 20.82  ? 140 GLU A CB  1 
ATOM   254 C CG  . GLU A 1 37 ? -8.869  0.398   5.615   1.00 23.41  ? 140 GLU A CG  1 
ATOM   255 C CD  . GLU A 1 37 ? -9.349  0.236   7.049   1.00 30.88  ? 140 GLU A CD  1 
ATOM   256 O OE1 . GLU A 1 37 ? -10.528 -0.142  7.279   1.00 38.55  ? 140 GLU A OE1 1 
ATOM   257 O OE2 . GLU A 1 37 ? -8.517  0.415   7.948   1.00 30.44  ? 140 GLU A OE2 1 
ATOM   258 N N   . VAL A 1 38 ? -9.235  -0.583  2.316   1.00 16.52  ? 141 VAL A N   1 
ATOM   259 C CA  . VAL A 1 38 ? -9.905  -1.763  1.770   1.00 17.08  ? 141 VAL A CA  1 
ATOM   260 C C   . VAL A 1 38 ? -10.263 -2.697  2.895   1.00 16.68  ? 141 VAL A C   1 
ATOM   261 O O   . VAL A 1 38 ? -11.382 -3.149  2.967   1.00 19.86  ? 141 VAL A O   1 
ATOM   262 C CB  . VAL A 1 38 ? -9.118  -2.333  0.667   1.00 16.85  ? 141 VAL A CB  1 
ATOM   263 C CG1 . VAL A 1 38 ? -9.714  -3.632  0.159   1.00 18.81  ? 141 VAL A CG1 1 
ATOM   264 C CG2 . VAL A 1 38 ? -8.916  -1.327  -0.493  1.00 20.46  ? 141 VAL A CG2 1 
ATOM   265 N N   . GLU A 1 39 ? -9.284  -3.010  3.741   1.00 15.90  ? 142 GLU A N   1 
ATOM   266 C CA  . GLU A 1 39 ? -9.492  -3.773  4.943   1.00 16.77  ? 142 GLU A CA  1 
ATOM   267 C C   . GLU A 1 39 ? -8.356  -3.371  5.922   1.00 17.00  ? 142 GLU A C   1 
ATOM   268 O O   . GLU A 1 39 ? -7.452  -2.693  5.517   1.00 15.93  ? 142 GLU A O   1 
ATOM   269 C CB  . GLU A 1 39 ? -9.543  -5.268  4.662   1.00 18.75  ? 142 GLU A CB  1 
ATOM   270 C CG  . GLU A 1 39 ? -8.271  -5.805  4.133   1.00 17.94  ? 142 GLU A CG  1 
ATOM   271 C CD  . GLU A 1 39 ? -8.379  -7.273  3.834   1.00 21.26  ? 142 GLU A CD  1 
ATOM   272 O OE1 . GLU A 1 39 ? -8.911  -8.025  4.675   1.00 27.28  ? 142 GLU A OE1 1 
ATOM   273 O OE2 . GLU A 1 39 ? -7.876  -7.737  2.788   1.00 19.52  ? 142 GLU A OE2 1 
ATOM   274 N N   . GLU A 1 40 ? -8.469  -3.755  7.184   1.00 17.19  ? 143 GLU A N   1 
ATOM   275 C CA  . GLU A 1 40 ? -7.494  -3.354  8.177   1.00 18.10  ? 143 GLU A CA  1 
ATOM   276 C C   . GLU A 1 40 ? -6.106  -3.749  7.641   1.00 18.20  ? 143 GLU A C   1 
ATOM   277 O O   . GLU A 1 40 ? -5.855  -4.913  7.234   1.00 20.15  ? 143 GLU A O   1 
ATOM   278 C CB  . GLU A 1 40 ? -7.777  -3.990  9.503   1.00 20.50  ? 143 GLU A CB  1 
ATOM   279 C CG  . GLU A 1 40 ? -6.875  -3.566  10.655  1.00 27.82  ? 143 GLU A CG  1 
ATOM   280 C CD  . GLU A 1 40 ? -7.286  -4.231  11.971  1.00 35.11  ? 143 GLU A CD  1 
ATOM   281 O OE1 . GLU A 1 40 ? -8.474  -4.676  12.130  1.00 34.29  ? 143 GLU A OE1 1 
ATOM   282 O OE2 . GLU A 1 40 ? -6.391  -4.329  12.845  1.00 39.70  ? 143 GLU A OE2 1 
ATOM   283 N N   . GLY A 1 41 ? -5.200  -2.768  7.558   1.00 16.61  ? 144 GLY A N   1 
ATOM   284 C CA  . GLY A 1 41 ? -3.889  -2.962  7.059   1.00 17.14  ? 144 GLY A CA  1 
ATOM   285 C C   . GLY A 1 41 ? -3.591  -2.817  5.598   1.00 14.10  ? 144 GLY A C   1 
ATOM   286 O O   . GLY A 1 41 ? -2.446  -2.902  5.146   1.00 14.70  ? 144 GLY A O   1 
ATOM   287 N N   . TRP A 1 42 ? -4.673  -2.651  4.773   1.00 12.81  ? 145 TRP A N   1 
ATOM   288 C CA  . TRP A 1 42 ? -4.499  -2.612  3.362   1.00 11.93  ? 145 TRP A CA  1 
ATOM   289 C C   . TRP A 1 42 ? -5.332  -1.458  2.784   1.00 13.42  ? 145 TRP A C   1 
ATOM   290 O O   . TRP A 1 42 ? -6.562  -1.431  2.941   1.00 13.80  ? 145 TRP A O   1 
ATOM   291 C CB  . TRP A 1 42 ? -5.057  -3.920  2.735   1.00 13.52  ? 145 TRP A CB  1 
ATOM   292 C CG  . TRP A 1 42 ? -4.049  -5.042  2.898   1.00 12.57  ? 145 TRP A CG  1 
ATOM   293 C CD1 . TRP A 1 42 ? -4.050  -6.012  3.835   1.00 13.19  ? 145 TRP A CD1 1 
ATOM   294 C CD2 . TRP A 1 42 ? -2.915  -5.228  2.088   1.00 11.81  ? 145 TRP A CD2 1 
ATOM   295 N NE1 . TRP A 1 42 ? -2.904  -6.755  3.692   1.00 14.61  ? 145 TRP A NE1 1 
ATOM   296 C CE2 . TRP A 1 42 ? -2.210  -6.332  2.601   1.00 11.91  ? 145 TRP A CE2 1 
ATOM   297 C CE3 . TRP A 1 42 ? -2.394  -4.591  0.969   1.00 12.06  ? 145 TRP A CE3 1 
ATOM   298 C CZ2 . TRP A 1 42 ? -1.054  -6.797  1.999   1.00 13.63  ? 145 TRP A CZ2 1 
ATOM   299 C CZ3 . TRP A 1 42 ? -1.240  -5.052  0.370   1.00 13.78  ? 145 TRP A CZ3 1 
ATOM   300 C CH2 . TRP A 1 42 ? -0.570  -6.164  0.892   1.00 14.63  ? 145 TRP A CH2 1 
ATOM   301 N N   . TRP A 1 43 ? -4.649  -0.550  2.101   1.00 13.85  ? 146 TRP A N   1 
ATOM   302 C CA  . TRP A 1 43 ? -5.257  0.665   1.594   1.00 13.57  ? 146 TRP A CA  1 
ATOM   303 C C   . TRP A 1 43 ? -5.055  0.689   0.131   1.00 13.43  ? 146 TRP A C   1 
ATOM   304 O O   . TRP A 1 43 ? -4.113  0.149   -0.399  1.00 13.33  ? 146 TRP A O   1 
ATOM   305 C CB  . TRP A 1 43 ? -4.610  1.892   2.237   1.00 14.55  ? 146 TRP A CB  1 
ATOM   306 C CG  . TRP A 1 43 ? -4.990  2.095   3.640   1.00 16.33  ? 146 TRP A CG  1 
ATOM   307 C CD1 . TRP A 1 43 ? -4.759  1.276   4.683   1.00 17.73  ? 146 TRP A CD1 1 
ATOM   308 C CD2 . TRP A 1 43 ? -5.776  3.154   4.190   1.00 19.74  ? 146 TRP A CD2 1 
ATOM   309 N NE1 . TRP A 1 43 ? -5.215  1.758   5.860   1.00 20.91  ? 146 TRP A NE1 1 
ATOM   310 C CE2 . TRP A 1 43 ? -5.951  2.886   5.568   1.00 21.59  ? 146 TRP A CE2 1 
ATOM   311 C CE3 . TRP A 1 43 ? -6.415  4.300   3.638   1.00 20.72  ? 146 TRP A CE3 1 
ATOM   312 C CZ2 . TRP A 1 43 ? -6.633  3.773   6.411   1.00 26.51  ? 146 TRP A CZ2 1 
ATOM   313 C CZ3 . TRP A 1 43 ? -7.079  5.141   4.483   1.00 23.87  ? 146 TRP A CZ3 1 
ATOM   314 C CH2 . TRP A 1 43 ? -7.197  4.884   5.841   1.00 25.74  ? 146 TRP A CH2 1 
ATOM   315 N N   . SER A 1 44 ? -5.936  1.398   -0.592  1.00 13.50  ? 147 SER A N   1 
ATOM   316 C CA  . SER A 1 44 ? -5.681  1.737   -1.958  1.00 13.16  ? 147 SER A CA  1 
ATOM   317 C C   . SER A 1 44 ? -4.987  3.155   -2.052  1.00 11.29  ? 147 SER A C   1 
ATOM   318 O O   . SER A 1 44 ? -5.289  3.986   -1.209  1.00 13.55  ? 147 SER A O   1 
ATOM   319 C CB  . SER A 1 44 ? -6.928  1.713   -2.823  1.00 15.68  ? 147 SER A CB  1 
ATOM   320 O OG  . SER A 1 44 ? -7.846  2.637   -2.451  1.00 17.84  ? 147 SER A OG  1 
ATOM   321 N N   . GLY A 1 45 ? -4.200  3.316   -3.049  1.00 12.21  ? 148 GLY A N   1 
ATOM   322 C CA  . GLY A 1 45 ? -3.534  4.563   -3.299  1.00 12.63  ? 148 GLY A CA  1 
ATOM   323 C C   . GLY A 1 45 ? -2.981  4.610   -4.660  1.00 12.60  ? 148 GLY A C   1 
ATOM   324 O O   . GLY A 1 45 ? -3.020  3.606   -5.417  1.00 14.49  ? 148 GLY A O   1 
ATOM   325 N N   . THR A 1 46 ? -2.455  5.775   -5.033  1.00 12.59  ? 149 THR A N   1 
ATOM   326 C CA  A THR A 1 46 ? -1.917  5.919   -6.331  0.50 13.31  ? 149 THR A CA  1 
ATOM   327 C CA  B THR A 1 46 ? -1.938  5.987   -6.334  0.50 14.24  ? 149 THR A CA  1 
ATOM   328 C C   . THR A 1 46 ? -0.414  6.246   -6.274  1.00 14.21  ? 149 THR A C   1 
ATOM   329 O O   . THR A 1 46 ? 0.028   7.064   -5.445  1.00 16.00  ? 149 THR A O   1 
ATOM   330 C CB  A THR A 1 46 ? -2.667  6.963   -7.197  0.50 14.22  ? 149 THR A CB  1 
ATOM   331 C CB  B THR A 1 46 ? -2.657  7.177   -7.022  0.50 15.94  ? 149 THR A CB  1 
ATOM   332 O OG1 A THR A 1 46 ? -2.781  8.208   -6.482  0.50 15.59  ? 149 THR A OG1 1 
ATOM   333 O OG1 B THR A 1 46 ? -4.057  6.898   -7.109  0.50 18.96  ? 149 THR A OG1 1 
ATOM   334 C CG2 A THR A 1 46 ? -4.026  6.453   -7.606  0.50 17.52  ? 149 THR A CG2 1 
ATOM   335 C CG2 B THR A 1 46 ? -2.115  7.404   -8.417  0.50 18.65  ? 149 THR A CG2 1 
ATOM   336 N N   . LEU A 1 47 ? 0.324   5.627   -7.184  1.00 15.52  ? 150 LEU A N   1 
ATOM   337 C CA  . LEU A 1 47 ? 1.751   5.782   -7.261  1.00 17.20  ? 150 LEU A CA  1 
ATOM   338 C C   . LEU A 1 47 ? 2.167   5.688   -8.712  1.00 18.17  ? 150 LEU A C   1 
ATOM   339 O O   . LEU A 1 47 ? 1.831   4.715   -9.355  1.00 19.20  ? 150 LEU A O   1 
ATOM   340 C CB  . LEU A 1 47 ? 2.433   4.663   -6.441  1.00 16.89  ? 150 LEU A CB  1 
ATOM   341 C CG  . LEU A 1 47 ? 3.950   4.552   -6.491  1.00 16.71  ? 150 LEU A CG  1 
ATOM   342 C CD1 . LEU A 1 47 ? 4.651   5.822   -6.046  1.00 19.32  ? 150 LEU A CD1 1 
ATOM   343 C CD2 . LEU A 1 47 ? 4.361   3.321   -5.635  1.00 19.38  ? 150 LEU A CD2 1 
ATOM   344 N N   . ASN A 1 48 ? 2.831   6.704   -9.237  1.00 21.40  ? 151 ASN A N   1 
ATOM   345 C CA  . ASN A 1 48 ? 3.230   6.753   -10.651 1.00 22.96  ? 151 ASN A CA  1 
ATOM   346 C C   . ASN A 1 48 ? 2.062   6.440   -11.597 1.00 22.72  ? 151 ASN A C   1 
ATOM   347 O O   . ASN A 1 48 ? 2.161   5.678   -12.582 1.00 23.82  ? 151 ASN A O   1 
ATOM   348 C CB  . ASN A 1 48 ? 4.405   5.830   -10.868 1.00 25.41  ? 151 ASN A CB  1 
ATOM   349 C CG  . ASN A 1 48 ? 5.600   6.250   -10.012 1.00 30.89  ? 151 ASN A CG  1 
ATOM   350 O OD1 . ASN A 1 48 ? 5.919   7.460   -9.944  1.00 37.79  ? 151 ASN A OD1 1 
ATOM   351 N ND2 . ASN A 1 48 ? 6.190   5.287   -9.277  1.00 37.26  ? 151 ASN A ND2 1 
ATOM   352 N N   . ASN A 1 49 ? 0.940   7.042   -11.286 1.00 21.05  ? 152 ASN A N   1 
ATOM   353 C CA  . ASN A 1 49 ? -0.273  6.970   -12.130 1.00 20.12  ? 152 ASN A CA  1 
ATOM   354 C C   . ASN A 1 49 ? -0.951  5.620   -12.143 1.00 19.44  ? 152 ASN A C   1 
ATOM   355 O O   . ASN A 1 49 ? -1.832  5.362   -12.992 1.00 19.98  ? 152 ASN A O   1 
ATOM   356 C CB  . ASN A 1 49 ? -0.087  7.484   -13.564 1.00 21.97  ? 152 ASN A CB  1 
ATOM   357 C CG  . ASN A 1 49 ? -1.414  8.011   -14.115 1.00 23.36  ? 152 ASN A CG  1 
ATOM   358 O OD1 . ASN A 1 49 ? -2.150  8.669   -13.371 1.00 25.57  ? 152 ASN A OD1 1 
ATOM   359 N ND2 . ASN A 1 49 ? -1.758  7.653   -15.350 1.00 28.99  ? 152 ASN A ND2 1 
ATOM   360 N N   . LYS A 1 50 ? -0.620  4.804   -11.169 1.00 18.72  ? 153 LYS A N   1 
ATOM   361 C CA  . LYS A 1 50 ? -1.222  3.503   -10.947 1.00 18.86  ? 153 LYS A CA  1 
ATOM   362 C C   . LYS A 1 50 ? -1.958  3.444   -9.644  1.00 15.06  ? 153 LYS A C   1 
ATOM   363 O O   . LYS A 1 50 ? -1.383  3.809   -8.643  1.00 18.11  ? 153 LYS A O   1 
ATOM   364 C CB  . LYS A 1 50 ? -0.150  2.377   -10.945 1.00 21.12  ? 153 LYS A CB  1 
ATOM   365 C CG  . LYS A 1 50 ? -0.729  1.041   -11.290 1.00 29.72  ? 153 LYS A CG  1 
ATOM   366 N N   . LEU A 1 51 ? -3.167  2.931   -9.654  1.00 14.84  ? 154 LEU A N   1 
ATOM   367 C CA  A LEU A 1 51 ? -3.941  2.706   -8.451  0.50 13.65  ? 154 LEU A CA  1 
ATOM   368 C CA  B LEU A 1 51 ? -3.914  2.718   -8.448  0.50 14.48  ? 154 LEU A CA  1 
ATOM   369 C C   . LEU A 1 51 ? -3.789  1.245   -8.039  1.00 14.52  ? 154 LEU A C   1 
ATOM   370 O O   . LEU A 1 51 ? -4.045  0.344   -8.849  1.00 17.53  ? 154 LEU A O   1 
ATOM   371 C CB  A LEU A 1 51 ? -5.461  3.059   -8.596  0.50 15.21  ? 154 LEU A CB  1 
ATOM   372 C CB  B LEU A 1 51 ? -5.399  3.143   -8.624  0.50 16.76  ? 154 LEU A CB  1 
ATOM   373 C CG  A LEU A 1 51 ? -6.277  3.011   -7.300  0.50 15.57  ? 154 LEU A CG  1 
ATOM   374 C CG  B LEU A 1 51 ? -6.436  2.973   -7.517  0.50 19.21  ? 154 LEU A CG  1 
ATOM   375 C CD1 A LEU A 1 51 ? -7.398  4.062   -7.357  0.50 18.27  ? 154 LEU A CD1 1 
ATOM   376 C CD1 B LEU A 1 51 ? -6.228  3.880   -6.357  0.50 21.35  ? 154 LEU A CD1 1 
ATOM   377 C CD2 A LEU A 1 51 ? -6.880  1.587   -7.093  0.50 17.76  ? 154 LEU A CD2 1 
ATOM   378 C CD2 B LEU A 1 51 ? -7.819  3.291   -8.099  0.50 22.18  ? 154 LEU A CD2 1 
ATOM   379 N N   . GLY A 1 52 ? -3.493  0.997   -6.785  1.00 12.93  ? 155 GLY A N   1 
ATOM   380 C CA  . GLY A 1 52 ? -3.400  -0.380  -6.300  1.00 12.43  ? 155 GLY A CA  1 
ATOM   381 C C   . GLY A 1 52 ? -3.410  -0.387  -4.831  1.00 11.97  ? 155 GLY A C   1 
ATOM   382 O O   . GLY A 1 52 ? -3.439  0.643   -4.126  1.00 13.02  ? 155 GLY A O   1 
ATOM   383 N N   . LEU A 1 53 ? -3.256  -1.596  -4.259  1.00 11.75  ? 156 LEU A N   1 
ATOM   384 C CA  A LEU A 1 53 ? -3.267  -1.805  -2.848  0.50 11.54  ? 156 LEU A CA  1 
ATOM   385 C CA  B LEU A 1 53 ? -3.269  -1.784  -2.829  0.50 12.27  ? 156 LEU A CA  1 
ATOM   386 C C   . LEU A 1 53 ? -1.833  -1.771  -2.235  1.00 10.41  ? 156 LEU A C   1 
ATOM   387 O O   . LEU A 1 53 ? -0.914  -2.211  -2.899  1.00 11.61  ? 156 LEU A O   1 
ATOM   388 C CB  A LEU A 1 53 ? -3.888  -3.176  -2.506  0.50 12.59  ? 156 LEU A CB  1 
ATOM   389 C CB  B LEU A 1 53 ? -3.938  -3.111  -2.386  0.50 14.11  ? 156 LEU A CB  1 
ATOM   390 C CG  A LEU A 1 53 ? -5.393  -3.261  -2.672  0.50 14.44  ? 156 LEU A CG  1 
ATOM   391 C CG  B LEU A 1 53 ? -5.432  -3.263  -2.586  0.50 16.94  ? 156 LEU A CG  1 
ATOM   392 C CD1 A LEU A 1 53 ? -5.892  -4.662  -2.622  0.50 15.03  ? 156 LEU A CD1 1 
ATOM   393 C CD1 B LEU A 1 53 ? -5.629  -3.825  -3.938  0.50 19.91  ? 156 LEU A CD1 1 
ATOM   394 C CD2 A LEU A 1 53 ? -6.080  -2.545  -1.639  0.50 15.73  ? 156 LEU A CD2 1 
ATOM   395 C CD2 B LEU A 1 53 ? -6.057  -4.203  -1.616  0.50 18.58  ? 156 LEU A CD2 1 
ATOM   396 N N   . PHE A 1 54 ? -1.786  -1.352  -0.990  1.00 10.96  ? 157 PHE A N   1 
ATOM   397 C CA  . PHE A 1 54 ? -0.458  -1.390  -0.326  1.00 10.68  ? 157 PHE A CA  1 
ATOM   398 C C   . PHE A 1 54 ? -0.708  -1.609  1.104   1.00 10.72  ? 157 PHE A C   1 
ATOM   399 O O   . PHE A 1 54 ? -1.690  -1.251  1.734   1.00 11.33  ? 157 PHE A O   1 
ATOM   400 C CB  . PHE A 1 54 ? 0.322   -0.090  -0.570  1.00 13.60  ? 157 PHE A CB  1 
ATOM   401 C CG  . PHE A 1 54 ? -0.295  1.160   0.089   1.00 12.52  ? 157 PHE A CG  1 
ATOM   402 C CD1 . PHE A 1 54 ? 0.070   1.586   1.351   1.00 14.21  ? 157 PHE A CD1 1 
ATOM   403 C CD2 . PHE A 1 54 ? -1.248  1.904   -0.602  1.00 14.01  ? 157 PHE A CD2 1 
ATOM   404 C CE1 . PHE A 1 54 ? -0.477  2.678   1.914   1.00 16.84  ? 157 PHE A CE1 1 
ATOM   405 C CE2 . PHE A 1 54 ? -1.784  3.017   -0.018  1.00 15.13  ? 157 PHE A CE2 1 
ATOM   406 C CZ  . PHE A 1 54 ? -1.431  3.400   1.239   1.00 16.92  ? 157 PHE A CZ  1 
ATOM   407 N N   . PRO A 1 55 ? 0.333   -2.236  1.792   1.00 11.84  ? 158 PRO A N   1 
ATOM   408 C CA  . PRO A 1 55 ? 0.224   -2.530  3.201   1.00 11.17  ? 158 PRO A CA  1 
ATOM   409 C C   . PRO A 1 55 ? 0.578   -1.283  4.055   1.00 11.63  ? 158 PRO A C   1 
ATOM   410 O O   . PRO A 1 55 ? 1.683   -0.698  3.889   1.00 13.20  ? 158 PRO A O   1 
ATOM   411 C CB  . PRO A 1 55 ? 1.255   -3.640  3.417   1.00 13.43  ? 158 PRO A CB  1 
ATOM   412 C CG  . PRO A 1 55 ? 2.227   -3.450  2.348   1.00 13.11  ? 158 PRO A CG  1 
ATOM   413 C CD  . PRO A 1 55 ? 1.493   -2.875  1.132   1.00 12.05  ? 158 PRO A CD  1 
ATOM   414 N N   . SER A 1 56 ? -0.274  -0.888  4.978   1.00 13.39  ? 159 SER A N   1 
ATOM   415 C CA  . SER A 1 56 ? -0.104  0.384   5.633   1.00 15.46  ? 159 SER A CA  1 
ATOM   416 C C   . SER A 1 56 ? 1.024   0.352   6.618   1.00 14.23  ? 159 SER A C   1 
ATOM   417 O O   . SER A 1 56 ? 1.573   1.434   6.962   1.00 16.21  ? 159 SER A O   1 
ATOM   418 C CB  . SER A 1 56 ? -1.370  0.866   6.184   1.00 19.14  ? 159 SER A CB  1 
ATOM   419 O OG  . SER A 1 56 ? -1.861  -0.037  7.095   1.00 21.61  ? 159 SER A OG  1 
ATOM   420 N N   . ASN A 1 57 ? 1.489   -0.838  7.066   1.00 13.75  ? 160 ASN A N   1 
ATOM   421 C CA  . ASN A 1 57 ? 2.645   -0.861  8.002   1.00 12.52  ? 160 ASN A CA  1 
ATOM   422 C C   . ASN A 1 57 ? 3.910   -0.692  7.262   1.00 11.00  ? 160 ASN A C   1 
ATOM   423 O O   . ASN A 1 57 ? 5.001   -0.734  7.935   1.00 16.61  ? 160 ASN A O   1 
ATOM   424 C CB  . ASN A 1 57 ? 2.561   -2.131  8.886   1.00 15.63  ? 160 ASN A CB  1 
ATOM   425 C CG  . ASN A 1 57 ? 2.566   -3.452  8.087   1.00 15.77  ? 160 ASN A CG  1 
ATOM   426 O OD1 . ASN A 1 57 ? 2.207   -3.533  6.922   1.00 16.35  ? 160 ASN A OD1 1 
ATOM   427 N ND2 . ASN A 1 57 ? 3.059   -4.512  8.729   1.00 18.88  ? 160 ASN A ND2 1 
ATOM   428 N N   . PHE A 1 58 ? 4.000   -0.456  6.041   1.00 10.07  ? 161 PHE A N   1 
ATOM   429 C CA  . PHE A 1 58 ? 5.119   -0.194  5.251   1.00 10.66  ? 161 PHE A CA  1 
ATOM   430 C C   . PHE A 1 58 ? 5.446   1.335   5.027   1.00 12.78  ? 161 PHE A C   1 
ATOM   431 O O   . PHE A 1 58 ? 6.424   1.664   4.378   1.00 13.00  ? 161 PHE A O   1 
ATOM   432 C CB  . PHE A 1 58 ? 5.224   -0.883  3.898   1.00 9.66   ? 161 PHE A CB  1 
ATOM   433 C CG  . PHE A 1 58 ? 5.443   -2.407  4.023   1.00 10.93  ? 161 PHE A CG  1 
ATOM   434 C CD1 . PHE A 1 58 ? 6.498   -2.975  3.339   1.00 11.84  ? 161 PHE A CD1 1 
ATOM   435 C CD2 . PHE A 1 58 ? 4.638   -3.236  4.753   1.00 12.30  ? 161 PHE A CD2 1 
ATOM   436 C CE1 . PHE A 1 58 ? 6.712   -4.371  3.438   1.00 12.51  ? 161 PHE A CE1 1 
ATOM   437 C CE2 . PHE A 1 58 ? 4.831   -4.576  4.865   1.00 12.65  ? 161 PHE A CE2 1 
ATOM   438 C CZ  . PHE A 1 58 ? 5.877   -5.133  4.197   1.00 13.77  ? 161 PHE A CZ  1 
ATOM   439 N N   . VAL A 1 59 ? 4.516   2.167   5.478   1.00 12.79  ? 162 VAL A N   1 
ATOM   440 C CA  . VAL A 1 59 ? 4.526   3.583   5.138   1.00 13.60  ? 162 VAL A CA  1 
ATOM   441 C C   . VAL A 1 59 ? 4.394   4.407   6.384   1.00 14.44  ? 162 VAL A C   1 
ATOM   442 O O   . VAL A 1 59 ? 4.000   3.979   7.475   1.00 15.84  ? 162 VAL A O   1 
ATOM   443 C CB  . VAL A 1 59 ? 3.398   3.939   4.148   1.00 13.84  ? 162 VAL A CB  1 
ATOM   444 C CG1 . VAL A 1 59 ? 3.407   3.002   2.944   1.00 14.40  ? 162 VAL A CG1 1 
ATOM   445 C CG2 . VAL A 1 59 ? 2.008   3.997   4.863   1.00 16.05  ? 162 VAL A CG2 1 
ATOM   446 N N   . LYS A 1 60 ? 4.667   5.711   6.254   1.00 15.12  ? 163 LYS A N   1 
ATOM   447 C CA  . LYS A 1 60 ? 4.434   6.707   7.272   1.00 17.11  ? 163 LYS A CA  1 
ATOM   448 C C   . LYS A 1 60 ? 3.604   7.816   6.652   1.00 16.42  ? 163 LYS A C   1 
ATOM   449 O O   . LYS A 1 60 ? 3.978   8.386   5.630   1.00 15.34  ? 163 LYS A O   1 
ATOM   450 C CB  . LYS A 1 60 ? 5.737   7.302   7.833   1.00 19.38  ? 163 LYS A CB  1 
ATOM   451 C CG  . LYS A 1 60 ? 5.516   8.323   8.927   1.00 23.63  ? 163 LYS A CG  1 
ATOM   452 C CD  . LYS A 1 60 ? 6.691   8.557   9.809   1.00 27.39  ? 163 LYS A CD  1 
ATOM   453 C CE  . LYS A 1 60 ? 6.386   9.563   10.900  1.00 30.07  ? 163 LYS A CE  1 
ATOM   454 N NZ  . LYS A 1 60 ? 7.659   9.726   11.674  1.00 37.01  ? 163 LYS A NZ  1 
ATOM   455 N N   . GLU A 1 61 ? 2.497   8.165   7.313   1.00 17.86  ? 164 GLU A N   1 
ATOM   456 C CA  . GLU A 1 61 ? 1.667   9.242   6.826   1.00 19.16  ? 164 GLU A CA  1 
ATOM   457 C C   . GLU A 1 61 ? 2.357   10.588  7.019   1.00 17.55  ? 164 GLU A C   1 
ATOM   458 O O   . GLU A 1 61 ? 2.901   10.825  8.074   1.00 19.66  ? 164 GLU A O   1 
ATOM   459 C CB  . GLU A 1 61 ? 0.296   9.286   7.458   1.00 22.47  ? 164 GLU A CB  1 
ATOM   460 C CG  . GLU A 1 61 ? -0.591  10.142  6.527   1.00 28.60  ? 164 GLU A CG  1 
ATOM   461 C CD  . GLU A 1 61 ? -2.082  10.062  6.820   1.00 35.55  ? 164 GLU A CD  1 
ATOM   462 O OE1 . GLU A 1 61 ? -2.580  9.114   7.500   1.00 39.71  ? 164 GLU A OE1 1 
ATOM   463 O OE2 . GLU A 1 61 ? -2.760  11.017  6.353   1.00 39.93  ? 164 GLU A OE2 1 
ATOM   464 N N   . LEU A 1 62 ? 2.350   11.413  5.960   1.00 17.11  ? 165 LEU A N   1 
ATOM   465 C CA  . LEU A 1 62 ? 2.991   12.713  5.955   1.00 18.49  ? 165 LEU A CA  1 
ATOM   466 C C   . LEU A 1 62 ? 2.023   13.797  6.404   1.00 21.75  ? 165 LEU A C   1 
ATOM   467 O O   . LEU A 1 62 ? 0.812   13.684  6.273   1.00 25.05  ? 165 LEU A O   1 
ATOM   468 C CB  . LEU A 1 62 ? 3.416   13.042  4.533   1.00 18.49  ? 165 LEU A CB  1 
ATOM   469 C CG  . LEU A 1 62 ? 4.507   12.171  4.021   1.00 17.72  ? 165 LEU A CG  1 
ATOM   470 C CD1 . LEU A 1 62 ? 4.607   12.234  2.498   1.00 20.41  ? 165 LEU A CD1 1 
ATOM   471 C CD2 . LEU A 1 62 ? 5.844   12.441  4.650   1.00 21.16  ? 165 LEU A CD2 1 
ATOM   472 N N   . GLU A 1 63 ? 2.602   14.897  6.833   1.00 24.41  ? 166 GLU A N   1 
ATOM   473 C CA  . GLU A 1 63 ? 1.888   16.171  6.899   1.00 29.54  ? 166 GLU A CA  1 
ATOM   474 C C   . GLU A 1 63 ? 1.996   16.892  5.518   1.00 30.34  ? 166 GLU A C   1 
ATOM   475 O O   . GLU A 1 63 ? 3.052   17.014  4.860   1.00 32.19  ? 166 GLU A O   1 
ATOM   476 C CB  . GLU A 1 63 ? 2.503   16.994  8.040   1.00 29.84  ? 166 GLU A CB  1 
ATOM   477 C CG  . GLU A 1 63 ? 2.724   16.268  9.434   1.00 37.28  ? 166 GLU A CG  1 
ATOM   478 C CD  . GLU A 1 63 ? 3.481   17.176  10.425  1.00 44.89  ? 166 GLU A CD  1 
ATOM   479 O OE1 . GLU A 1 63 ? 3.090   18.368  10.542  1.00 50.98  ? 166 GLU A OE1 1 
ATOM   480 O OE2 . GLU A 1 63 ? 4.474   16.717  11.065  1.00 48.17  ? 166 GLU A OE2 1 
ATOM   481 N N   . GLN B 2 4  ? 13.554  -4.042  12.013  0.50 36.33  ? 455 GLN B N   1 
ATOM   482 C CA  . GLN B 2 4  ? 13.348  -5.280  11.182  1.00 34.71  ? 455 GLN B CA  1 
ATOM   483 C C   . GLN B 2 4  ? 12.342  -4.882  10.133  1.00 31.85  ? 455 GLN B C   1 
ATOM   484 O O   . GLN B 2 4  ? 11.429  -4.067  10.387  1.00 32.40  ? 455 GLN B O   1 
ATOM   485 C CB  . GLN B 2 4  ? 12.819  -6.447  12.024  1.00 36.97  ? 455 GLN B CB  1 
ATOM   486 N N   . PRO B 2 5  ? 12.458  -5.428  8.918   1.00 26.55  ? 456 PRO B N   1 
ATOM   487 C CA  . PRO B 2 5  ? 11.394  -5.130  7.961   1.00 23.62  ? 456 PRO B CA  1 
ATOM   488 C C   . PRO B 2 5  ? 9.997   -5.672  8.364   1.00 21.37  ? 456 PRO B C   1 
ATOM   489 O O   . PRO B 2 5  ? 9.890   -6.726  8.968   1.00 21.79  ? 456 PRO B O   1 
ATOM   490 C CB  . PRO B 2 5  ? 11.928  -5.772  6.690   1.00 22.74  ? 456 PRO B CB  1 
ATOM   491 C CG  . PRO B 2 5  ? 13.253  -6.226  6.911   1.00 26.80  ? 456 PRO B CG  1 
ATOM   492 C CD  . PRO B 2 5  ? 13.482  -6.304  8.341   1.00 26.87  ? 456 PRO B CD  1 
ATOM   493 N N   . PRO B 2 6  ? 8.932   -4.991  7.954   1.00 20.10  ? 457 PRO B N   1 
ATOM   494 C CA  . PRO B 2 6  ? 7.592   -5.337  8.388   1.00 19.53  ? 457 PRO B CA  1 
ATOM   495 C C   . PRO B 2 6  ? 7.051   -6.562  7.657   1.00 18.58  ? 457 PRO B C   1 
ATOM   496 O O   . PRO B 2 6  ? 7.463   -6.878  6.528   1.00 18.60  ? 457 PRO B O   1 
ATOM   497 C CB  . PRO B 2 6  ? 6.807   -4.075  8.126   1.00 20.06  ? 457 PRO B CB  1 
ATOM   498 C CG  . PRO B 2 6  ? 7.549   -3.402  7.065   1.00 20.04  ? 457 PRO B CG  1 
ATOM   499 C CD  . PRO B 2 6  ? 8.986   -3.682  7.292   1.00 20.08  ? 457 PRO B CD  1 
ATOM   500 N N   . VAL B 2 7  ? 6.079   -7.188  8.267   1.00 19.93  ? 458 VAL B N   1 
ATOM   501 C CA  . VAL B 2 7  ? 5.395   -8.307  7.646   1.00 20.37  ? 458 VAL B CA  1 
ATOM   502 C C   . VAL B 2 7  ? 4.017   -7.815  7.147   1.00 19.34  ? 458 VAL B C   1 
ATOM   503 O O   . VAL B 2 7  ? 3.239   -7.250  7.897   1.00 21.34  ? 458 VAL B O   1 
ATOM   504 C CB  . VAL B 2 7  ? 5.184   -9.408  8.658   1.00 22.95  ? 458 VAL B CB  1 
ATOM   505 C CG1 . VAL B 2 7  ? 4.471   -10.571 8.015   1.00 23.19  ? 458 VAL B CG1 1 
ATOM   506 C CG2 . VAL B 2 7  ? 6.526   -9.876  9.310   1.00 27.82  ? 458 VAL B CG2 1 
ATOM   507 N N   . PRO B 2 8  ? 3.697   -8.006  5.880   1.00 18.62  ? 459 PRO B N   1 
ATOM   508 C CA  . PRO B 2 8  ? 2.402   -7.555  5.378   1.00 19.33  ? 459 PRO B CA  1 
ATOM   509 C C   . PRO B 2 8  ? 1.271   -8.311  6.058   1.00 19.13  ? 459 PRO B C   1 
ATOM   510 O O   . PRO B 2 8  ? 1.368   -9.484  6.228   1.00 19.49  ? 459 PRO B O   1 
ATOM   511 C CB  . PRO B 2 8  ? 2.481   -7.898  3.883   1.00 20.42  ? 459 PRO B CB  1 
ATOM   512 C CG  . PRO B 2 8  ? 3.449   -8.783  3.726   1.00 23.78  ? 459 PRO B CG  1 
ATOM   513 C CD  . PRO B 2 8  ? 4.430   -8.755  4.869   1.00 20.37  ? 459 PRO B CD  1 
ATOM   514 N N   . PRO B 2 9  ? 0.157   -7.628  6.365   1.00 19.17  ? 460 PRO B N   1 
ATOM   515 C CA  . PRO B 2 9  ? -0.951  -8.312  6.979   1.00 20.62  ? 460 PRO B CA  1 
ATOM   516 C C   . PRO B 2 9  ? -1.601  -9.276  5.999   1.00 17.65  ? 460 PRO B C   1 
ATOM   517 O O   . PRO B 2 9  ? -1.500  -9.035  4.775   1.00 17.03  ? 460 PRO B O   1 
ATOM   518 C CB  . PRO B 2 9  ? -1.924  -7.169  7.337   1.00 22.66  ? 460 PRO B CB  1 
ATOM   519 C CG  . PRO B 2 9  ? -1.202  -5.974  7.279   1.00 24.97  ? 460 PRO B CG  1 
ATOM   520 C CD  . PRO B 2 9  ? -0.084  -6.155  6.289   1.00 20.57  ? 460 PRO B CD  1 
ATOM   521 N N   . PRO B 2 10 ? -2.302  -10.285 6.487   1.00 18.33  ? 461 PRO B N   1 
ATOM   522 C CA  . PRO B 2 10 ? -3.019  -11.131 5.546   1.00 18.70  ? 461 PRO B CA  1 
ATOM   523 C C   . PRO B 2 10 ? -4.062  -10.370 4.694   1.00 18.17  ? 461 PRO B C   1 
ATOM   524 O O   . PRO B 2 10 ? -4.613  -9.387  5.127   1.00 20.43  ? 461 PRO B O   1 
ATOM   525 C CB  . PRO B 2 10 ? -3.728  -12.118 6.491   1.00 20.27  ? 461 PRO B CB  1 
ATOM   526 C CG  . PRO B 2 10 ? -2.820  -12.222 7.628   1.00 22.61  ? 461 PRO B CG  1 
ATOM   527 C CD  . PRO B 2 10 ? -2.389  -10.823 7.864   1.00 20.63  ? 461 PRO B CD  1 
ATOM   528 N N   . ARG B 2 11 ? -4.271  -10.843 3.485   1.00 18.44  ? 462 ARG B N   1 
ATOM   529 C CA  A ARG B 2 11 ? -5.357  -10.316 2.686   0.50 18.14  ? 462 ARG B CA  1 
ATOM   530 C CA  B ARG B 2 11 ? -5.257  -10.344 2.518   0.50 18.46  ? 462 ARG B CA  1 
ATOM   531 C C   . ARG B 2 11 ? -6.488  -11.216 2.536   1.00 18.95  ? 462 ARG B C   1 
ATOM   532 O O   . ARG B 2 11 ? -6.341  -12.413 2.515   1.00 19.92  ? 462 ARG B O   1 
ATOM   533 C CB  A ARG B 2 11 ? -4.925  -9.940  1.311   0.50 17.17  ? 462 ARG B CB  1 
ATOM   534 C CB  B ARG B 2 11 ? -4.721  -10.418 1.075   0.50 17.87  ? 462 ARG B CB  1 
ATOM   535 C CG  A ARG B 2 11 ? -4.160  -8.685  1.397   0.50 15.73  ? 462 ARG B CG  1 
ATOM   536 C CG  B ARG B 2 11 ? -3.593  -9.462  0.713   0.50 17.29  ? 462 ARG B CG  1 
ATOM   537 C CD  . ARG B 2 11 ? -3.899  -8.118  0.131   1.00 17.17  ? 462 ARG B CD  1 
ATOM   538 N NE  . ARG B 2 11 ? -5.092  -7.889  -0.627  1.00 15.54  ? 462 ARG B NE  1 
ATOM   539 C CZ  . ARG B 2 11 ? -5.155  -7.888  -1.943  1.00 15.49  ? 462 ARG B CZ  1 
ATOM   540 N NH1 . ARG B 2 11 ? -4.076  -8.091  -2.659  1.00 14.91  ? 462 ARG B NH1 1 
ATOM   541 N NH2 . ARG B 2 11 ? -6.304  -7.721  -2.534  1.00 16.93  ? 462 ARG B NH2 1 
ATOM   542 N N   . LYS B 2 12 ? -7.662  -10.610 2.496   1.00 19.41  ? 463 LYS B N   1 
ATOM   543 C CA  A LYS B 2 12 ? -8.870  -11.374 2.320   0.50 22.26  ? 463 LYS B CA  1 
ATOM   544 C CA  B LYS B 2 12 ? -8.896  -11.309 2.412   0.50 23.19  ? 463 LYS B CA  1 
ATOM   545 C C   . LYS B 2 12 ? -9.756  -10.802 1.265   1.00 20.45  ? 463 LYS B C   1 
ATOM   546 O O   . LYS B 2 12 ? -10.565 -11.539 0.729   1.00 25.86  ? 463 LYS B O   1 
ATOM   547 C CB  A LYS B 2 12 ? -9.652  -11.540 3.655   0.50 25.21  ? 463 LYS B CB  1 
ATOM   548 C CB  B LYS B 2 12 ? -9.638  -11.173 3.757   0.50 26.64  ? 463 LYS B CB  1 
ATOM   549 C CG  A LYS B 2 12 ? -8.741  -11.337 4.916   0.50 31.31  ? 463 LYS B CG  1 
ATOM   550 C CG  B LYS B 2 12 ? -8.956  -11.893 4.957   0.50 35.95  ? 463 LYS B CG  1 
ATOM   551 C CD  A LYS B 2 12 ? -9.529  -11.245 6.224   0.25 38.94  ? 463 LYS B CD  1 
ATOM   552 C CD  B LYS B 2 12 ? -7.822  -11.050 5.578   0.50 46.21  ? 463 LYS B CD  1 
ATOM   553 C CE  A LYS B 2 12 ? -8.750  -10.492 7.301   0.25 43.75  ? 463 LYS B CE  1 
ATOM   554 C CE  B LYS B 2 12 ? -8.141  -10.512 6.977   0.50 52.67  ? 463 LYS B CE  1 
ATOM   555 N NZ  A LYS B 2 12 ? -7.495  -11.215 7.676   0.25 44.80  ? 463 LYS B NZ  1 
ATOM   556 N NZ  B LYS B 2 12 ? -8.745  -9.142  7.003   0.50 53.44  ? 463 LYS B NZ  1 
ATOM   557 N N   . LYS B 2 13 ? -9.611  -9.544  0.916   1.00 18.51  ? 464 LYS B N   1 
ATOM   558 C CA  A LYS B 2 13 ? -10.533 -8.768  0.061   0.50 18.76  ? 464 LYS B CA  1 
ATOM   559 C CA  B LYS B 2 13 ? -10.517 -8.969  -0.061  0.50 19.25  ? 464 LYS B CA  1 
ATOM   560 C C   . LYS B 2 13 ? -9.842  -8.106  -1.103  1.00 18.17  ? 464 LYS B C   1 
ATOM   561 O O   . LYS B 2 13 ? -8.753  -7.568  -0.938  1.00 19.64  ? 464 LYS B O   1 
ATOM   562 C CB  A LYS B 2 13 ? -11.186 -7.642  0.896   0.50 18.17  ? 464 LYS B CB  1 
ATOM   563 C CB  B LYS B 2 13 ? -11.686 -8.237  0.625   0.50 20.43  ? 464 LYS B CB  1 
ATOM   564 C CG  A LYS B 2 13 ? -12.278 -8.101  1.896   0.50 21.72  ? 464 LYS B CG  1 
ATOM   565 C CG  B LYS B 2 13 ? -11.328 -6.852  1.072   0.50 20.42  ? 464 LYS B CG  1 
ATOM   566 C CD  A LYS B 2 13 ? -12.948 -6.907  2.561   0.50 25.28  ? 464 LYS B CD  1 
ATOM   567 C CD  B LYS B 2 13 ? -12.479 -6.094  1.736   0.50 25.33  ? 464 LYS B CD  1 
ATOM   568 C CE  A LYS B 2 13 ? -14.047 -7.283  3.575   0.50 26.52  ? 464 LYS B CE  1 
ATOM   569 C CE  B LYS B 2 13 ? -13.737 -5.924  0.892   0.50 28.21  ? 464 LYS B CE  1 
ATOM   570 N NZ  A LYS B 2 13 ? -14.817 -6.096  4.072   0.50 29.89  ? 464 LYS B NZ  1 
ATOM   571 N NZ  B LYS B 2 13 ? -13.745 -5.022  -0.344  0.50 27.63  ? 464 LYS B NZ  1 
ATOM   572 N N   . ARG B 2 14 ? -10.498 -8.092  -2.248  1.00 17.85  ? 465 ARG B N   1 
ATOM   573 C CA  . ARG B 2 14 ? -10.181 -7.180  -3.348  1.00 18.01  ? 465 ARG B CA  1 
ATOM   574 C C   . ARG B 2 14 ? -10.869 -5.864  -3.130  1.00 19.43  ? 465 ARG B C   1 
ATOM   575 O O   . ARG B 2 14 ? -11.780 -5.730  -2.310  1.00 19.81  ? 465 ARG B O   1 
ATOM   576 C CB  . ARG B 2 14 ? -10.635 -7.775  -4.668  1.00 19.40  ? 465 ARG B CB  1 
ATOM   577 C CG  . ARG B 2 14 ? -9.710  -8.913  -5.092  1.00 21.54  ? 465 ARG B CG  1 
ATOM   578 C CD  . ARG B 2 14 ? -10.286 -9.676  -6.197  1.00 22.74  ? 465 ARG B CD  1 
ATOM   579 N NE  . ARG B 2 14 ? -9.441  -10.783 -6.610  1.00 23.70  ? 465 ARG B NE  1 
ATOM   580 C CZ  . ARG B 2 14 ? -8.489  -10.736 -7.523  1.00 24.59  ? 465 ARG B CZ  1 
ATOM   581 N NH1 . ARG B 2 14 ? -8.221  -9.611  -8.185  1.00 27.90  ? 465 ARG B NH1 1 
ATOM   582 N NH2 . ARG B 2 14 ? -7.829  -11.836 -7.801  1.00 20.41  ? 465 ARG B NH2 1 
ATOM   583 N N   . ILE B 2 15 ? -10.480 -4.838  -3.850  1.00 18.95  ? 466 ILE B N   1 
ATOM   584 C CA  . ILE B 2 15 ? -11.208 -3.586  -3.849  1.00 22.94  ? 466 ILE B CA  1 
ATOM   585 C C   . ILE B 2 15 ? -12.604 -3.835  -4.424  1.00 24.05  ? 466 ILE B C   1 
ATOM   586 O O   . ILE B 2 15 ? -12.720 -4.430  -5.484  1.00 25.70  ? 466 ILE B O   1 
ATOM   587 C CB  . ILE B 2 15 ? -10.496 -2.507  -4.732  1.00 23.25  ? 466 ILE B CB  1 
ATOM   588 C CG1 . ILE B 2 15 ? -9.074  -2.178  -4.187  1.00 26.51  ? 466 ILE B CG1 1 
ATOM   589 C CG2 . ILE B 2 15 ? -11.295 -1.220  -4.834  1.00 26.90  ? 466 ILE B CG2 1 
ATOM   590 C CD1 . ILE B 2 15 ? -8.277  -1.253  -5.037  1.00 30.13  ? 466 ILE B CD1 1 
ATOM   591 N N   . SER B 2 16 ? -13.638 -3.399  -3.674  1.00 26.72  ? 467 SER B N   1 
ATOM   592 C CA  . SER B 2 16 ? -15.070 -3.494  -4.074  1.00 29.88  ? 467 SER B CA  1 
ATOM   593 C C   . SER B 2 16 ? -15.337 -2.514  -5.226  1.00 28.08  ? 467 SER B C   1 
ATOM   594 O O   . SER B 2 16 ? -14.825 -1.338  -5.199  1.00 29.00  ? 467 SER B O   1 
ATOM   595 C CB  . SER B 2 16 ? -15.998 -3.188  -2.893  1.00 32.33  ? 467 SER B CB  1 
ATOM   596 O OG  . SER B 2 16 ? -16.043 -4.352  -2.083  1.00 38.88  ? 467 SER B OG  1 
HETATM 597 N N   . NH2 B 2 17 ? -16.038 -2.949  -6.185  1.00 28.62  ? 468 NH2 B N   1 
HETATM 598 C C1  . EDO C 3 .  ? -1.369  4.900   5.729   1.00 42.88  ? 1   EDO A C1  1 
HETATM 599 O O1  . EDO C 3 .  ? -2.448  4.741   4.835   1.00 45.34  ? 1   EDO A O1  1 
HETATM 600 C C2  . EDO C 3 .  ? -2.078  5.315   6.988   1.00 44.08  ? 1   EDO A C2  1 
HETATM 601 O O2  . EDO C 3 .  ? -2.830  4.237   7.535   1.00 39.66  ? 1   EDO A O2  1 
HETATM 602 O O   . HOH D 4 .  ? 1.522   -14.824 -3.688  1.00 12.77  ? 2   HOH A O   1 
HETATM 603 O O   . HOH D 4 .  ? 10.431  -4.541  3.527   1.00 16.72  ? 3   HOH A O   1 
HETATM 604 O O   . HOH D 4 .  ? 4.261   -14.493 -3.903  1.00 19.75  ? 4   HOH A O   1 
HETATM 605 O O   . HOH D 4 .  ? 11.605  6.520   3.397   1.00 20.08  ? 5   HOH A O   1 
HETATM 606 O O   . HOH D 4 .  ? 13.572  0.035   -1.757  1.00 20.34  ? 6   HOH A O   1 
HETATM 607 O O   . HOH D 4 .  ? -5.036  7.970   -4.626  1.00 18.65  ? 7   HOH A O   1 
HETATM 608 O O   . HOH D 4 .  ? 15.588  -4.363  -4.594  1.00 23.61  ? 9   HOH A O   1 
HETATM 609 O O   . HOH D 4 .  ? -0.145  8.880   -9.274  1.00 27.29  ? 10  HOH A O   1 
HETATM 610 O O   . HOH D 4 .  ? -8.324  -5.348  -5.848  1.00 22.47  ? 12  HOH A O   1 
HETATM 611 O O   . HOH D 4 .  ? -6.947  -6.279  0.817   1.00 20.12  ? 13  HOH A O   1 
HETATM 612 O O   . HOH D 4 .  ? 4.969   -12.543 -5.822  1.00 22.17  ? 14  HOH A O   1 
HETATM 613 O O   . HOH D 4 .  ? 1.309   -14.989 -0.902  1.00 21.87  ? 15  HOH A O   1 
HETATM 614 O O   . HOH D 4 .  ? -0.317  -9.946  0.110   1.00 22.42  ? 16  HOH A O   1 
HETATM 615 O O   . HOH D 4 .  ? -1.275  13.055  4.325   1.00 30.28  ? 17  HOH A O   1 
HETATM 616 O O   . HOH D 4 .  ? -5.832  0.059   8.212   1.00 25.44  ? 18  HOH A O   1 
HETATM 617 O O   . HOH D 4 .  ? 9.749   9.717   -4.415  1.00 27.19  ? 22  HOH A O   1 
HETATM 618 O O   . HOH D 4 .  ? -11.159 4.702   3.999   1.00 34.15  ? 24  HOH A O   1 
HETATM 619 O O   . HOH D 4 .  ? 4.856   -14.885 -1.292  1.00 36.56  ? 25  HOH A O   1 
HETATM 620 O O   . HOH D 4 .  ? -6.131  -10.010 -5.537  1.00 28.56  ? 26  HOH A O   1 
HETATM 621 O O   . HOH D 4 .  ? 2.110   10.794  -4.808  1.00 36.22  ? 27  HOH A O   1 
HETATM 622 O O   . HOH D 4 .  ? 3.618   -16.411 0.243   1.00 46.20  ? 32  HOH A O   1 
HETATM 623 O O   . HOH D 4 .  ? 1.521   -6.046  -8.812  1.00 31.08  ? 34  HOH A O   1 
HETATM 624 O O   . HOH D 4 .  ? 2.612   9.949   10.809  1.00 34.11  ? 35  HOH A O   1 
HETATM 625 O O   . HOH D 4 .  ? -11.419 -8.152  5.602   1.00 36.31  ? 37  HOH A O   1 
HETATM 626 O O   . HOH D 4 .  ? -12.316 5.021   -4.545  1.00 34.92  ? 39  HOH A O   1 
HETATM 627 O O   . HOH D 4 .  ? -10.806 -1.241  9.829   1.00 41.20  ? 40  HOH A O   1 
HETATM 628 O O   . HOH D 4 .  ? 1.256   3.546   8.667   1.00 40.71  ? 41  HOH A O   1 
HETATM 629 O O   . HOH D 4 .  ? -0.111  14.615  -5.477  1.00 51.18  ? 43  HOH A O   1 
HETATM 630 O O   . HOH D 4 .  ? 7.499   1.706   -6.828  1.00 21.63  ? 46  HOH A O   1 
HETATM 631 O O   . HOH D 4 .  ? 9.230   0.085   -8.321  1.00 36.55  ? 47  HOH A O   1 
HETATM 632 O O   . HOH D 4 .  ? 11.982  5.728   -4.241  1.00 41.24  ? 48  HOH A O   1 
HETATM 633 O O   . HOH D 4 .  ? 0.331   9.624   -6.687  1.00 40.51  ? 49  HOH A O   1 
HETATM 634 O O   . HOH D 4 .  ? 1.095   22.579  1.862   1.00 42.49  ? 53  HOH A O   1 
HETATM 635 O O   . HOH D 4 .  ? 6.573   9.062   -5.420  1.00 30.63  ? 54  HOH A O   1 
HETATM 636 O O   . HOH D 4 .  ? -4.806  8.206   9.920   1.00 45.55  ? 55  HOH A O   1 
HETATM 637 O O   . HOH D 4 .  ? 2.218   7.232   10.463  1.00 32.29  ? 57  HOH A O   1 
HETATM 638 O O   . HOH D 4 .  ? -0.472  -3.130  7.246   1.00 34.02  ? 58  HOH A O   1 
HETATM 639 O O   . HOH D 4 .  ? -1.080  -3.144  9.766   1.00 38.75  ? 59  HOH A O   1 
HETATM 640 O O   . HOH D 4 .  ? 0.410   18.960  11.873  1.00 63.81  ? 60  HOH A O   1 
HETATM 641 O O   . HOH D 4 .  ? -9.893  5.948   8.874   1.00 51.44  ? 61  HOH A O   1 
HETATM 642 O O   . HOH D 4 .  ? -12.977 -10.194 4.753   1.00 45.56  ? 62  HOH A O   1 
HETATM 643 O O   . HOH D 4 .  ? 14.272  1.186   5.231   1.00 32.62  ? 63  HOH A O   1 
HETATM 644 O O   . HOH D 4 .  ? 16.056  -4.546  -2.425  1.00 37.24  ? 65  HOH A O   1 
HETATM 645 O O   . HOH D 4 .  ? 5.843   2.774   -9.104  1.00 42.66  ? 66  HOH A O   1 
HETATM 646 O O   . HOH D 4 .  ? -5.196  -12.573 -5.789  1.00 16.87  ? 70  HOH A O   1 
HETATM 647 O O   . HOH D 4 .  ? -1.788  7.411   9.122   1.00 49.75  ? 72  HOH A O   1 
HETATM 648 O O   . HOH D 4 .  ? -10.168 2.050   -3.454  1.00 46.36  ? 74  HOH A O   1 
HETATM 649 O O   . HOH D 4 .  ? 2.459   15.706  -4.124  1.00 33.71  ? 75  HOH A O   1 
HETATM 650 O O   . HOH D 4 .  ? 2.970   21.614  0.095   1.00 32.40  ? 76  HOH A O   1 
HETATM 651 O O   . HOH D 4 .  ? -6.049  6.259   9.213   1.00 52.72  ? 77  HOH A O   1 
HETATM 652 O O   . HOH D 4 .  ? -5.097  -1.851  12.430  1.00 59.72  ? 80  HOH A O   1 
HETATM 653 O O   . HOH D 4 .  ? -7.258  4.317   10.251  1.00 44.01  ? 83  HOH A O   1 
HETATM 654 O O   . HOH D 4 .  ? 3.118   -1.060  -8.999  1.00 31.01  ? 84  HOH A O   1 
HETATM 655 O O   . HOH D 4 .  ? 1.020   6.475   8.897   1.00 41.09  ? 85  HOH A O   1 
HETATM 656 O O   . HOH D 4 .  ? 3.249   2.199   -9.277  1.00 33.79  ? 86  HOH A O   1 
HETATM 657 O O   . HOH D 4 .  ? -2.467  -2.156  -9.499  1.00 56.81  ? 87  HOH A O   1 
HETATM 658 O O   . HOH D 4 .  ? -1.743  -6.175  -12.789 1.00 93.67  ? 88  HOH A O   1 
HETATM 659 O O   . HOH D 4 .  ? 7.761   7.237   -6.674  1.00 54.15  ? 89  HOH A O   1 
HETATM 660 O O   . HOH D 4 .  ? 4.314   9.417   -6.237  1.00 49.32  ? 90  HOH A O   1 
HETATM 661 O O   . HOH D 4 .  ? 0.744   15.537  2.438   1.00 33.23  ? 91  HOH A O   1 
HETATM 662 O O   . HOH D 4 .  ? -4.567  11.589  -1.819  1.00 37.27  ? 92  HOH A O   1 
HETATM 663 O O   . HOH D 4 .  ? 9.661   -3.602  -5.007  1.00 40.10  ? 93  HOH A O   1 
HETATM 664 O O   . HOH D 4 .  ? 10.113  8.427   -6.171  1.00 130.53 ? 94  HOH A O   1 
HETATM 665 O O   . HOH D 4 .  ? -7.666  -3.573  -7.880  1.00 41.11  ? 96  HOH A O   1 
HETATM 666 O O   . HOH D 4 .  ? 4.023   0.499   -8.080  1.00 41.82  ? 97  HOH A O   1 
HETATM 667 O O   . HOH D 4 .  ? 11.025  10.351  -0.690  1.00 26.34  ? 98  HOH A O   1 
HETATM 668 O O   . HOH D 4 .  ? -3.122  2.093   9.277   1.00 57.86  ? 99  HOH A O   1 
HETATM 669 O O   . HOH D 4 .  ? -1.915  -3.497  -11.190 1.00 57.60  ? 100 HOH A O   1 
HETATM 670 O O   . HOH E 4 .  ? 9.186   -6.757  4.469   1.00 17.65  ? 1   HOH B O   1 
HETATM 671 O O   . HOH E 4 .  ? -13.094 -9.514  -2.300  1.00 23.80  ? 8   HOH B O   1 
HETATM 672 O O   . HOH E 4 .  ? -0.307  -10.634 2.875   1.00 23.34  ? 11  HOH B O   1 
HETATM 673 O O   . HOH E 4 .  ? 5.534   -6.355  11.049  1.00 31.80  ? 19  HOH B O   1 
HETATM 674 O O   . HOH E 4 .  ? -5.566  -14.484 4.290   1.00 29.69  ? 21  HOH B O   1 
HETATM 675 O O   . HOH E 4 .  ? -9.414  -6.885  -8.001  1.00 33.59  ? 23  HOH B O   1 
HETATM 676 O O   . HOH E 4 .  ? 11.169  -9.076  9.641   1.00 41.51  ? 28  HOH B O   1 
HETATM 677 O O   . HOH E 4 .  ? -13.179 -4.211  4.987   1.00 40.15  ? 30  HOH B O   1 
HETATM 678 O O   . HOH E 4 .  ? -12.992 -1.748  -1.175  1.00 34.72  ? 36  HOH B O   1 
HETATM 679 O O   . HOH E 4 .  ? -13.515 -2.924  1.278   1.00 36.94  ? 38  HOH B O   1 
HETATM 680 O O   . HOH E 4 .  ? -9.718  -6.491  8.118   1.00 35.55  ? 42  HOH B O   1 
HETATM 681 O O   . HOH E 4 .  ? -12.759 -5.972  6.441   1.00 40.58  ? 45  HOH B O   1 
HETATM 682 O O   . HOH E 4 .  ? -17.344 0.827   -5.843  1.00 41.94  ? 51  HOH B O   1 
HETATM 683 O O   . HOH E 4 .  ? -7.339  -7.166  7.296   1.00 25.80  ? 68  HOH B O   1 
HETATM 684 O O   . HOH E 4 .  ? -5.238  -8.862  7.719   1.00 24.76  ? 69  HOH B O   1 
HETATM 685 O O   . HOH E 4 .  ? -4.715  -12.241 -8.489  1.00 18.83  ? 71  HOH B O   1 
HETATM 686 O O   . HOH E 4 .  ? 1.718   -11.862 5.495   1.00 76.42  ? 78  HOH B O   1 
HETATM 687 O O   . HOH E 4 .  ? -6.880  -17.618 5.714   1.00 89.56  ? 95  HOH B O   1 
# 
loop_
_atom_site_anisotrop.id 
_atom_site_anisotrop.type_symbol 
_atom_site_anisotrop.pdbx_label_atom_id 
_atom_site_anisotrop.pdbx_label_alt_id 
_atom_site_anisotrop.pdbx_label_comp_id 
_atom_site_anisotrop.pdbx_label_asym_id 
_atom_site_anisotrop.pdbx_label_seq_id 
_atom_site_anisotrop.pdbx_PDB_ins_code 
_atom_site_anisotrop.U[1][1] 
_atom_site_anisotrop.U[2][2] 
_atom_site_anisotrop.U[3][3] 
_atom_site_anisotrop.U[1][2] 
_atom_site_anisotrop.U[1][3] 
_atom_site_anisotrop.U[2][3] 
_atom_site_anisotrop.pdbx_auth_seq_id 
_atom_site_anisotrop.pdbx_auth_comp_id 
_atom_site_anisotrop.pdbx_auth_asym_id 
_atom_site_anisotrop.pdbx_auth_atom_id 
1   N N   . ARG A 8  ? 0.2616 0.3222 0.5208 0.1051  -0.1152 -0.1304 111 ARG A N   
2   C CA  . ARG A 8  ? 0.2455 0.2606 0.5204 0.0867  -0.0765 -0.1147 111 ARG A CA  
3   C C   . ARG A 8  ? 0.2243 0.1973 0.4655 0.0654  -0.0976 -0.1090 111 ARG A C   
4   O O   . ARG A 8  ? 0.2248 0.2043 0.5091 0.0712  -0.1196 -0.1275 111 ARG A O   
5   C CB  . ARG A 8  ? 0.2613 0.2981 0.5447 0.0963  -0.0680 -0.1062 111 ARG A CB  
6   C CG  . ARG A 8  ? 0.3047 0.3588 0.6248 0.1036  -0.0167 -0.1226 111 ARG A CG  
7   C CD  . ARG A 8  ? 0.3513 0.4356 0.6836 0.0395  -0.0027 -0.1152 111 ARG A CD  
8   N NE  . ARG A 8  ? 0.3627 0.5428 0.7463 0.0110  -0.0063 -0.0960 111 ARG A NE  
9   C CZ  . ARG A 8  ? 0.4392 0.5689 0.8249 -0.0122 -0.0104 -0.0788 111 ARG A CZ  
10  N NH1 . ARG A 8  ? 0.4358 0.6241 0.8838 0.0121  -0.0053 -0.0681 111 ARG A NH1 
11  N NH2 . ARG A 8  ? 0.4578 0.5649 0.8595 -0.0224 -0.0177 -0.0793 111 ARG A NH2 
12  N N   . GLN A 9  ? 0.2166 0.1613 0.4151 0.0459  -0.0934 -0.0791 112 GLN A N   
13  C CA  . GLN A 9  ? 0.2158 0.1358 0.4072 0.0233  -0.0793 -0.0469 112 GLN A CA  
14  C C   . GLN A 9  ? 0.1886 0.1652 0.3447 0.0334  -0.0671 -0.0314 112 GLN A C   
15  O O   . GLN A 9  ? 0.2140 0.1636 0.3674 0.0346  -0.0587 -0.0712 112 GLN A O   
16  C CB  . GLN A 9  ? 0.2253 0.1445 0.4055 0.0363  -0.0776 -0.0328 112 GLN A CB  
17  C CG  . GLN A 9  ? 0.2995 0.1694 0.4747 0.0396  -0.0975 0.0247  112 GLN A CG  
18  C CD  . GLN A 9  ? 0.3569 0.2174 0.5132 0.0179  -0.0679 0.0223  112 GLN A CD  
19  O OE1 . GLN A 9  ? 0.5185 0.2217 0.6704 -0.0230 -0.0417 -0.0081 112 GLN A OE1 
20  N NE2 . GLN A 9  ? 0.4049 0.1990 0.4586 0.0458  -0.0992 0.0508  112 GLN A NE2 
21  N N   . CYS A 10 ? 0.1818 0.1258 0.3251 0.0151  -0.0435 -0.0099 113 CYS A N   
22  C CA  . CYS A 10 ? 0.1673 0.1243 0.2810 0.0034  -0.0331 -0.0116 113 CYS A CA  
23  C C   . CYS A 10 ? 0.1729 0.1329 0.2537 -0.0095 -0.0249 -0.0108 113 CYS A C   
24  O O   . CYS A 10 ? 0.1701 0.1560 0.2751 0.0041  -0.0375 -0.0045 113 CYS A O   
25  C CB  . CYS A 10 ? 0.1544 0.1403 0.2656 0.0078  -0.0224 -0.0259 113 CYS A CB  
26  S SG  . CYS A 10 ? 0.1804 0.1345 0.2840 0.0099  -0.0321 -0.0072 113 CYS A SG  
27  N N   . LYS A 11 ? 0.1704 0.1336 0.2344 0.0069  -0.0277 -0.0116 114 LYS A N   
28  C CA  A LYS A 11 ? 0.1653 0.1123 0.2425 0.0025  -0.0174 -0.0064 114 LYS A CA  
29  C CA  B LYS A 11 ? 0.1720 0.1228 0.2447 0.0035  -0.0166 -0.0059 114 LYS A CA  
30  C C   . LYS A 11 ? 0.1247 0.1445 0.1963 -0.0093 -0.0076 -0.0123 114 LYS A C   
31  O O   . LYS A 11 ? 0.1597 0.1373 0.2199 0.0033  -0.0106 -0.0121 114 LYS A O   
32  C CB  A LYS A 11 ? 0.1747 0.1215 0.2572 -0.0040 -0.0214 -0.0016 114 LYS A CB  
33  C CB  B LYS A 11 ? 0.1902 0.1314 0.2676 -0.0033 -0.0199 -0.0037 114 LYS A CB  
34  C CG  A LYS A 11 ? 0.1918 0.0999 0.2949 -0.0303 -0.0103 -0.0028 114 LYS A CG  
35  C CG  B LYS A 11 ? 0.2398 0.1967 0.3006 -0.0267 0.0045  0.0112  114 LYS A CG  
36  C CD  A LYS A 11 ? 0.2474 0.1967 0.3880 -0.0486 -0.0034 0.0073  114 LYS A CD  
37  C CD  B LYS A 11 ? 0.3075 0.2300 0.3590 -0.0265 -0.0209 -0.0161 114 LYS A CD  
38  C CE  A LYS A 11 ? 0.2885 0.1369 0.3741 -0.0868 -0.0019 -0.0251 114 LYS A CE  
39  C CE  B LYS A 11 ? 0.3092 0.2842 0.3496 -0.0589 -0.0163 -0.0153 114 LYS A CE  
40  N NZ  A LYS A 11 ? 0.3742 0.2538 0.4297 -0.0374 -0.0132 -0.0285 114 LYS A NZ  
41  N NZ  B LYS A 11 ? 0.3126 0.2745 0.3778 -0.0883 0.0055  0.0355  114 LYS A NZ  
42  N N   . VAL A 12 ? 0.1502 0.1141 0.1970 -0.0006 -0.0124 -0.0100 115 VAL A N   
43  C CA  . VAL A 12 ? 0.1234 0.1246 0.2022 0.0096  -0.0146 0.0067  115 VAL A CA  
44  C C   . VAL A 12 ? 0.1430 0.1347 0.2099 -0.0080 -0.0082 -0.0077 115 VAL A C   
45  O O   . VAL A 12 ? 0.1444 0.1325 0.2312 -0.0103 -0.0253 -0.0080 115 VAL A O   
46  C CB  . VAL A 12 ? 0.1360 0.1217 0.1979 0.0088  -0.0037 0.0102  115 VAL A CB  
47  C CG1 . VAL A 12 ? 0.1398 0.1231 0.2304 -0.0035 -0.0134 0.0151  115 VAL A CG1 
48  C CG2 . VAL A 12 ? 0.1357 0.1491 0.2185 -0.0073 -0.0234 0.0144  115 VAL A CG2 
49  N N   . LEU A 13 ? 0.1265 0.1443 0.1875 -0.0148 -0.0196 -0.0106 116 LEU A N   
50  C CA  . LEU A 13 ? 0.1429 0.1517 0.1998 0.0022  -0.0268 -0.0184 116 LEU A CA  
51  C C   . LEU A 13 ? 0.1259 0.1528 0.2044 0.0099  -0.0294 -0.0106 116 LEU A C   
52  O O   . LEU A 13 ? 0.1383 0.1590 0.2431 0.0054  -0.0461 -0.0191 116 LEU A O   
53  C CB  . LEU A 13 ? 0.1676 0.1928 0.1952 0.0050  -0.0355 -0.0328 116 LEU A CB  
54  C CG  . LEU A 13 ? 0.1897 0.2286 0.2078 0.0472  -0.0146 -0.0529 116 LEU A CG  
55  C CD1 . LEU A 13 ? 0.3053 0.3118 0.2258 0.1068  0.0400  -0.0386 116 LEU A CD1 
56  C CD2 . LEU A 13 ? 0.2662 0.2608 0.3351 -0.0037 -0.0742 -0.1024 116 LEU A CD2 
57  N N   . PHE A 14 ? 0.1344 0.1415 0.2212 0.0146  -0.0417 -0.0055 117 PHE A N   
58  C CA  . PHE A 14 ? 0.1516 0.1386 0.1928 0.0152  -0.0226 -0.0054 117 PHE A CA  
59  C C   . PHE A 14 ? 0.1333 0.1272 0.1801 0.0063  -0.0146 -0.0048 117 PHE A C   
60  O O   . PHE A 14 ? 0.1430 0.1402 0.1958 0.0047  -0.0241 0.0042  117 PHE A O   
61  C CB  . PHE A 14 ? 0.1775 0.1526 0.1997 0.0256  -0.0177 -0.0209 117 PHE A CB  
62  C CG  . PHE A 14 ? 0.2074 0.1990 0.2082 0.0081  -0.0211 0.0007  117 PHE A CG  
63  C CD1 . PHE A 14 ? 0.2439 0.2823 0.2151 0.0296  -0.0554 0.0042  117 PHE A CD1 
64  C CD2 . PHE A 14 ? 0.2738 0.2209 0.1939 0.0047  -0.0354 -0.0155 117 PHE A CD2 
65  C CE1 . PHE A 14 ? 0.2652 0.3313 0.2843 0.0394  -0.0938 -0.0431 117 PHE A CE1 
66  C CE2 . PHE A 14 ? 0.3612 0.3247 0.2803 0.0310  -0.0695 -0.0328 117 PHE A CE2 
67  C CZ  . PHE A 14 ? 0.3533 0.3709 0.2538 0.0254  -0.0981 -0.0579 117 PHE A CZ  
68  N N   . GLU A 15 ? 0.1362 0.1398 0.1922 0.0141  -0.0276 -0.0208 118 GLU A N   
69  C CA  . GLU A 15 ? 0.1497 0.1254 0.1856 0.0069  -0.0160 -0.0046 118 GLU A CA  
70  C C   . GLU A 15 ? 0.1304 0.1425 0.1629 -0.0052 -0.0200 -0.0032 118 GLU A C   
71  O O   . GLU A 15 ? 0.1333 0.1339 0.1904 0.0013  -0.0308 0.0008  118 GLU A O   
72  C CB  . GLU A 15 ? 0.1480 0.1559 0.2094 -0.0096 -0.0291 -0.0080 118 GLU A CB  
73  C CG  . GLU A 15 ? 0.1821 0.1780 0.2228 0.0182  -0.0042 0.0020  118 GLU A CG  
74  C CD  . GLU A 15 ? 0.2258 0.2613 0.2509 -0.0173 0.0126  -0.0166 118 GLU A CD  
75  O OE1 . GLU A 15 ? 0.2106 0.2408 0.2868 0.0382  0.0056  0.0242  118 GLU A OE1 
76  O OE2 . GLU A 15 ? 0.3852 0.3629 0.2677 0.0885  0.0068  -0.0118 118 GLU A OE2 
77  N N   . TYR A 16 ? 0.1437 0.1209 0.1899 -0.0032 -0.0249 0.0087  119 TYR A N   
78  C CA  . TYR A 16 ? 0.1401 0.1241 0.1784 -0.0069 -0.0220 0.0178  119 TYR A CA  
79  C C   . TYR A 16 ? 0.1299 0.1309 0.1814 0.0027  -0.0097 0.0031  119 TYR A C   
80  O O   . TYR A 16 ? 0.1593 0.1341 0.1879 -0.0102 -0.0190 -0.0070 119 TYR A O   
81  C CB  . TYR A 16 ? 0.1421 0.1219 0.1754 -0.0085 -0.0266 0.0056  119 TYR A CB  
82  C CG  . TYR A 16 ? 0.1262 0.1294 0.1976 -0.0019 -0.0233 -0.0008 119 TYR A CG  
83  C CD1 . TYR A 16 ? 0.1435 0.1514 0.2182 -0.0022 -0.0381 -0.0158 119 TYR A CD1 
84  C CD2 . TYR A 16 ? 0.1243 0.1320 0.2009 0.0056  -0.0195 0.0084  119 TYR A CD2 
85  C CE1 . TYR A 16 ? 0.1657 0.1383 0.2116 -0.0124 -0.0253 0.0150  119 TYR A CE1 
86  C CE2 . TYR A 16 ? 0.1337 0.1219 0.1958 -0.0125 -0.0188 -0.0061 119 TYR A CE2 
87  C CZ  . TYR A 16 ? 0.1422 0.1309 0.2228 -0.0087 -0.0215 0.0082  119 TYR A CZ  
88  O OH  . TYR A 16 ? 0.1485 0.1297 0.2203 -0.0247 -0.0024 0.0043  119 TYR A OH  
89  N N   . ILE A 17 ? 0.1322 0.1217 0.1932 0.0019  -0.0242 -0.0026 120 ILE A N   
90  C CA  . ILE A 17 ? 0.1423 0.1299 0.2147 0.0110  -0.0081 -0.0068 120 ILE A CA  
91  C C   . ILE A 17 ? 0.1448 0.1315 0.1820 -0.0160 -0.0060 -0.0121 120 ILE A C   
92  O O   . ILE A 17 ? 0.1531 0.1396 0.1950 -0.0152 -0.0130 0.0083  120 ILE A O   
93  C CB  . ILE A 17 ? 0.1432 0.1581 0.2522 0.0137  0.0072  -0.0054 120 ILE A CB  
94  C CG1 . ILE A 17 ? 0.1735 0.1969 0.2848 0.0214  0.0175  -0.0227 120 ILE A CG1 
95  C CG2 . ILE A 17 ? 0.2186 0.1716 0.2581 0.0182  0.0384  -0.0199 120 ILE A CG2 
96  C CD1 . ILE A 17 ? 0.2247 0.3186 0.3663 0.0959  -0.0160 -0.0261 120 ILE A CD1 
97  N N   . PRO A 18 ? 0.1509 0.1289 0.1823 -0.0160 -0.0098 0.0026  121 PRO A N   
98  C CA  . PRO A 18 ? 0.1414 0.1316 0.1860 -0.0041 0.0006  -0.0133 121 PRO A CA  
99  C C   . PRO A 18 ? 0.1467 0.1301 0.1788 -0.0152 0.0098  -0.0094 121 PRO A C   
100 O O   . PRO A 18 ? 0.1531 0.1441 0.2261 -0.0130 0.0027  -0.0278 121 PRO A O   
101 C CB  . PRO A 18 ? 0.1583 0.1475 0.2465 -0.0134 -0.0187 0.0038  121 PRO A CB  
102 C CG  . PRO A 18 ? 0.1921 0.1947 0.2223 -0.0120 -0.0215 0.0186  121 PRO A CG  
103 C CD  . PRO A 18 ? 0.1568 0.1506 0.1661 -0.0084 -0.0063 -0.0105 121 PRO A CD  
104 N N   . GLN A 19 ? 0.1501 0.1214 0.1764 -0.0071 0.0001  -0.0045 122 GLN A N   
105 C CA  . GLN A 19 ? 0.1480 0.1280 0.1939 -0.0176 -0.0131 -0.0034 122 GLN A CA  
106 C C   . GLN A 19 ? 0.1405 0.1228 0.1807 0.0018  -0.0035 0.0004  122 GLN A C   
107 O O   . GLN A 19 ? 0.1494 0.1157 0.2026 -0.0115 -0.0182 0.0059  122 GLN A O   
108 C CB  . GLN A 19 ? 0.1766 0.1350 0.1975 -0.0158 -0.0089 -0.0018 122 GLN A CB  
109 C CG  . GLN A 19 ? 0.2667 0.1562 0.2408 -0.0076 -0.0415 -0.0186 122 GLN A CG  
110 C CD  . GLN A 19 ? 0.3956 0.1676 0.2655 0.0200  -0.0338 0.0290  122 GLN A CD  
111 O OE1 . GLN A 19 ? 0.4518 0.2441 0.2834 -0.0781 -0.0541 -0.0284 122 GLN A OE1 
112 N NE2 . GLN A 19 ? 0.4570 0.2117 0.2559 -0.0281 -0.0246 0.0265  122 GLN A NE2 
113 N N   . ASN A 20 ? 0.1501 0.1134 0.1879 -0.0193 -0.0145 -0.0125 123 ASN A N   
114 C CA  . ASN A 20 ? 0.1483 0.0986 0.1791 -0.0086 -0.0123 -0.0077 123 ASN A CA  
115 C C   . ASN A 20 ? 0.1513 0.1257 0.1934 -0.0089 -0.0208 -0.0051 123 ASN A C   
116 O O   . ASN A 20 ? 0.1619 0.1181 0.2117 -0.0107 -0.0283 0.0087  123 ASN A O   
117 C CB  . ASN A 20 ? 0.1622 0.1138 0.2041 -0.0066 -0.0114 0.0090  123 ASN A CB  
118 C CG  . ASN A 20 ? 0.1416 0.1322 0.1978 -0.0094 0.0008  0.0071  123 ASN A CG  
119 O OD1 . ASN A 20 ? 0.1692 0.1283 0.2360 -0.0191 -0.0287 0.0014  123 ASN A OD1 
120 N ND2 . ASN A 20 ? 0.1786 0.1525 0.1922 -0.0158 -0.0206 0.0170  123 ASN A ND2 
121 N N   . GLU A 21 ? 0.1790 0.1290 0.1862 -0.0137 -0.0258 0.0052  124 GLU A N   
122 C CA  . GLU A 21 ? 0.2037 0.1409 0.1905 -0.0007 -0.0149 0.0040  124 GLU A CA  
123 C C   . GLU A 21 ? 0.1842 0.1315 0.1910 -0.0121 -0.0120 0.0041  124 GLU A C   
124 O O   . GLU A 21 ? 0.2433 0.1475 0.2374 -0.0075 -0.0017 0.0203  124 GLU A O   
125 C CB  . GLU A 21 ? 0.2654 0.1770 0.2053 -0.0001 -0.0222 0.0110  124 GLU A CB  
126 C CG  . GLU A 21 ? 0.2966 0.2307 0.2938 0.0060  -0.0722 -0.0075 124 GLU A CG  
127 C CD  . GLU A 21 ? 0.3555 0.3653 0.4011 0.0003  -0.0936 -0.0269 124 GLU A CD  
128 O OE1 . GLU A 21 ? 0.4436 0.3694 0.4778 0.0425  -0.1502 0.0313  124 GLU A OE1 
129 O OE2 . GLU A 21 ? 0.3825 0.5666 0.4537 -0.0085 -0.1228 -0.0220 124 GLU A OE2 
130 N N   . ASP A 22 ? 0.1592 0.1162 0.1908 -0.0105 -0.0243 0.0058  125 ASP A N   
131 C CA  . ASP A 22 ? 0.1624 0.1363 0.2081 -0.0065 -0.0235 0.0059  125 ASP A CA  
132 C C   . ASP A 22 ? 0.1712 0.1162 0.2257 -0.0023 -0.0203 0.0096  125 ASP A C   
133 O O   . ASP A 22 ? 0.1969 0.1456 0.2480 0.0233  -0.0513 -0.0242 125 ASP A O   
134 C CB  . ASP A 22 ? 0.1649 0.1484 0.2071 0.0119  -0.0336 -0.0019 125 ASP A CB  
135 C CG  . ASP A 22 ? 0.1582 0.1502 0.2254 -0.0038 -0.0218 0.0015  125 ASP A CG  
136 O OD1 . ASP A 22 ? 0.1807 0.1837 0.2329 0.0115  -0.0207 0.0482  125 ASP A OD1 
137 O OD2 . ASP A 22 ? 0.1753 0.1954 0.2360 0.0062  -0.0176 0.0405  125 ASP A OD2 
138 N N   . GLU A 23 ? 0.1508 0.1264 0.1977 0.0025  -0.0126 0.0003  126 GLU A N   
139 C CA  . GLU A 23 ? 0.1502 0.1239 0.2027 -0.0057 -0.0111 0.0085  126 GLU A CA  
140 C C   . GLU A 23 ? 0.1446 0.1475 0.1607 -0.0116 0.0055  -0.0070 126 GLU A C   
141 O O   . GLU A 23 ? 0.1959 0.1526 0.1970 -0.0410 0.0188  -0.0200 126 GLU A O   
142 C CB  . GLU A 23 ? 0.1519 0.1087 0.2124 -0.0102 -0.0220 -0.0043 126 GLU A CB  
143 C CG  . GLU A 23 ? 0.1426 0.1203 0.2032 -0.0125 -0.0239 -0.0061 126 GLU A CG  
144 C CD  . GLU A 23 ? 0.1470 0.1256 0.1692 -0.0125 -0.0145 -0.0055 126 GLU A CD  
145 O OE1 . GLU A 23 ? 0.1332 0.1334 0.2137 -0.0088 -0.0186 0.0031  126 GLU A OE1 
146 O OE2 . GLU A 23 ? 0.1337 0.1330 0.1985 -0.0051 -0.0210 0.0093  126 GLU A OE2 
147 N N   . LEU A 24 ? 0.1483 0.1157 0.1700 -0.0138 -0.0005 0.0018  127 LEU A N   
148 C CA  . LEU A 24 ? 0.1635 0.1306 0.1569 -0.0171 0.0002  0.0143  127 LEU A CA  
149 C C   . LEU A 24 ? 0.1703 0.1203 0.1291 -0.0200 -0.0013 -0.0109 127 LEU A C   
150 O O   . LEU A 24 ? 0.1445 0.1639 0.1988 0.0023  -0.0081 0.0242  127 LEU A O   
151 C CB  . LEU A 24 ? 0.1559 0.1218 0.1721 -0.0177 -0.0120 0.0115  127 LEU A CB  
152 C CG  . LEU A 24 ? 0.1602 0.1420 0.1902 -0.0158 0.0053  0.0116  127 LEU A CG  
153 C CD1 . LEU A 24 ? 0.1890 0.1422 0.2583 0.0190  -0.0008 0.0016  127 LEU A CD1 
154 C CD2 . LEU A 24 ? 0.1949 0.1689 0.2379 0.0088  -0.0014 0.0094  127 LEU A CD2 
155 N N   . GLU A 25 ? 0.1656 0.1453 0.1653 -0.0069 -0.0120 -0.0001 128 GLU A N   
156 C CA  . GLU A 25 ? 0.1581 0.1468 0.2050 -0.0177 -0.0011 -0.0111 128 GLU A CA  
157 C C   . GLU A 25 ? 0.1666 0.1406 0.2034 -0.0176 -0.0054 0.0099  128 GLU A C   
158 O O   . GLU A 25 ? 0.1971 0.1427 0.2365 -0.0260 -0.0381 0.0208  128 GLU A O   
159 C CB  . GLU A 25 ? 0.1845 0.2183 0.2431 -0.0234 -0.0012 -0.0272 128 GLU A CB  
160 C CG  . GLU A 25 ? 0.2696 0.3250 0.3723 -0.0239 0.0027  -0.0486 128 GLU A CG  
161 C CD  . GLU A 25 ? 0.4409 0.4724 0.4959 -0.0371 0.0907  -0.0991 128 GLU A CD  
162 O OE1 . GLU A 25 ? 0.6281 0.5269 0.5546 -0.0528 0.1323  -0.0637 128 GLU A OE1 
163 O OE2 . GLU A 25 ? 0.5205 0.5200 0.6128 -0.0212 0.1405  -0.1758 128 GLU A OE2 
164 N N   . LEU A 26 ? 0.1545 0.1171 0.1959 -0.0046 -0.0012 -0.0008 129 LEU A N   
165 C CA  . LEU A 26 ? 0.1269 0.1154 0.1921 -0.0044 -0.0025 -0.0052 129 LEU A CA  
166 C C   . LEU A 26 ? 0.1428 0.1307 0.2011 -0.0102 -0.0060 0.0057  129 LEU A C   
167 O O   . LEU A 26 ? 0.1437 0.1386 0.2283 -0.0075 -0.0169 0.0062  129 LEU A O   
168 C CB  . LEU A 26 ? 0.1103 0.1350 0.2117 -0.0023 -0.0070 -0.0241 129 LEU A CB  
169 C CG  . LEU A 26 ? 0.1185 0.1501 0.2320 -0.0092 0.0089  -0.0223 129 LEU A CG  
170 C CD1 . LEU A 26 ? 0.1274 0.1705 0.2580 -0.0172 0.0529  -0.0441 129 LEU A CD1 
171 C CD2 . LEU A 26 ? 0.1504 0.1688 0.2902 0.0210  -0.0130 -0.0258 129 LEU A CD2 
172 N N   . LYS A 27 ? 0.1448 0.1305 0.2194 -0.0072 -0.0042 -0.0157 130 LYS A N   
173 C CA  . LYS A 27 ? 0.1445 0.1547 0.2385 -0.0176 0.0054  -0.0027 130 LYS A CA  
174 C C   . LYS A 27 ? 0.1235 0.1570 0.2592 -0.0189 0.0020  -0.0010 130 LYS A C   
175 O O   . LYS A 27 ? 0.1299 0.1574 0.2403 -0.0085 0.0064  -0.0100 130 LYS A O   
176 C CB  . LYS A 27 ? 0.1794 0.1987 0.2502 -0.0190 0.0289  -0.0066 130 LYS A CB  
177 C CG  . LYS A 27 ? 0.2500 0.2684 0.2646 -0.0185 0.0322  -0.0105 130 LYS A CG  
178 C CD  . LYS A 27 ? 0.3009 0.3216 0.3540 0.0209  0.0640  -0.0598 130 LYS A CD  
179 C CE  . LYS A 27 ? 0.4331 0.3603 0.3828 0.0217  0.0783  -0.0609 130 LYS A CE  
180 N NZ  . LYS A 27 ? 0.5504 0.4390 0.4769 0.0205  0.0533  -0.0069 130 LYS A NZ  
181 N N   . VAL A 28 ? 0.1299 0.1515 0.2751 -0.0139 -0.0083 -0.0096 131 VAL A N   
182 C CA  . VAL A 28 ? 0.1365 0.1532 0.2726 -0.0057 -0.0123 -0.0048 131 VAL A CA  
183 C C   . VAL A 28 ? 0.1294 0.1757 0.2639 -0.0311 -0.0023 -0.0063 131 VAL A C   
184 O O   . VAL A 28 ? 0.1665 0.1722 0.2771 -0.0353 0.0092  -0.0047 131 VAL A O   
185 C CB  . VAL A 28 ? 0.1534 0.1638 0.2814 -0.0036 -0.0229 -0.0072 131 VAL A CB  
186 C CG1 . VAL A 28 ? 0.1742 0.1711 0.3224 -0.0036 -0.0408 -0.0231 131 VAL A CG1 
187 C CG2 . VAL A 28 ? 0.1678 0.1632 0.2722 -0.0156 -0.0318 0.0206  131 VAL A CG2 
188 N N   . GLY A 29 ? 0.1491 0.1566 0.2937 -0.0286 -0.0296 -0.0078 132 GLY A N   
189 C CA  . GLY A 29 ? 0.1739 0.1564 0.3055 -0.0157 -0.0375 -0.0185 132 GLY A CA  
190 C C   . GLY A 29 ? 0.1717 0.1594 0.2868 -0.0142 -0.0203 0.0093  132 GLY A C   
191 O O   . GLY A 29 ? 0.1978 0.1446 0.3011 -0.0175 -0.0251 0.0110  132 GLY A O   
192 N N   . ASP A 30 ? 0.1648 0.1268 0.2600 -0.0153 -0.0235 -0.0055 133 ASP A N   
193 C CA  . ASP A 30 ? 0.1649 0.1362 0.2205 -0.0243 0.0017  0.0097  133 ASP A CA  
194 C C   . ASP A 30 ? 0.1624 0.1199 0.2062 -0.0257 -0.0058 0.0122  133 ASP A C   
195 O O   . ASP A 30 ? 0.1914 0.1324 0.2163 -0.0092 -0.0213 0.0153  133 ASP A O   
196 C CB  . ASP A 30 ? 0.1716 0.1257 0.2093 -0.0067 -0.0065 0.0092  133 ASP A CB  
197 C CG  . ASP A 30 ? 0.1841 0.1634 0.2281 -0.0246 0.0113  0.0083  133 ASP A CG  
198 O OD1 . ASP A 30 ? 0.2970 0.1983 0.3260 -0.0265 0.1009  -0.0187 133 ASP A OD1 
199 O OD2 . ASP A 30 ? 0.1961 0.1603 0.2547 -0.0144 -0.0282 0.0043  133 ASP A OD2 
200 N N   . ILE A 31 ? 0.1742 0.1290 0.2292 -0.0148 -0.0156 0.0167  134 ILE A N   
201 C CA  . ILE A 31 ? 0.1632 0.1432 0.2508 -0.0161 -0.0171 0.0211  134 ILE A CA  
202 C C   . ILE A 31 ? 0.1775 0.1543 0.2434 -0.0012 -0.0121 0.0311  134 ILE A C   
203 O O   . ILE A 31 ? 0.2030 0.1828 0.2627 -0.0270 -0.0304 0.0358  134 ILE A O   
204 C CB  . ILE A 31 ? 0.1914 0.1563 0.2875 -0.0034 -0.0162 0.0295  134 ILE A CB  
205 C CG1 . ILE A 31 ? 0.1970 0.1498 0.3334 -0.0288 -0.0107 0.0044  134 ILE A CG1 
206 C CG2 . ILE A 31 ? 0.2315 0.1421 0.3376 -0.0065 0.0031  0.0143  134 ILE A CG2 
207 C CD1 . ILE A 31 ? 0.2505 0.1638 0.3242 -0.0488 -0.0298 0.0114  134 ILE A CD1 
208 N N   . ILE A 32 ? 0.1681 0.1480 0.2065 -0.0029 -0.0247 0.0164  135 ILE A N   
209 C CA  . ILE A 32 ? 0.1618 0.1533 0.2299 -0.0012 -0.0411 0.0325  135 ILE A CA  
210 C C   . ILE A 32 ? 0.1549 0.1605 0.2196 -0.0074 -0.0278 0.0261  135 ILE A C   
211 O O   . ILE A 32 ? 0.1766 0.1470 0.2536 0.0152  -0.0364 -0.0158 135 ILE A O   
212 C CB  . ILE A 32 ? 0.1578 0.1494 0.2257 -0.0025 -0.0268 0.0249  135 ILE A CB  
213 C CG1 . ILE A 32 ? 0.1764 0.1498 0.2324 0.0088  -0.0243 0.0042  135 ILE A CG1 
214 C CG2 . ILE A 32 ? 0.1614 0.1648 0.2691 -0.0141 -0.0358 0.0282  135 ILE A CG2 
215 C CD1 . ILE A 32 ? 0.1792 0.1499 0.2306 0.0290  -0.0201 0.0030  135 ILE A CD1 
216 N N   . ASP A 33 ? 0.1762 0.1416 0.2689 0.0070  -0.0399 0.0211  136 ASP A N   
217 C CA  . ASP A 33 ? 0.1840 0.1311 0.2728 0.0065  -0.0369 0.0203  136 ASP A CA  
218 C C   . ASP A 33 ? 0.1668 0.1277 0.2464 0.0379  -0.0349 0.0183  136 ASP A C   
219 O O   . ASP A 33 ? 0.1699 0.1471 0.2344 0.0055  -0.0239 -0.0029 136 ASP A O   
220 C CB  . ASP A 33 ? 0.2128 0.1564 0.3153 0.0156  -0.0445 0.0290  136 ASP A CB  
221 C CG  . ASP A 33 ? 0.2756 0.2333 0.4277 0.0276  -0.0524 0.1313  136 ASP A CG  
222 O OD1 . ASP A 33 ? 0.2970 0.2127 0.5763 -0.0055 -0.0247 0.0889  136 ASP A OD1 
223 O OD2 . ASP A 33 ? 0.3006 0.3049 0.5583 0.0194  -0.0208 0.1503  136 ASP A OD2 
224 N N   . ILE A 34 ? 0.1952 0.1283 0.2569 0.0105  -0.0282 -0.0018 137 ILE A N   
225 C CA  . ILE A 34 ? 0.1820 0.1626 0.2499 0.0371  -0.0052 -0.0020 137 ILE A CA  
226 C C   . ILE A 34 ? 0.1783 0.1708 0.2851 0.0262  -0.0180 0.0068  137 ILE A C   
227 O O   . ILE A 34 ? 0.1937 0.1760 0.3355 0.0430  -0.0523 -0.0042 137 ILE A O   
228 C CB  . ILE A 34 ? 0.2042 0.1863 0.2535 0.0373  -0.0077 -0.0305 137 ILE A CB  
229 C CG1 . ILE A 34 ? 0.1794 0.1941 0.2341 0.0469  -0.0029 -0.0277 137 ILE A CG1 
230 C CG2 . ILE A 34 ? 0.2167 0.2716 0.2989 0.0238  0.0071  -0.0065 137 ILE A CG2 
231 C CD1 . ILE A 34 ? 0.2348 0.2611 0.2572 0.0559  -0.0420 -0.0295 137 ILE A CD1 
232 N N   . ASN A 35 ? 0.1649 0.1483 0.2471 0.0391  -0.0152 0.0078  138 ASN A N   
233 C CA  . ASN A 35 ? 0.1782 0.1849 0.2560 0.0361  -0.0180 0.0110  138 ASN A CA  
234 C C   . ASN A 35 ? 0.1831 0.2005 0.2881 0.0605  -0.0024 0.0007  138 ASN A C   
235 O O   . ASN A 35 ? 0.2854 0.2549 0.3409 0.0560  0.0425  -0.0257 138 ASN A O   
236 C CB  . ASN A 35 ? 0.1765 0.1588 0.2568 0.0177  -0.0202 0.0230  138 ASN A CB  
237 C CG  . ASN A 35 ? 0.2006 0.1953 0.2490 0.0258  -0.0219 0.0252  138 ASN A CG  
238 O OD1 . ASN A 35 ? 0.1868 0.2879 0.3502 0.0390  -0.0461 0.0412  138 ASN A OD1 
239 N ND2 . ASN A 35 ? 0.2211 0.2179 0.2508 -0.0163 -0.0557 0.0275  138 ASN A ND2 
240 N N   . GLU A 36 ? 0.1836 0.2152 0.3005 0.0513  0.0158  0.0285  139 GLU A N   
241 C CA  . GLU A 36 ? 0.2183 0.2631 0.3065 0.0488  0.0254  0.0281  139 GLU A CA  
242 C C   . GLU A 36 ? 0.1800 0.2602 0.2946 0.0512  0.0553  0.0174  139 GLU A C   
243 O O   . GLU A 36 ? 0.2102 0.2380 0.2547 0.0458  0.0489  0.0227  139 GLU A O   
244 C CB  . GLU A 36 ? 0.2462 0.3213 0.3460 0.0452  0.0172  0.0396  139 GLU A CB  
245 C CG  . GLU A 36 ? 0.2824 0.3640 0.4417 -0.0124 0.0049  0.0112  139 GLU A CG  
246 C CD  . GLU A 36 ? 0.3696 0.5439 0.6083 -0.0318 -0.0364 -0.0100 139 GLU A CD  
247 O OE1 . GLU A 36 ? 0.3196 0.6435 0.6891 -0.0335 0.0133  -0.0574 139 GLU A OE1 
248 O OE2 . GLU A 36 ? 0.5059 0.6016 0.6919 -0.0837 -0.0762 -0.0552 139 GLU A OE2 
249 N N   . GLU A 37 ? 0.2126 0.2433 0.2831 0.0674  0.0534  0.0089  140 GLU A N   
250 C CA  . GLU A 37 ? 0.2037 0.2400 0.2671 0.0381  0.0416  0.0173  140 GLU A CA  
251 C C   . GLU A 37 ? 0.1935 0.2712 0.3136 0.0298  0.0311  0.0226  140 GLU A C   
252 O O   . GLU A 37 ? 0.2000 0.2859 0.4111 0.0352  0.0286  0.0038  140 GLU A O   
253 C CB  . GLU A 37 ? 0.2437 0.2544 0.2927 0.0331  0.0564  0.0112  140 GLU A CB  
254 C CG  . GLU A 37 ? 0.2742 0.2800 0.3353 0.0339  0.0546  0.0357  140 GLU A CG  
255 C CD  . GLU A 37 ? 0.3444 0.4401 0.3886 0.0603  0.0633  0.0224  140 GLU A CD  
256 O OE1 . GLU A 37 ? 0.3718 0.5865 0.5063 0.0311  0.0763  0.0657  140 GLU A OE1 
257 O OE2 . GLU A 37 ? 0.3935 0.4564 0.3066 0.0445  0.0720  0.0462  140 GLU A OE2 
258 N N   . VAL A 38 ? 0.1616 0.2184 0.2473 0.0230  0.0017  0.0252  141 VAL A N   
259 C CA  . VAL A 38 ? 0.1564 0.2700 0.2224 0.0020  0.0029  0.0252  141 VAL A CA  
260 C C   . VAL A 38 ? 0.1596 0.2604 0.2136 -0.0047 0.0182  0.0347  141 VAL A C   
261 O O   . VAL A 38 ? 0.1842 0.2817 0.2887 -0.0246 0.0058  0.0488  141 VAL A O   
262 C CB  . VAL A 38 ? 0.1484 0.2773 0.2142 -0.0017 0.0148  0.0208  141 VAL A CB  
263 C CG1 . VAL A 38 ? 0.1717 0.2763 0.2663 -0.0222 -0.0125 -0.0063 141 VAL A CG1 
264 C CG2 . VAL A 38 ? 0.2400 0.2922 0.2450 -0.0170 0.0041  0.0214  141 VAL A CG2 
265 N N   . GLU A 39 ? 0.1654 0.2438 0.1945 -0.0104 0.0344  0.0488  142 GLU A N   
266 C CA  . GLU A 39 ? 0.1876 0.2428 0.2065 -0.0186 0.0395  0.0431  142 GLU A CA  
267 C C   . GLU A 39 ? 0.1978 0.2453 0.2026 -0.0173 0.0409  0.0583  142 GLU A C   
268 O O   . GLU A 39 ? 0.1859 0.2245 0.1948 0.0042  0.0244  0.0515  142 GLU A O   
269 C CB  . GLU A 39 ? 0.2233 0.2653 0.2238 -0.0158 0.0253  0.0399  142 GLU A CB  
270 C CG  . GLU A 39 ? 0.2051 0.2286 0.2478 0.0102  0.0231  0.0499  142 GLU A CG  
271 C CD  . GLU A 39 ? 0.2818 0.2474 0.2785 -0.0039 0.0005  0.1027  142 GLU A CD  
272 O OE1 . GLU A 39 ? 0.4165 0.2771 0.3428 0.0257  0.0449  0.0721  142 GLU A OE1 
273 O OE2 . GLU A 39 ? 0.2059 0.2542 0.2814 0.0187  -0.0166 0.0156  142 GLU A OE2 
274 N N   . GLU A 40 ? 0.2185 0.2404 0.1943 -0.0232 0.0413  0.0480  143 GLU A N   
275 C CA  . GLU A 40 ? 0.2445 0.2664 0.1766 0.0034  0.0326  0.0443  143 GLU A CA  
276 C C   . GLU A 40 ? 0.2434 0.2630 0.1848 0.0011  0.0411  0.0511  143 GLU A C   
277 O O   . GLU A 40 ? 0.2675 0.2593 0.2387 0.0119  0.0021  0.0369  143 GLU A O   
278 C CB  . GLU A 40 ? 0.2939 0.3313 0.1537 0.0020  0.0639  0.0566  143 GLU A CB  
279 C CG  . GLU A 40 ? 0.4015 0.4414 0.2138 -0.0016 0.0381  0.0388  143 GLU A CG  
280 C CD  . GLU A 40 ? 0.4658 0.5767 0.2912 -0.0095 0.0434  0.0452  143 GLU A CD  
281 O OE1 . GLU A 40 ? 0.4586 0.6149 0.2292 -0.0135 0.1218  0.0193  143 GLU A OE1 
282 O OE2 . GLU A 40 ? 0.4896 0.6403 0.3786 -0.0020 -0.0058 0.0274  143 GLU A OE2 
283 N N   . GLY A 41 ? 0.2130 0.2478 0.1704 0.0073  0.0400  0.0171  144 GLY A N   
284 C CA  . GLY A 41 ? 0.2132 0.2526 0.1851 -0.0031 0.0419  0.0300  144 GLY A CA  
285 C C   . GLY A 41 ? 0.1672 0.1999 0.1684 0.0069  0.0542  0.0180  144 GLY A C   
286 O O   . GLY A 41 ? 0.1815 0.1867 0.1903 -0.0019 0.0091  0.0212  144 GLY A O   
287 N N   . TRP A 42 ? 0.1509 0.1769 0.1589 0.0159  0.0307  0.0074  145 TRP A N   
288 C CA  . TRP A 42 ? 0.1284 0.1709 0.1540 0.0077  0.0449  0.0070  145 TRP A CA  
289 C C   . TRP A 42 ? 0.1573 0.1763 0.1763 0.0034  0.0177  0.0270  145 TRP A C   
290 O O   . TRP A 42 ? 0.1606 0.1962 0.1675 0.0117  0.0206  0.0376  145 TRP A O   
291 C CB  . TRP A 42 ? 0.1581 0.1800 0.1755 0.0003  0.0025  0.0183  145 TRP A CB  
292 C CG  . TRP A 42 ? 0.1551 0.1633 0.1592 -0.0076 0.0204  0.0178  145 TRP A CG  
293 C CD1 . TRP A 42 ? 0.1703 0.1740 0.1569 -0.0006 0.0166  0.0295  145 TRP A CD1 
294 C CD2 . TRP A 42 ? 0.1616 0.1607 0.1261 0.0034  0.0163  0.0064  145 TRP A CD2 
295 N NE1 . TRP A 42 ? 0.1723 0.1770 0.2056 0.0103  -0.0013 0.0299  145 TRP A NE1 
296 C CE2 . TRP A 42 ? 0.1510 0.1510 0.1506 -0.0030 0.0040  0.0114  145 TRP A CE2 
297 C CE3 . TRP A 42 ? 0.1700 0.1525 0.1356 -0.0163 0.0255  -0.0036 145 TRP A CE3 
298 C CZ2 . TRP A 42 ? 0.1687 0.1561 0.1930 -0.0038 0.0106  -0.0343 145 TRP A CZ2 
299 C CZ3 . TRP A 42 ? 0.1763 0.1731 0.1739 -0.0372 0.0362  -0.0094 145 TRP A CZ3 
300 C CH2 . TRP A 42 ? 0.1394 0.1856 0.2305 -0.0155 0.0003  -0.0276 145 TRP A CH2 
301 N N   . TRP A 43 ? 0.1558 0.1719 0.1985 0.0175  0.0266  0.0302  146 TRP A N   
302 C CA  . TRP A 43 ? 0.1683 0.1460 0.2011 0.0174  0.0145  0.0153  146 TRP A CA  
303 C C   . TRP A 43 ? 0.1445 0.1573 0.2084 0.0176  0.0194  0.0022  146 TRP A C   
304 O O   . TRP A 43 ? 0.1601 0.1668 0.1795 0.0148  0.0146  0.0081  146 TRP A O   
305 C CB  . TRP A 43 ? 0.1840 0.1741 0.1946 0.0329  0.0296  -0.0066 146 TRP A CB  
306 C CG  . TRP A 43 ? 0.2223 0.1850 0.2131 -0.0126 0.0345  -0.0136 146 TRP A CG  
307 C CD1 . TRP A 43 ? 0.2583 0.2391 0.1760 -0.0099 0.0217  0.0091  146 TRP A CD1 
308 C CD2 . TRP A 43 ? 0.2573 0.2476 0.2452 -0.0015 0.0546  -0.0358 146 TRP A CD2 
309 N NE1 . TRP A 43 ? 0.2774 0.2557 0.2613 -0.0170 0.0421  -0.0006 146 TRP A NE1 
310 C CE2 . TRP A 43 ? 0.3050 0.2600 0.2551 -0.0068 0.0436  -0.0590 146 TRP A CE2 
311 C CE3 . TRP A 43 ? 0.2812 0.2421 0.2638 0.0227  0.0429  -0.0577 146 TRP A CE3 
312 C CZ2 . TRP A 43 ? 0.3827 0.3149 0.3093 -0.0087 0.0628  -0.0637 146 TRP A CZ2 
313 C CZ3 . TRP A 43 ? 0.3525 0.2655 0.2888 0.0003  0.0542  -0.1116 146 TRP A CZ3 
314 C CH2 . TRP A 43 ? 0.3775 0.3079 0.2923 -0.0045 0.0463  -0.0959 146 TRP A CH2 
315 N N   . SER A 44 ? 0.1508 0.1618 0.2002 0.0289  0.0154  0.0176  147 SER A N   
316 C CA  . SER A 44 ? 0.1676 0.1406 0.1918 0.0150  0.0122  0.0093  147 SER A CA  
317 C C   . SER A 44 ? 0.1291 0.1502 0.1496 0.0270  0.0108  0.0059  147 SER A C   
318 O O   . SER A 44 ? 0.1603 0.1632 0.1912 0.0234  0.0030  0.0007  147 SER A O   
319 C CB  . SER A 44 ? 0.1746 0.1637 0.2573 -0.0050 0.0095  0.0021  147 SER A CB  
320 O OG  . SER A 44 ? 0.2204 0.1699 0.2874 -0.0008 -0.0200 0.0165  147 SER A OG  
321 N N   . GLY A 45 ? 0.1576 0.1362 0.1699 0.0080  0.0056  0.0057  148 GLY A N   
322 C CA  . GLY A 45 ? 0.1501 0.1424 0.1873 0.0055  -0.0166 0.0135  148 GLY A CA  
323 C C   . GLY A 45 ? 0.1429 0.1474 0.1883 0.0141  -0.0183 0.0185  148 GLY A C   
324 O O   . GLY A 45 ? 0.2153 0.1583 0.1768 0.0203  0.0000  0.0213  148 GLY A O   
325 N N   . THR A 46 ? 0.1524 0.1404 0.1856 0.0028  -0.0135 0.0323  149 THR A N   
326 C CA  A THR A 46 ? 0.1574 0.1666 0.1815 0.0026  -0.0215 0.0456  149 THR A CA  
327 C CA  B THR A 46 ? 0.1649 0.1838 0.1923 0.0045  -0.0227 0.0373  149 THR A CA  
328 C C   . THR A 46 ? 0.1654 0.1866 0.1875 0.0058  -0.0191 0.0312  149 THR A C   
329 O O   . THR A 46 ? 0.1939 0.1722 0.2418 0.0013  -0.0290 0.0362  149 THR A O   
330 C CB  A THR A 46 ? 0.1879 0.1725 0.1799 0.0219  -0.0128 0.0625  149 THR A CB  
331 C CB  B THR A 46 ? 0.2084 0.2002 0.1969 0.0203  -0.0258 0.0459  149 THR A CB  
332 O OG1 A THR A 46 ? 0.2010 0.1407 0.2507 0.0159  -0.0528 0.0534  149 THR A OG1 
333 O OG1 B THR A 46 ? 0.2059 0.2612 0.2532 0.0510  -0.0405 0.0066  149 THR A OG1 
334 C CG2 A THR A 46 ? 0.2175 0.2096 0.2386 0.0254  -0.0306 0.0501  149 THR A CG2 
335 C CG2 B THR A 46 ? 0.2161 0.2508 0.2416 0.0062  -0.0212 0.0530  149 THR A CG2 
336 N N   . LEU A 47 ? 0.1600 0.2132 0.2166 -0.0017 -0.0034 0.0454  150 LEU A N   
337 C CA  . LEU A 47 ? 0.1728 0.2202 0.2604 -0.0014 -0.0127 0.0557  150 LEU A CA  
338 C C   . LEU A 47 ? 0.1778 0.2586 0.2536 0.0049  0.0043  0.0750  150 LEU A C   
339 O O   . LEU A 47 ? 0.2135 0.2880 0.2278 0.0347  0.0119  0.0592  150 LEU A O   
340 C CB  . LEU A 47 ? 0.2006 0.1872 0.2540 -0.0032 -0.0221 0.0538  150 LEU A CB  
341 C CG  . LEU A 47 ? 0.1855 0.2176 0.2316 0.0204  -0.0047 0.0182  150 LEU A CG  
342 C CD1 . LEU A 47 ? 0.1941 0.2243 0.3156 -0.0123 -0.0273 0.0256  150 LEU A CD1 
343 C CD2 . LEU A 47 ? 0.2057 0.2485 0.2820 0.0413  -0.0165 0.0411  150 LEU A CD2 
344 N N   . ASN A 48 ? 0.2002 0.3300 0.2828 -0.0016 0.0075  0.0903  151 ASN A N   
345 C CA  . ASN A 48 ? 0.2200 0.3572 0.2948 0.0038  0.0175  0.0908  151 ASN A CA  
346 C C   . ASN A 48 ? 0.2404 0.3491 0.2735 0.0178  0.0045  0.0843  151 ASN A C   
347 O O   . ASN A 48 ? 0.2362 0.3998 0.2688 0.0265  0.0390  0.0614  151 ASN A O   
348 C CB  . ASN A 48 ? 0.2345 0.4014 0.3294 0.0163  0.0222  0.0813  151 ASN A CB  
349 C CG  . ASN A 48 ? 0.2685 0.4827 0.4224 -0.0089 0.0150  0.0929  151 ASN A CG  
350 O OD1 . ASN A 48 ? 0.3908 0.5076 0.5373 -0.0083 0.0200  0.1027  151 ASN A OD1 
351 N ND2 . ASN A 48 ? 0.3016 0.5756 0.5385 0.0514  0.0154  0.1422  151 ASN A ND2 
352 N N   . ASN A 49 ? 0.2275 0.3179 0.2544 0.0189  0.0162  0.0892  152 ASN A N   
353 C CA  . ASN A 49 ? 0.2102 0.3011 0.2531 0.0308  -0.0061 0.0734  152 ASN A CA  
354 C C   . ASN A 49 ? 0.2122 0.2695 0.2566 0.0329  -0.0001 0.0701  152 ASN A C   
355 O O   . ASN A 49 ? 0.2274 0.2705 0.2610 0.0491  -0.0022 0.0505  152 ASN A O   
356 C CB  . ASN A 49 ? 0.2621 0.3063 0.2664 0.0235  -0.0137 0.0765  152 ASN A CB  
357 C CG  . ASN A 49 ? 0.2726 0.3263 0.2884 0.0022  0.0105  0.0830  152 ASN A CG  
358 O OD1 . ASN A 49 ? 0.3143 0.3351 0.3218 0.0353  0.0038  0.0651  152 ASN A OD1 
359 N ND2 . ASN A 49 ? 0.3590 0.4114 0.3309 0.0162  -0.0302 0.0702  152 ASN A ND2 
360 N N   . LYS A 50 ? 0.2265 0.2859 0.1988 0.0186  0.0183  0.0512  153 LYS A N   
361 C CA  . LYS A 50 ? 0.2206 0.2590 0.2366 0.0307  0.0081  0.0380  153 LYS A CA  
362 C C   . LYS A 50 ? 0.2080 0.1958 0.1684 0.0357  0.0005  0.0240  153 LYS A C   
363 O O   . LYS A 50 ? 0.2324 0.2310 0.2246 0.0126  -0.0255 0.0152  153 LYS A O   
364 C CB  . LYS A 50 ? 0.2695 0.2628 0.2700 0.0482  0.0162  0.0200  153 LYS A CB  
365 C CG  . LYS A 50 ? 0.3305 0.3676 0.4308 0.0299  -0.0108 0.0198  153 LYS A CG  
366 N N   . LEU A 51 ? 0.2130 0.1929 0.1579 0.0332  -0.0218 0.0119  154 LEU A N   
367 C CA  A LEU A 51 ? 0.1938 0.1712 0.1533 0.0382  -0.0269 0.0196  154 LEU A CA  
368 C CA  B LEU A 51 ? 0.2052 0.1791 0.1658 0.0387  -0.0228 0.0184  154 LEU A CA  
369 C C   . LEU A 51 ? 0.2133 0.1724 0.1656 0.0254  -0.0067 0.0027  154 LEU A C   
370 O O   . LEU A 51 ? 0.2929 0.1794 0.1934 0.0177  -0.0495 0.0042  154 LEU A O   
371 C CB  A LEU A 51 ? 0.2173 0.1759 0.1847 0.0370  -0.0259 0.0136  154 LEU A CB  
372 C CB  B LEU A 51 ? 0.2303 0.1991 0.2071 0.0406  -0.0245 0.0102  154 LEU A CB  
373 C CG  A LEU A 51 ? 0.1511 0.2129 0.2276 0.0174  -0.0293 0.0162  154 LEU A CG  
374 C CG  B LEU A 51 ? 0.2126 0.2399 0.2772 0.0323  -0.0061 0.0288  154 LEU A CG  
375 C CD1 A LEU A 51 ? 0.2529 0.2152 0.2259 0.0223  -0.0183 0.0065  154 LEU A CD1 
376 C CD1 B LEU A 51 ? 0.2195 0.2596 0.3321 0.0837  -0.0221 0.0052  154 LEU A CD1 
377 C CD2 A LEU A 51 ? 0.1680 0.2049 0.3019 -0.0021 -0.0489 0.0191  154 LEU A CD2 
378 C CD2 B LEU A 51 ? 0.2356 0.2642 0.3428 0.0252  -0.0190 0.0082  154 LEU A CD2 
379 N N   . GLY A 52 ? 0.1752 0.1567 0.1594 0.0180  -0.0211 0.0112  155 GLY A N   
380 C CA  . GLY A 52 ? 0.1645 0.1369 0.1709 0.0088  -0.0028 -0.0049 155 GLY A CA  
381 C C   . GLY A 52 ? 0.1657 0.1386 0.1502 0.0065  -0.0044 -0.0033 155 GLY A C   
382 O O   . GLY A 52 ? 0.1844 0.1396 0.1707 0.0132  -0.0074 0.0002  155 GLY A O   
383 N N   . LEU A 53 ? 0.1602 0.1206 0.1655 0.0062  -0.0027 0.0032  156 LEU A N   
384 C CA  A LEU A 53 ? 0.1492 0.1274 0.1615 0.0030  0.0076  0.0003  156 LEU A CA  
385 C CA  B LEU A 53 ? 0.1565 0.1349 0.1746 0.0054  0.0064  0.0006  156 LEU A CA  
386 C C   . LEU A 53 ? 0.1496 0.1243 0.1213 0.0175  0.0425  -0.0032 156 LEU A C   
387 O O   . LEU A 53 ? 0.1519 0.1549 0.1341 0.0148  0.0154  -0.0181 156 LEU A O   
388 C CB  A LEU A 53 ? 0.1536 0.1332 0.1914 -0.0088 -0.0013 0.0066  156 LEU A CB  
389 C CB  B LEU A 53 ? 0.1742 0.1481 0.2135 0.0005  -0.0040 0.0083  156 LEU A CB  
390 C CG  A LEU A 53 ? 0.1684 0.1691 0.2110 -0.0177 0.0039  0.0066  156 LEU A CG  
391 C CG  B LEU A 53 ? 0.1988 0.2029 0.2418 -0.0089 0.0123  0.0066  156 LEU A CG  
392 C CD1 A LEU A 53 ? 0.1992 0.1455 0.2261 -0.0332 0.0182  0.0247  156 LEU A CD1 
393 C CD1 B LEU A 53 ? 0.2678 0.2994 0.1890 0.0530  0.0708  -0.0005 156 LEU A CD1 
394 C CD2 A LEU A 53 ? 0.1873 0.2272 0.1830 -0.0410 0.0182  -0.0234 156 LEU A CD2 
395 C CD2 B LEU A 53 ? 0.2759 0.2411 0.1887 -0.0239 0.0493  -0.0051 156 LEU A CD2 
396 N N   . PHE A 54 ? 0.1351 0.1511 0.1299 0.0081  0.0229  0.0007  157 PHE A N   
397 C CA  . PHE A 54 ? 0.1101 0.1610 0.1345 0.0140  0.0344  -0.0010 157 PHE A CA  
398 C C   . PHE A 54 ? 0.1321 0.1299 0.1452 -0.0085 0.0262  -0.0199 157 PHE A C   
399 O O   . PHE A 54 ? 0.1522 0.1410 0.1373 -0.0048 0.0200  0.0083  157 PHE A O   
400 C CB  . PHE A 54 ? 0.1432 0.1917 0.1816 -0.0069 -0.0027 0.0104  157 PHE A CB  
401 C CG  . PHE A 54 ? 0.1572 0.1605 0.1579 -0.0178 0.0075  0.0061  157 PHE A CG  
402 C CD1 . PHE A 54 ? 0.2041 0.1475 0.1882 -0.0213 -0.0130 0.0321  157 PHE A CD1 
403 C CD2 . PHE A 54 ? 0.1624 0.1540 0.2156 -0.0345 -0.0121 0.0186  157 PHE A CD2 
404 C CE1 . PHE A 54 ? 0.2298 0.1675 0.2424 -0.0338 -0.0567 0.0054  157 PHE A CE1 
405 C CE2 . PHE A 54 ? 0.2019 0.1688 0.2041 0.0036  -0.0167 0.0198  157 PHE A CE2 
406 C CZ  . PHE A 54 ? 0.2411 0.1396 0.2622 -0.0221 -0.0400 0.0033  157 PHE A CZ  
407 N N   . PRO A 55 ? 0.1515 0.1574 0.1409 -0.0109 0.0147  -0.0083 158 PRO A N   
408 C CA  . PRO A 55 ? 0.1307 0.1414 0.1521 0.0075  0.0204  -0.0133 158 PRO A CA  
409 C C   . PRO A 55 ? 0.1509 0.1577 0.1329 0.0147  -0.0064 0.0000  158 PRO A C   
410 O O   . PRO A 55 ? 0.1440 0.1697 0.1878 0.0001  -0.0075 0.0154  158 PRO A O   
411 C CB  . PRO A 55 ? 0.1720 0.1460 0.1922 -0.0013 -0.0238 0.0097  158 PRO A CB  
412 C CG  . PRO A 55 ? 0.1634 0.1488 0.1859 0.0091  -0.0177 0.0081  158 PRO A CG  
413 C CD  . PRO A 55 ? 0.1631 0.1419 0.1528 0.0079  0.0203  -0.0044 158 PRO A CD  
414 N N   . SER A 56 ? 0.1480 0.1777 0.1829 0.0101  0.0101  -0.0045 159 SER A N   
415 C CA  . SER A 56 ? 0.1781 0.1935 0.2155 0.0352  0.0037  -0.0206 159 SER A CA  
416 C C   . SER A 56 ? 0.1747 0.1960 0.1698 0.0080  0.0003  -0.0044 159 SER A C   
417 O O   . SER A 56 ? 0.2190 0.1964 0.2002 0.0080  -0.0002 -0.0193 159 SER A O   
418 C CB  . SER A 56 ? 0.2222 0.2367 0.2683 0.0394  0.0050  -0.0370 159 SER A CB  
419 O OG  . SER A 56 ? 0.2277 0.2965 0.2967 0.0048  0.0849  -0.0421 159 SER A OG  
420 N N   . ASN A 57 ? 0.1710 0.1981 0.1533 0.0038  0.0124  -0.0062 160 ASN A N   
421 C CA  . ASN A 57 ? 0.1885 0.2181 0.0687 -0.0020 0.0585  0.0016  160 ASN A CA  
422 C C   . ASN A 57 ? 0.1720 0.1907 0.0552 -0.0030 0.0655  -0.0112 160 ASN A C   
423 O O   . ASN A 57 ? 0.1900 0.2432 0.1977 0.0002  -0.0382 0.0116  160 ASN A O   
424 C CB  . ASN A 57 ? 0.2002 0.2500 0.1433 -0.0088 0.0181  0.0127  160 ASN A CB  
425 C CG  . ASN A 57 ? 0.2028 0.2297 0.1664 0.0283  0.0094  0.0021  160 ASN A CG  
426 O OD1 . ASN A 57 ? 0.2229 0.1911 0.2069 -0.0113 -0.0116 0.0200  160 ASN A OD1 
427 N ND2 . ASN A 57 ? 0.2608 0.2359 0.2204 0.0275  -0.0211 0.0313  160 ASN A ND2 
428 N N   . PHE A 58 ? 0.1538 0.1684 0.0604 0.0074  0.0655  -0.0120 161 PHE A N   
429 C CA  . PHE A 58 ? 0.1497 0.1571 0.0983 0.0339  0.0506  0.0283  161 PHE A CA  
430 C C   . PHE A 58 ? 0.1610 0.1451 0.1794 0.0184  0.0208  -0.0066 161 PHE A C   
431 O O   . PHE A 58 ? 0.1461 0.1468 0.2010 0.0143  0.0004  0.0114  161 PHE A O   
432 C CB  . PHE A 58 ? 0.1149 0.1702 0.0818 0.0215  0.0709  0.0097  161 PHE A CB  
433 C CG  . PHE A 58 ? 0.1353 0.1444 0.1354 0.0078  0.0051  -0.0003 161 PHE A CG  
434 C CD1 . PHE A 58 ? 0.1392 0.1449 0.1656 -0.0082 0.0024  0.0079  161 PHE A CD1 
435 C CD2 . PHE A 58 ? 0.1457 0.1350 0.1863 0.0087  0.0087  0.0085  161 PHE A CD2 
436 C CE1 . PHE A 58 ? 0.1429 0.1598 0.1726 0.0296  -0.0171 -0.0153 161 PHE A CE1 
437 C CE2 . PHE A 58 ? 0.1375 0.1663 0.1766 -0.0006 0.0195  0.0099  161 PHE A CE2 
438 C CZ  . PHE A 58 ? 0.1756 0.1337 0.2135 -0.0293 -0.0006 0.0372  161 PHE A CZ  
439 N N   . VAL A 59 ? 0.1513 0.1487 0.1857 0.0098  0.0053  -0.0167 162 VAL A N   
440 C CA  . VAL A 59 ? 0.1823 0.1518 0.1826 -0.0029 -0.0062 0.0171  162 VAL A CA  
441 C C   . VAL A 59 ? 0.1889 0.1904 0.1694 0.0067  -0.0042 -0.0084 162 VAL A C   
442 O O   . VAL A 59 ? 0.2359 0.1709 0.1949 0.0093  0.0237  -0.0268 162 VAL A O   
443 C CB  . VAL A 59 ? 0.1685 0.1529 0.2044 0.0134  0.0036  0.0103  162 VAL A CB  
444 C CG1 . VAL A 59 ? 0.1710 0.1706 0.2053 0.0071  -0.0125 -0.0141 162 VAL A CG1 
445 C CG2 . VAL A 59 ? 0.1786 0.1852 0.2459 0.0343  0.0021  0.0018  162 VAL A CG2 
446 N N   . LYS A 60 ? 0.2006 0.1731 0.2006 0.0036  0.0130  -0.0243 163 LYS A N   
447 C CA  . LYS A 60 ? 0.2226 0.2157 0.2116 0.0244  -0.0011 -0.0315 163 LYS A CA  
448 C C   . LYS A 60 ? 0.2022 0.1677 0.2536 -0.0023 -0.0017 -0.0404 163 LYS A C   
449 O O   . LYS A 60 ? 0.1783 0.1655 0.2390 0.0104  -0.0117 -0.0320 163 LYS A O   
450 C CB  . LYS A 60 ? 0.2534 0.2277 0.2551 0.0236  -0.0389 -0.0373 163 LYS A CB  
451 C CG  . LYS A 60 ? 0.3040 0.2911 0.3026 0.0139  -0.0385 -0.0474 163 LYS A CG  
452 C CD  . LYS A 60 ? 0.3714 0.3327 0.3364 -0.0061 -0.0389 -0.0672 163 LYS A CD  
453 C CE  . LYS A 60 ? 0.4285 0.3414 0.3723 -0.0243 -0.0320 -0.0736 163 LYS A CE  
454 N NZ  . LYS A 60 ? 0.4907 0.4851 0.4302 0.0161  -0.0621 -0.0362 163 LYS A NZ  
455 N N   . GLU A 61 ? 0.2181 0.1724 0.2880 -0.0009 0.0266  -0.0234 164 GLU A N   
456 C CA  . GLU A 61 ? 0.2008 0.1912 0.3358 0.0062  0.0198  -0.0375 164 GLU A CA  
457 C C   . GLU A 61 ? 0.1920 0.1727 0.3019 -0.0010 -0.0088 -0.0403 164 GLU A C   
458 O O   . GLU A 61 ? 0.2574 0.1861 0.3034 -0.0255 -0.0030 -0.0345 164 GLU A O   
459 C CB  . GLU A 61 ? 0.2406 0.2282 0.3849 -0.0064 0.0440  -0.0506 164 GLU A CB  
460 C CG  . GLU A 61 ? 0.2695 0.3103 0.5066 -0.0007 0.0260  -0.0490 164 GLU A CG  
461 C CD  . GLU A 61 ? 0.2708 0.4087 0.6712 0.0330  0.0184  -0.0258 164 GLU A CD  
462 O OE1 . GLU A 61 ? 0.2642 0.4281 0.8165 -0.0345 0.0650  -0.0321 164 GLU A OE1 
463 O OE2 . GLU A 61 ? 0.3007 0.4241 0.7920 -0.0019 -0.0032 -0.0208 164 GLU A OE2 
464 N N   . LEU A 62 ? 0.1886 0.1650 0.2961 0.0029  -0.0206 -0.0421 165 LEU A N   
465 C CA  . LEU A 62 ? 0.2120 0.1635 0.3270 -0.0059 -0.0496 -0.0457 165 LEU A CA  
466 C C   . LEU A 62 ? 0.2264 0.2059 0.3940 0.0023  -0.0645 -0.0699 165 LEU A C   
467 O O   . LEU A 62 ? 0.2330 0.2214 0.4972 0.0286  -0.0673 -0.1197 165 LEU A O   
468 C CB  . LEU A 62 ? 0.2376 0.1555 0.3091 -0.0042 -0.0676 -0.0185 165 LEU A CB  
469 C CG  . LEU A 62 ? 0.2390 0.1508 0.2835 -0.0188 -0.0311 -0.0171 165 LEU A CG  
470 C CD1 . LEU A 62 ? 0.2483 0.2500 0.2770 -0.0201 -0.0138 0.0132  165 LEU A CD1 
471 C CD2 . LEU A 62 ? 0.2183 0.2885 0.2971 0.0157  -0.0329 -0.0863 165 LEU A CD2 
472 N N   . GLU A 63 ? 0.2715 0.2083 0.4477 0.0034  -0.0483 -0.0949 166 GLU A N   
473 C CA  . GLU A 63 ? 0.3584 0.2635 0.5004 0.0176  -0.0467 -0.0826 166 GLU A CA  
474 C C   . GLU A 63 ? 0.3398 0.2757 0.5372 0.0226  -0.0362 -0.0736 166 GLU A C   
475 O O   . GLU A 63 ? 0.3515 0.3124 0.5590 0.0234  0.0097  -0.0443 166 GLU A O   
476 C CB  . GLU A 63 ? 0.3721 0.2531 0.5083 0.0241  -0.0518 -0.0876 166 GLU A CB  
477 C CG  . GLU A 63 ? 0.4807 0.3801 0.5554 0.0206  -0.0508 -0.0915 166 GLU A CG  
478 C CD  . GLU A 63 ? 0.5767 0.5000 0.6289 0.0296  -0.0599 -0.1449 166 GLU A CD  
479 O OE1 . GLU A 63 ? 0.6705 0.5236 0.7428 0.0307  -0.0473 -0.1930 166 GLU A OE1 
480 O OE2 . GLU A 63 ? 0.5595 0.6133 0.6574 0.0258  -0.0726 -0.1544 166 GLU A OE2 
481 N N   . GLN B 4  ? 0.3787 0.4576 0.5438 -0.0173 -0.0992 0.0301  455 GLN B N   
482 C CA  . GLN B 4  ? 0.3453 0.4316 0.5419 -0.0223 -0.1107 0.0339  455 GLN B CA  
483 C C   . GLN B 4  ? 0.3226 0.3939 0.4934 -0.0167 -0.0921 0.0257  455 GLN B C   
484 O O   . GLN B 4  ? 0.3349 0.3712 0.5249 -0.0335 -0.0811 -0.0116 455 GLN B O   
485 C CB  . GLN B 4  ? 0.3807 0.4518 0.5721 -0.0108 -0.1201 0.0573  455 GLN B CB  
486 N N   . PRO B 5  ? 0.2499 0.3253 0.4336 -0.0135 -0.1046 0.0182  456 PRO B N   
487 C CA  . PRO B 5  ? 0.2167 0.2888 0.3919 -0.0054 -0.0826 0.0325  456 PRO B CA  
488 C C   . PRO B 5  ? 0.1912 0.2570 0.3635 -0.0064 -0.0879 0.0348  456 PRO B C   
489 O O   . PRO B 5  ? 0.2045 0.2532 0.3700 -0.0002 -0.1004 0.0496  456 PRO B O   
490 C CB  . PRO B 5  ? 0.1758 0.2950 0.3932 -0.0136 -0.1022 0.0171  456 PRO B CB  
491 C CG  . PRO B 5  ? 0.2435 0.3429 0.4316 0.0389  -0.1011 -0.0060 456 PRO B CG  
492 C CD  . PRO B 5  ? 0.2298 0.3536 0.4374 0.0079  -0.1055 0.0207  456 PRO B CD  
493 N N   . PRO B 6  ? 0.2046 0.2257 0.3330 -0.0144 -0.0770 0.0490  457 PRO B N   
494 C CA  . PRO B 6  ? 0.1854 0.2376 0.3189 -0.0080 -0.0824 0.0562  457 PRO B CA  
495 C C   . PRO B 6  ? 0.1726 0.2026 0.3307 -0.0095 -0.0695 0.0752  457 PRO B C   
496 O O   . PRO B 6  ? 0.1823 0.1925 0.3318 0.0065  -0.0759 0.0707  457 PRO B O   
497 C CB  . PRO B 6  ? 0.2037 0.2386 0.3199 -0.0024 -0.0700 0.0372  457 PRO B CB  
498 C CG  . PRO B 6  ? 0.2328 0.1990 0.3294 -0.0016 -0.0763 0.0385  457 PRO B CG  
499 C CD  . PRO B 6  ? 0.2187 0.2165 0.3276 -0.0169 -0.0634 0.0375  457 PRO B CD  
500 N N   . VAL B 7  ? 0.1997 0.2198 0.3378 -0.0167 -0.0621 0.0697  458 VAL B N   
501 C CA  . VAL B 7  ? 0.1944 0.2137 0.3658 -0.0170 -0.0443 0.0891  458 VAL B CA  
502 C C   . VAL B 7  ? 0.1772 0.2196 0.3380 -0.0072 -0.0541 0.0778  458 VAL B C   
503 O O   . VAL B 7  ? 0.2004 0.2528 0.3575 -0.0028 -0.0422 0.0538  458 VAL B O   
504 C CB  . VAL B 7  ? 0.2231 0.2550 0.3937 -0.0145 -0.0475 0.1072  458 VAL B CB  
505 C CG1 . VAL B 7  ? 0.2658 0.2135 0.4016 -0.0111 -0.0406 0.1102  458 VAL B CG1 
506 C CG2 . VAL B 7  ? 0.2890 0.2849 0.4832 -0.0014 -0.0801 0.1356  458 VAL B CG2 
507 N N   . PRO B 8  ? 0.1783 0.1965 0.3323 -0.0121 -0.0451 0.0729  459 PRO B N   
508 C CA  . PRO B 8  ? 0.2007 0.2201 0.3137 -0.0259 -0.0385 0.0841  459 PRO B CA  
509 C C   . PRO B 8  ? 0.1993 0.1916 0.3358 -0.0312 -0.0723 0.0795  459 PRO B C   
510 O O   . PRO B 8  ? 0.1998 0.1930 0.3477 -0.0214 -0.0475 0.0950  459 PRO B O   
511 C CB  . PRO B 8  ? 0.2062 0.2656 0.3037 -0.0288 -0.0442 0.0905  459 PRO B CB  
512 C CG  . PRO B 8  ? 0.3200 0.2586 0.3247 0.0014  -0.0516 0.0735  459 PRO B CG  
513 C CD  . PRO B 8  ? 0.2222 0.2062 0.3453 -0.0215 -0.0332 0.0521  459 PRO B CD  
514 N N   . PRO B 9  ? 0.2050 0.2130 0.3101 -0.0188 -0.0673 0.0575  460 PRO B N   
515 C CA  . PRO B 9  ? 0.2169 0.2458 0.3204 -0.0261 -0.0681 0.0504  460 PRO B CA  
516 C C   . PRO B 9  ? 0.1832 0.1931 0.2941 -0.0016 -0.0668 0.0727  460 PRO B C   
517 O O   . PRO B 9  ? 0.1886 0.1688 0.2897 -0.0084 -0.0532 0.0743  460 PRO B O   
518 C CB  . PRO B 9  ? 0.2325 0.3062 0.3220 -0.0219 -0.0553 0.0055  460 PRO B CB  
519 C CG  . PRO B 9  ? 0.2917 0.3010 0.3561 0.0000  -0.0333 0.0260  460 PRO B CG  
520 C CD  . PRO B 9  ? 0.2118 0.2254 0.3444 -0.0312 -0.0644 0.0449  460 PRO B CD  
521 N N   . PRO B 10 ? 0.1842 0.2109 0.3011 -0.0284 -0.0518 0.0897  461 PRO B N   
522 C CA  . PRO B 10 ? 0.1885 0.2093 0.3125 -0.0254 -0.0431 0.0880  461 PRO B CA  
523 C C   . PRO B 10 ? 0.1915 0.1921 0.3066 -0.0136 -0.0449 0.0655  461 PRO B C   
524 O O   . PRO B 10 ? 0.1992 0.2659 0.3108 0.0168  -0.0341 0.0551  461 PRO B O   
525 C CB  . PRO B 10 ? 0.2109 0.2474 0.3118 -0.0493 -0.0557 0.0969  461 PRO B CB  
526 C CG  . PRO B 10 ? 0.2351 0.3050 0.3190 -0.0441 -0.0471 0.1070  461 PRO B CG  
527 C CD  . PRO B 10 ? 0.2072 0.2720 0.3043 -0.0330 -0.0546 0.1052  461 PRO B CD  
528 N N   . ARG B 11 ? 0.1987 0.1944 0.3073 -0.0128 -0.0511 0.0626  462 ARG B N   
529 C CA  A ARG B 11 ? 0.2043 0.1791 0.3058 -0.0206 -0.0443 0.0640  462 ARG B CA  
530 C CA  B ARG B 11 ? 0.2006 0.1879 0.3129 -0.0158 -0.0476 0.0559  462 ARG B CA  
531 C C   . ARG B 11 ? 0.2012 0.1964 0.3222 -0.0228 -0.0376 0.0589  462 ARG B C   
532 O O   . ARG B 11 ? 0.2238 0.2116 0.3214 -0.0282 -0.0454 0.0637  462 ARG B O   
533 C CB  A ARG B 11 ? 0.2086 0.1516 0.2921 -0.0297 -0.0474 0.0520  462 ARG B CB  
534 C CB  B ARG B 11 ? 0.1935 0.1801 0.3053 -0.0196 -0.0556 0.0600  462 ARG B CB  
535 C CG  A ARG B 11 ? 0.1510 0.1552 0.2915 -0.0184 -0.0481 0.0434  462 ARG B CG  
536 C CG  B ARG B 11 ? 0.1753 0.1707 0.3109 -0.0091 -0.0564 0.0278  462 ARG B CG  
537 C CD  . ARG B 11 ? 0.1746 0.1870 0.2907 -0.0335 -0.0507 0.0488  462 ARG B CD  
538 N NE  . ARG B 11 ? 0.1549 0.1564 0.2791 -0.0043 -0.0565 0.0396  462 ARG B NE  
539 C CZ  . ARG B 11 ? 0.1649 0.1444 0.2792 -0.0065 -0.0569 0.0358  462 ARG B CZ  
540 N NH1 . ARG B 11 ? 0.1520 0.1359 0.2785 -0.0043 -0.0584 0.0369  462 ARG B NH1 
541 N NH2 . ARG B 11 ? 0.1619 0.2010 0.2800 0.0025  -0.0639 0.0352  462 ARG B NH2 
542 N N   . LYS B 12 ? 0.2120 0.2068 0.3187 -0.0119 -0.0271 0.0701  463 LYS B N   
543 C CA  A LYS B 12 ? 0.2174 0.2472 0.3811 -0.0121 -0.0226 0.0604  463 LYS B CA  
544 C CA  B LYS B 12 ? 0.2322 0.2574 0.3914 -0.0092 -0.0251 0.0646  463 LYS B CA  
545 C C   . LYS B 12 ? 0.1742 0.2266 0.3761 -0.0213 -0.0327 0.0411  463 LYS B C   
546 O O   . LYS B 12 ? 0.2547 0.2783 0.4495 -0.0377 -0.0672 0.0191  463 LYS B O   
547 C CB  A LYS B 12 ? 0.2655 0.2870 0.4053 0.0015  -0.0110 0.0591  463 LYS B CB  
548 C CB  B LYS B 12 ? 0.2866 0.3076 0.4180 0.0058  -0.0147 0.0647  463 LYS B CB  
549 C CG  A LYS B 12 ? 0.3296 0.3767 0.4833 -0.0355 -0.0351 0.0502  463 LYS B CG  
550 C CG  B LYS B 12 ? 0.4047 0.4447 0.5164 -0.0019 -0.0338 0.0946  463 LYS B CG  
551 C CD  A LYS B 12 ? 0.4224 0.4935 0.5637 -0.0404 -0.0066 0.0514  463 LYS B CD  
552 C CD  B LYS B 12 ? 0.5053 0.5916 0.6589 -0.0319 -0.0609 0.0706  463 LYS B CD  
553 C CE  A LYS B 12 ? 0.4913 0.5615 0.6093 -0.0430 -0.0323 0.0419  463 LYS B CE  
554 C CE  B LYS B 12 ? 0.6029 0.6857 0.7125 -0.0369 -0.0540 0.0527  463 LYS B CE  
555 N NZ  A LYS B 12 ? 0.4951 0.5830 0.6241 -0.0390 -0.0364 0.0602  463 LYS B NZ  
556 N NZ  B LYS B 12 ? 0.6088 0.6912 0.7301 -0.0415 -0.0779 0.0597  463 LYS B NZ  
557 N N   . LYS B 13 ? 0.1548 0.2323 0.3161 -0.0082 -0.0439 0.0234  464 LYS B N   
558 C CA  A LYS B 13 ? 0.1583 0.2312 0.3232 -0.0033 -0.0497 0.0116  464 LYS B CA  
559 C CA  B LYS B 13 ? 0.1721 0.2381 0.3210 0.0036  -0.0463 0.0080  464 LYS B CA  
560 C C   . LYS B 13 ? 0.1676 0.2189 0.3037 0.0016  -0.0588 0.0060  464 LYS B C   
561 O O   . LYS B 13 ? 0.1621 0.2803 0.3036 -0.0116 -0.0510 0.0182  464 LYS B O   
562 C CB  A LYS B 13 ? 0.1507 0.2246 0.3151 -0.0151 -0.0665 0.0042  464 LYS B CB  
563 C CB  B LYS B 13 ? 0.1952 0.2445 0.3362 0.0079  -0.0465 0.0057  464 LYS B CB  
564 C CG  A LYS B 13 ? 0.1959 0.2595 0.3697 -0.0292 -0.0406 -0.0043 464 LYS B CG  
565 C CG  B LYS B 13 ? 0.2168 0.2392 0.3196 -0.0025 -0.0452 0.0185  464 LYS B CG  
566 C CD  A LYS B 13 ? 0.2508 0.2728 0.4365 -0.0145 -0.0311 -0.0211 464 LYS B CD  
567 C CD  B LYS B 13 ? 0.2431 0.2767 0.4426 -0.0052 -0.0204 -0.0199 464 LYS B CD  
568 C CE  A LYS B 13 ? 0.2594 0.2895 0.4585 0.0175  -0.0027 -0.0346 464 LYS B CE  
569 C CE  B LYS B 13 ? 0.2665 0.3180 0.4871 0.0107  -0.0327 -0.0160 464 LYS B CE  
570 N NZ  A LYS B 13 ? 0.2623 0.3778 0.4952 0.0191  0.0541  -0.0893 464 LYS B NZ  
571 N NZ  B LYS B 13 ? 0.2346 0.3137 0.5014 0.0193  -0.0588 -0.0143 464 LYS B NZ  
572 N N   . ARG B 14 ? 0.1737 0.1930 0.3116 0.0218  -0.0654 0.0020  465 ARG B N   
573 C CA  . ARG B 14 ? 0.1916 0.1802 0.3124 0.0242  -0.0600 0.0074  465 ARG B CA  
574 C C   . ARG B 14 ? 0.2154 0.2035 0.3192 0.0294  -0.0630 0.0002  465 ARG B C   
575 O O   . ARG B 14 ? 0.2174 0.1922 0.3428 0.0254  -0.0716 -0.0312 465 ARG B O   
576 C CB  . ARG B 14 ? 0.2296 0.1755 0.3320 0.0228  -0.0652 0.0003  465 ARG B CB  
577 C CG  . ARG B 14 ? 0.2771 0.1991 0.3419 0.0118  -0.0605 0.0337  465 ARG B CG  
578 C CD  . ARG B 14 ? 0.2664 0.1902 0.4071 0.0351  -0.0698 0.0267  465 ARG B CD  
579 N NE  . ARG B 14 ? 0.3347 0.1835 0.3823 0.0562  -0.0112 0.0354  465 ARG B NE  
580 C CZ  . ARG B 14 ? 0.3444 0.1700 0.4195 -0.0009 0.0017  0.0377  465 ARG B CZ  
581 N NH1 . ARG B 14 ? 0.5037 0.1937 0.3625 0.0519  0.0175  -0.0158 465 ARG B NH1 
582 N NH2 . ARG B 14 ? 0.2453 0.1842 0.3457 -0.0044 -0.0193 -0.0118 465 ARG B NH2 
583 N N   . ILE B 15 ? 0.2231 0.1756 0.3212 0.0314  -0.0767 -0.0042 466 ILE B N   
584 C CA  . ILE B 15 ? 0.2607 0.2210 0.3899 0.0358  -0.0913 -0.0045 466 ILE B CA  
585 C C   . ILE B 15 ? 0.2664 0.2411 0.4063 0.0460  -0.1187 0.0049  466 ILE B C   
586 O O   . ILE B 15 ? 0.2710 0.2786 0.4266 0.0205  -0.1270 -0.0157 466 ILE B O   
587 C CB  . ILE B 15 ? 0.2678 0.2097 0.4056 0.0298  -0.0878 0.0119  466 ILE B CB  
588 C CG1 . ILE B 15 ? 0.2791 0.2770 0.4510 0.0047  -0.0629 -0.0005 466 ILE B CG1 
589 C CG2 . ILE B 15 ? 0.3259 0.2184 0.4776 0.0352  -0.1091 0.0157  466 ILE B CG2 
590 C CD1 . ILE B 15 ? 0.3601 0.2612 0.5235 -0.0185 -0.0516 -0.0020 466 ILE B CD1 
591 N N   . SER B 16 ? 0.2751 0.2879 0.4523 0.0288  -0.1240 0.0026  467 SER B N   
592 C CA  . SER B 16 ? 0.3160 0.3151 0.5039 0.0390  -0.1318 0.0097  467 SER B CA  
593 C C   . SER B 16 ? 0.3041 0.2552 0.5073 0.0206  -0.1664 0.0086  467 SER B C   
594 O O   . SER B 16 ? 0.3293 0.2690 0.5033 0.0196  -0.1984 0.0089  467 SER B O   
595 C CB  . SER B 16 ? 0.3394 0.3590 0.5297 0.0355  -0.1196 0.0007  467 SER B CB  
596 O OG  . SER B 16 ? 0.4449 0.4457 0.5865 0.0420  -0.0710 0.0256  467 SER B OG  
597 N N   . NH2 B 17 ? 0.2979 0.2641 0.5251 -0.0163 -0.1629 -0.0020 468 NH2 B N   
598 C C1  . EDO C .  ? 0.5912 0.4720 0.5657 0.0097  -0.0029 -0.0269 1   EDO A C1  
599 O O1  . EDO C .  ? 0.6447 0.4930 0.5850 -0.0400 -0.0164 -0.0192 1   EDO A O1  
600 C C2  . EDO C .  ? 0.5953 0.4843 0.5949 0.0239  -0.0073 -0.0392 1   EDO A C2  
601 O O2  . EDO C .  ? 0.5405 0.3447 0.6216 0.1033  -0.0346 -0.0599 1   EDO A O2  
602 O O   . HOH D .  ? 0.1459 0.1369 0.2024 0.0051  -0.0160 -0.0143 2   HOH A O   
603 O O   . HOH D .  ? 0.1428 0.1632 0.3290 -0.0113 -0.0580 0.0434  3   HOH A O   
604 O O   . HOH D .  ? 0.1721 0.2304 0.3475 -0.0144 -0.0209 -0.0402 4   HOH A O   
605 O O   . HOH D .  ? 0.2231 0.1946 0.3452 -0.0131 -0.0648 -0.0244 5   HOH A O   
606 O O   . HOH D .  ? 0.2140 0.2312 0.3276 0.0434  0.0042  -0.0290 6   HOH A O   
607 O O   . HOH D .  ? 0.2028 0.2243 0.2813 0.0243  -0.0467 0.0437  7   HOH A O   
608 O O   . HOH D .  ? 0.2578 0.2761 0.3631 0.0276  0.0108  -0.0348 9   HOH A O   
609 O O   . HOH D .  ? 0.3297 0.3891 0.3178 -0.0356 -0.0612 0.0702  10  HOH A O   
610 O O   . HOH D .  ? 0.2155 0.2820 0.3564 0.0359  -0.0367 0.0488  12  HOH A O   
611 O O   . HOH D .  ? 0.2156 0.2535 0.2952 -0.0141 -0.0316 0.0049  13  HOH A O   
612 O O   . HOH D .  ? 0.2251 0.2142 0.4031 -0.0110 0.0109  -0.0154 14  HOH A O   
613 O O   . HOH D .  ? 0.3144 0.2475 0.2689 -0.0525 -0.0276 0.0009  15  HOH A O   
614 O O   . HOH D .  ? 0.3216 0.2182 0.3118 0.0457  -0.0329 0.0490  16  HOH A O   
615 O O   . HOH D .  ? 0.3111 0.3384 0.5008 0.1376  -0.0711 -0.1487 17  HOH A O   
616 O O   . HOH D .  ? 0.3803 0.2876 0.2987 -0.0226 0.0404  -0.0103 18  HOH A O   
617 O O   . HOH D .  ? 0.4351 0.2482 0.3498 -0.0242 -0.0161 0.0276  22  HOH A O   
618 O O   . HOH D .  ? 0.4036 0.3771 0.5168 0.1534  0.1700  0.0370  24  HOH A O   
619 O O   . HOH D .  ? 0.4329 0.4810 0.4748 -0.0863 -0.0864 0.0887  25  HOH A O   
620 O O   . HOH D .  ? 0.2667 0.1938 0.6244 -0.0370 0.0316  -0.0372 26  HOH A O   
621 O O   . HOH D .  ? 0.3143 0.5249 0.5368 -0.0044 -0.0843 0.1547  27  HOH A O   
622 O O   . HOH D .  ? 0.5829 0.5341 0.6382 0.0576  -0.2631 -0.0675 32  HOH A O   
623 O O   . HOH D .  ? 0.3552 0.4088 0.4166 -0.0099 -0.0147 -0.0872 34  HOH A O   
624 O O   . HOH D .  ? 0.5047 0.4142 0.3771 0.0628  0.0405  0.0093  35  HOH A O   
625 O O   . HOH D .  ? 0.3530 0.5127 0.5136 0.0478  0.1301  0.1390  37  HOH A O   
626 O O   . HOH D .  ? 0.2679 0.4725 0.5863 -0.0474 -0.1436 0.0920  39  HOH A O   
627 O O   . HOH D .  ? 0.5482 0.4266 0.5905 0.0702  0.2064  0.0102  40  HOH A O   
628 O O   . HOH D .  ? 0.5325 0.3873 0.6268 -0.0990 0.1124  -0.0450 41  HOH A O   
629 O O   . HOH D .  ? 0.8503 0.5528 0.5412 -0.3000 -0.0827 0.1385  43  HOH A O   
630 O O   . HOH D .  ? 0.2974 0.2254 0.2989 -0.0581 0.0103  0.0033  46  HOH A O   
631 O O   . HOH D .  ? 0.4954 0.4674 0.4257 0.0014  0.0472  -0.1339 47  HOH A O   
632 O O   . HOH D .  ? 0.5544 0.3509 0.6617 -0.0188 -0.0702 0.1053  48  HOH A O   
633 O O   . HOH D .  ? 0.6129 0.3054 0.6209 -0.1034 -0.0354 0.0635  49  HOH A O   
634 O O   . HOH D .  ? 0.4708 0.5205 0.6230 -0.1595 0.0712  -0.0868 53  HOH A O   
635 O O   . HOH D .  ? 0.5018 0.3123 0.3496 -0.0315 0.0449  0.0723  54  HOH A O   
636 O O   . HOH D .  ? 0.5983 0.6279 0.5043 0.0577  0.1923  -0.2237 55  HOH A O   
637 O O   . HOH D .  ? 0.3757 0.3442 0.5067 -0.0481 -0.0099 0.0078  57  HOH A O   
638 O O   . HOH D .  ? 0.4107 0.3606 0.5211 -0.1035 -0.1678 0.1636  58  HOH A O   
639 O O   . HOH D .  ? 0.4292 0.5855 0.4574 -0.0354 0.0477  0.0759  59  HOH A O   
640 O O   . HOH D .  ? 0.5561 1.0611 0.8070 -0.0885 -0.0264 0.4638  60  HOH A O   
641 O O   . HOH D .  ? 0.5380 0.6819 0.7343 0.0881  -0.0375 0.2745  61  HOH A O   
642 O O   . HOH D .  ? 0.4221 0.6306 0.6781 -0.0945 0.0094  -0.2199 62  HOH A O   
643 O O   . HOH D .  ? 0.2614 0.2964 0.6814 0.0526  -0.1807 -0.0826 63  HOH A O   
644 O O   . HOH D .  ? 0.2384 0.5046 0.6717 -0.0080 0.0795  0.1158  65  HOH A O   
645 O O   . HOH D .  ? 0.5379 0.6828 0.4001 0.2002  -0.0150 0.1549  66  HOH A O   
646 O O   . HOH D .  ? 0.1789 0.1430 0.3188 -0.0246 -0.0414 0.0177  70  HOH A O   
647 O O   . HOH D .  ? 0.6129 0.5904 0.6867 -0.1281 0.3203  -0.0479 72  HOH A O   
648 O O   . HOH D .  ? 0.2713 0.6109 0.8793 0.2015  -0.1090 -0.0731 74  HOH A O   
649 O O   . HOH D .  ? 0.4121 0.3693 0.4993 -0.1006 -0.1200 0.1037  75  HOH A O   
650 O O   . HOH D .  ? 0.3488 0.2708 0.6116 0.0263  -0.0436 0.0842  76  HOH A O   
651 O O   . HOH D .  ? 0.7539 0.7399 0.5093 0.0201  -0.1661 -0.1876 77  HOH A O   
652 O O   . HOH D .  ? 0.5614 0.4190 1.2884 -0.0805 -0.1106 0.0099  80  HOH A O   
653 O O   . HOH D .  ? 0.6984 0.4242 0.5492 -0.0338 -0.1815 -0.0133 83  HOH A O   
654 O O   . HOH D .  ? 0.3470 0.5463 0.2849 0.0015  0.0322  0.1329  84  HOH A O   
655 O O   . HOH D .  ? 0.5703 0.4810 0.5099 0.0298  0.1288  0.1487  85  HOH A O   
656 O O   . HOH D .  ? 0.3617 0.4379 0.4842 0.1887  -0.0622 -0.0206 86  HOH A O   
657 O O   . HOH D .  ? 0.7595 0.3408 1.0580 0.2682  -0.0941 -0.2828 87  HOH A O   
658 O O   . HOH D .  ? 1.3024 0.6190 1.6375 0.1441  -0.2924 0.2387  88  HOH A O   
659 O O   . HOH D .  ? 0.5139 0.7208 0.8227 -0.1238 -0.1888 0.3173  89  HOH A O   
660 O O   . HOH D .  ? 0.8609 0.2844 0.7284 0.0784  0.1716  0.0316  90  HOH A O   
661 O O   . HOH D .  ? 0.3644 0.3585 0.5394 0.0031  0.0000  -0.0802 91  HOH A O   
662 O O   . HOH D .  ? 0.5067 0.3348 0.5745 0.1163  -0.1784 -0.0359 92  HOH A O   
663 O O   . HOH D .  ? 0.5751 0.5621 0.3862 0.1822  0.2185  0.0693  93  HOH A O   
664 O O   . HOH D .  ? 1.1444 2.2054 1.6094 -0.8400 0.6374  -1.2353 94  HOH A O   
665 O O   . HOH D .  ? 0.3746 0.5018 0.6857 0.0427  -0.0243 0.3070  96  HOH A O   
666 O O   . HOH D .  ? 0.4803 0.6321 0.4764 0.0631  -0.1126 0.1237  97  HOH A O   
667 O O   . HOH D .  ? 0.3388 0.1904 0.4715 -0.0383 -0.1141 -0.0375 98  HOH A O   
668 O O   . HOH D .  ? 0.8113 0.9046 0.4824 -0.2521 0.0517  0.0755  99  HOH A O   
669 O O   . HOH D .  ? 0.9330 0.7109 0.5445 0.2661  -0.2933 -0.0708 100 HOH A O   
670 O O   . HOH E .  ? 0.1571 0.1737 0.3398 0.0019  -0.0745 0.0564  1   HOH B O   
671 O O   . HOH E .  ? 0.2448 0.3147 0.3446 -0.0253 -0.0956 -0.0312 8   HOH B O   
672 O O   . HOH E .  ? 0.3118 0.2416 0.3333 -0.0359 0.0051  0.0530  11  HOH B O   
673 O O   . HOH E .  ? 0.4585 0.4373 0.3124 0.0194  -0.0637 0.0548  19  HOH B O   
674 O O   . HOH E .  ? 0.4500 0.3126 0.3652 -0.0434 -0.0895 0.0547  21  HOH B O   
675 O O   . HOH E .  ? 0.5875 0.2268 0.4619 0.0193  -0.1151 0.0067  23  HOH B O   
676 O O   . HOH E .  ? 0.5231 0.5233 0.5309 0.2015  -0.0759 0.0597  28  HOH B O   
677 O O   . HOH E .  ? 0.3752 0.5718 0.5785 -0.0490 0.1689  0.0830  30  HOH B O   
678 O O   . HOH E .  ? 0.3257 0.5936 0.3995 0.1479  -0.0545 -0.1258 36  HOH B O   
679 O O   . HOH E .  ? 0.3046 0.5851 0.5136 0.0528  -0.1008 0.0030  38  HOH B O   
680 O O   . HOH E .  ? 0.3689 0.5363 0.4456 -0.1237 -0.0349 0.1324  42  HOH B O   
681 O O   . HOH E .  ? 0.3886 0.6274 0.5255 -0.0836 0.0899  0.0416  45  HOH B O   
682 O O   . HOH E .  ? 0.4728 0.4961 0.6245 -0.1531 -0.1237 -0.0409 51  HOH B O   
683 O O   . HOH E .  ? 0.4073 0.2785 0.2944 -0.0059 -0.0407 0.0797  68  HOH B O   
684 O O   . HOH E .  ? 0.2974 0.3096 0.3334 -0.0237 0.0214  0.0458  69  HOH B O   
685 O O   . HOH E .  ? 0.2060 0.1827 0.3267 -0.0137 -0.0353 -0.0084 71  HOH B O   
686 O O   . HOH E .  ? 0.9227 0.4843 1.4963 0.0993  -0.2617 -0.1066 78  HOH B O   
687 O O   . HOH E .  ? 1.4123 1.4352 0.5551 -0.4355 -0.0914 0.0385  95  HOH B O   
# 
